data_2K9X
#
_entry.id   2K9X
#
_entity_poly.entity_id   1
_entity_poly.type   'polypeptide(L)'
_entity_poly.pdbx_seq_one_letter_code
;MSNHNHITVQFAGGCELLFAKQTSLQLDGVVPTGTNLNGLVQLLKTNYVKERPDLLVDQTGQTLRPGILVLVNSCDAEVV
GGMDYVLNDGDTVEFISTLHGGLEHHHHHH
;
_entity_poly.pdbx_strand_id   A
#
# COMPACT_ATOMS: atom_id res chain seq x y z
N MET A 1 3.70 18.46 17.97
CA MET A 1 3.03 17.42 18.81
C MET A 1 3.72 16.07 18.67
N SER A 2 3.60 15.45 17.48
CA SER A 2 4.23 14.16 17.22
C SER A 2 4.27 13.86 15.72
N ASN A 3 4.61 14.88 14.93
CA ASN A 3 4.69 14.74 13.48
C ASN A 3 6.10 14.28 13.06
N HIS A 4 6.41 13.02 13.37
CA HIS A 4 7.71 12.45 13.03
C HIS A 4 7.57 11.45 11.88
N ASN A 5 7.83 11.92 10.67
CA ASN A 5 7.74 11.09 9.47
C ASN A 5 6.30 10.63 9.23
N HIS A 6 5.90 9.53 9.87
CA HIS A 6 4.54 8.99 9.73
C HIS A 6 4.29 8.44 8.32
N ILE A 7 3.58 7.32 8.25
CA ILE A 7 3.27 6.70 6.97
C ILE A 7 1.82 6.96 6.58
N THR A 8 1.57 7.16 5.29
CA THR A 8 0.22 7.43 4.81
C THR A 8 -0.32 6.27 3.97
N VAL A 9 -1.04 5.36 4.63
CA VAL A 9 -1.64 4.21 3.95
C VAL A 9 -3.16 4.30 3.99
N GLN A 10 -3.74 4.70 2.87
CA GLN A 10 -5.20 4.87 2.78
C GLN A 10 -5.78 4.11 1.57
N PHE A 11 -7.11 4.12 1.47
CA PHE A 11 -7.81 3.46 0.37
C PHE A 11 -8.80 4.40 -0.31
N ALA A 12 -9.32 3.98 -1.46
CA ALA A 12 -10.27 4.79 -2.22
C ALA A 12 -11.16 3.91 -3.11
N GLY A 13 -12.46 4.21 -3.12
CA GLY A 13 -13.40 3.44 -3.93
C GLY A 13 -13.92 2.23 -3.20
N GLY A 14 -13.45 1.04 -3.60
CA GLY A 14 -13.87 -0.20 -2.96
C GLY A 14 -12.72 -1.00 -2.39
N CYS A 15 -11.67 -0.30 -1.94
CA CYS A 15 -10.49 -0.97 -1.38
C CYS A 15 -10.41 -0.81 0.15
N GLU A 16 -11.16 0.14 0.70
CA GLU A 16 -11.17 0.38 2.15
C GLU A 16 -11.60 -0.88 2.90
N LEU A 17 -12.45 -1.70 2.28
CA LEU A 17 -12.92 -2.93 2.89
C LEU A 17 -11.82 -3.99 2.97
N LEU A 18 -10.66 -3.74 2.35
CA LEU A 18 -9.55 -4.69 2.36
C LEU A 18 -8.71 -4.56 3.64
N PHE A 19 -9.20 -3.83 4.63
CA PHE A 19 -8.48 -3.64 5.90
C PHE A 19 -9.46 -3.52 7.04
N ALA A 20 -10.29 -2.47 7.00
CA ALA A 20 -11.29 -2.24 8.04
C ALA A 20 -12.15 -1.03 7.71
N LYS A 21 -12.45 -0.84 6.41
CA LYS A 21 -13.26 0.28 5.94
C LYS A 21 -12.72 1.60 6.50
N GLN A 22 -11.40 1.69 6.63
CA GLN A 22 -10.75 2.89 7.15
C GLN A 22 -10.42 3.87 6.03
N THR A 23 -10.50 5.16 6.34
CA THR A 23 -10.21 6.20 5.36
C THR A 23 -8.70 6.34 5.14
N SER A 24 -7.91 6.09 6.19
CA SER A 24 -6.45 6.18 6.10
C SER A 24 -5.79 5.65 7.36
N LEU A 25 -4.52 5.26 7.26
CA LEU A 25 -3.78 4.73 8.40
C LEU A 25 -2.37 5.30 8.48
N GLN A 26 -1.80 5.34 9.69
CA GLN A 26 -0.46 5.86 9.90
C GLN A 26 0.36 4.91 10.77
N LEU A 27 1.55 4.56 10.28
CA LEU A 27 2.45 3.65 11.00
C LEU A 27 3.66 4.42 11.54
N ASP A 28 4.04 4.12 12.78
CA ASP A 28 5.18 4.76 13.42
C ASP A 28 6.35 3.80 13.55
N GLY A 29 7.43 4.08 12.82
CA GLY A 29 8.60 3.24 12.86
C GLY A 29 9.81 3.96 13.45
N VAL A 30 11.00 3.46 13.13
CA VAL A 30 12.25 4.06 13.62
C VAL A 30 13.33 4.04 12.55
N VAL A 31 13.52 2.89 11.91
CA VAL A 31 14.54 2.73 10.86
C VAL A 31 14.05 1.76 9.78
N PRO A 32 13.11 2.19 8.92
CA PRO A 32 12.57 1.37 7.84
C PRO A 32 13.44 1.36 6.58
N THR A 33 14.71 1.77 6.72
CA THR A 33 15.64 1.80 5.60
C THR A 33 15.78 0.42 4.97
N GLY A 34 15.67 -0.62 5.79
CA GLY A 34 15.78 -1.99 5.30
C GLY A 34 14.43 -2.58 4.91
N THR A 35 13.47 -1.73 4.57
CA THR A 35 12.13 -2.18 4.18
C THR A 35 11.76 -1.64 2.80
N ASN A 36 10.98 -2.42 2.06
CA ASN A 36 10.55 -2.03 0.72
C ASN A 36 9.04 -2.15 0.56
N LEU A 37 8.53 -1.85 -0.64
CA LEU A 37 7.09 -1.91 -0.92
C LEU A 37 6.51 -3.30 -0.65
N ASN A 38 7.19 -4.34 -1.13
CA ASN A 38 6.71 -5.71 -0.91
C ASN A 38 6.56 -5.99 0.57
N GLY A 39 7.44 -5.39 1.38
CA GLY A 39 7.38 -5.56 2.82
C GLY A 39 6.29 -4.69 3.45
N LEU A 40 6.02 -3.54 2.82
CA LEU A 40 4.99 -2.62 3.33
C LEU A 40 3.58 -3.19 3.13
N VAL A 41 3.32 -3.69 1.91
CA VAL A 41 2.00 -4.26 1.59
C VAL A 41 1.72 -5.48 2.46
N GLN A 42 2.64 -6.43 2.47
CA GLN A 42 2.50 -7.65 3.27
C GLN A 42 2.22 -7.30 4.74
N LEU A 43 2.79 -6.18 5.22
CA LEU A 43 2.59 -5.75 6.60
C LEU A 43 1.16 -5.24 6.82
N LEU A 44 0.51 -4.78 5.74
CA LEU A 44 -0.85 -4.27 5.85
C LEU A 44 -1.89 -5.35 5.52
N LYS A 45 -1.65 -6.15 4.49
CA LYS A 45 -2.58 -7.19 4.09
C LYS A 45 -2.27 -8.53 4.76
N THR A 46 -1.08 -9.09 4.51
CA THR A 46 -0.71 -10.36 5.11
C THR A 46 -0.84 -10.32 6.63
N ASN A 47 -0.69 -9.13 7.21
CA ASN A 47 -0.80 -8.95 8.66
C ASN A 47 -2.27 -8.83 9.10
N TYR A 48 -3.12 -8.36 8.20
CA TYR A 48 -4.55 -8.20 8.51
C TYR A 48 -5.43 -8.70 7.36
N VAL A 49 -5.51 -7.93 6.27
CA VAL A 49 -6.32 -8.26 5.08
C VAL A 49 -7.68 -8.88 5.46
N LYS A 50 -8.67 -8.00 5.63
CA LYS A 50 -10.01 -8.44 5.97
C LYS A 50 -10.65 -9.25 4.84
N GLU A 51 -10.66 -8.67 3.64
CA GLU A 51 -11.24 -9.35 2.48
C GLU A 51 -10.28 -10.43 1.95
N ARG A 52 -10.70 -11.11 0.88
CA ARG A 52 -9.87 -12.16 0.28
C ARG A 52 -8.49 -11.65 -0.07
N PRO A 53 -7.43 -12.14 0.60
CA PRO A 53 -6.05 -11.72 0.32
C PRO A 53 -5.62 -12.01 -1.11
N ASP A 54 -6.27 -12.98 -1.75
CA ASP A 54 -5.96 -13.36 -3.12
C ASP A 54 -6.78 -12.55 -4.14
N LEU A 55 -7.56 -11.57 -3.67
CA LEU A 55 -8.37 -10.75 -4.57
C LEU A 55 -7.64 -9.48 -4.98
N LEU A 56 -6.64 -9.07 -4.19
CA LEU A 56 -5.88 -7.86 -4.49
C LEU A 56 -4.55 -8.19 -5.14
N VAL A 57 -3.83 -9.17 -4.59
CA VAL A 57 -2.53 -9.56 -5.13
C VAL A 57 -2.60 -9.89 -6.62
N ASP A 58 -1.50 -9.65 -7.30
CA ASP A 58 -1.41 -9.91 -8.74
C ASP A 58 -1.50 -11.41 -9.02
N GLN A 59 -0.62 -12.19 -8.38
CA GLN A 59 -0.60 -13.64 -8.54
C GLN A 59 0.43 -14.29 -7.63
N THR A 60 1.62 -13.69 -7.53
CA THR A 60 2.69 -14.22 -6.70
C THR A 60 2.59 -13.70 -5.26
N GLY A 61 1.47 -13.05 -4.91
CA GLY A 61 1.30 -12.53 -3.57
C GLY A 61 2.38 -11.53 -3.19
N GLN A 62 3.00 -10.93 -4.20
CA GLN A 62 4.06 -9.94 -4.00
C GLN A 62 3.59 -8.55 -4.38
N THR A 63 2.84 -8.48 -5.47
CA THR A 63 2.30 -7.20 -5.95
C THR A 63 0.78 -7.27 -6.02
N LEU A 64 0.14 -6.20 -6.47
CA LEU A 64 -1.31 -6.15 -6.59
C LEU A 64 -1.75 -6.17 -8.04
N ARG A 65 -2.97 -6.63 -8.28
CA ARG A 65 -3.53 -6.71 -9.64
C ARG A 65 -3.61 -5.32 -10.28
N PRO A 66 -3.47 -5.26 -11.63
CA PRO A 66 -3.52 -4.00 -12.40
C PRO A 66 -4.74 -3.16 -12.06
N GLY A 67 -5.86 -3.82 -11.73
CA GLY A 67 -7.09 -3.12 -11.40
C GLY A 67 -6.88 -1.99 -10.40
N ILE A 68 -5.96 -2.19 -9.45
CA ILE A 68 -5.67 -1.17 -8.44
C ILE A 68 -4.51 -0.29 -8.88
N LEU A 69 -4.64 1.02 -8.65
CA LEU A 69 -3.60 1.98 -9.01
C LEU A 69 -2.81 2.42 -7.78
N VAL A 70 -1.57 1.93 -7.69
CA VAL A 70 -0.70 2.28 -6.56
C VAL A 70 0.03 3.60 -6.83
N LEU A 71 0.03 4.48 -5.83
CA LEU A 71 0.69 5.78 -5.95
C LEU A 71 1.52 6.10 -4.71
N VAL A 72 2.69 6.71 -4.94
CA VAL A 72 3.59 7.10 -3.85
C VAL A 72 3.80 8.60 -3.84
N ASN A 73 3.47 9.24 -2.72
CA ASN A 73 3.62 10.69 -2.57
C ASN A 73 2.79 11.44 -3.62
N SER A 74 1.54 11.01 -3.80
CA SER A 74 0.64 11.62 -4.77
C SER A 74 1.21 11.53 -6.19
N CYS A 75 1.81 10.39 -6.51
CA CYS A 75 2.39 10.17 -7.83
C CYS A 75 2.42 8.68 -8.16
N ASP A 76 2.40 8.35 -9.46
CA ASP A 76 2.43 6.96 -9.91
C ASP A 76 3.50 6.15 -9.18
N ALA A 77 3.08 5.08 -8.49
CA ALA A 77 4.00 4.23 -7.76
C ALA A 77 4.69 3.21 -8.68
N GLU A 78 4.11 2.98 -9.86
CA GLU A 78 4.68 2.02 -10.81
C GLU A 78 5.86 2.64 -11.54
N VAL A 79 5.84 3.97 -11.72
CA VAL A 79 6.92 4.67 -12.40
C VAL A 79 8.22 4.57 -11.61
N VAL A 80 8.16 4.90 -10.32
CA VAL A 80 9.35 4.84 -9.45
C VAL A 80 9.90 3.42 -9.35
N GLY A 81 9.01 2.43 -9.35
CA GLY A 81 9.43 1.05 -9.26
C GLY A 81 8.26 0.08 -9.34
N GLY A 82 7.17 0.37 -8.62
CA GLY A 82 6.01 -0.50 -8.64
C GLY A 82 6.01 -1.48 -7.47
N MET A 83 7.13 -2.19 -7.31
CA MET A 83 7.27 -3.16 -6.24
C MET A 83 8.69 -3.15 -5.66
N ASP A 84 9.39 -2.03 -5.82
CA ASP A 84 10.76 -1.90 -5.32
C ASP A 84 11.04 -0.52 -4.71
N TYR A 85 9.98 0.13 -4.22
CA TYR A 85 10.13 1.45 -3.60
C TYR A 85 10.52 1.33 -2.13
N VAL A 86 11.81 1.47 -1.86
CA VAL A 86 12.34 1.37 -0.50
C VAL A 86 11.75 2.45 0.41
N LEU A 87 11.46 2.09 1.66
CA LEU A 87 10.90 3.02 2.63
C LEU A 87 11.99 3.63 3.51
N ASN A 88 11.68 4.76 4.14
CA ASN A 88 12.62 5.45 5.02
C ASN A 88 11.90 6.37 6.00
N ASP A 89 10.68 6.00 6.39
CA ASP A 89 9.88 6.79 7.33
C ASP A 89 9.41 8.09 6.69
N GLY A 90 8.09 8.26 6.61
CA GLY A 90 7.52 9.46 6.01
C GLY A 90 7.10 9.22 4.57
N ASP A 91 6.65 7.99 4.28
CA ASP A 91 6.23 7.62 2.94
C ASP A 91 4.71 7.60 2.82
N THR A 92 4.23 7.52 1.58
CA THR A 92 2.79 7.51 1.30
C THR A 92 2.46 6.47 0.24
N VAL A 93 1.42 5.68 0.49
CA VAL A 93 0.99 4.65 -0.46
C VAL A 93 -0.54 4.55 -0.50
N GLU A 94 -1.09 4.45 -1.71
CA GLU A 94 -2.54 4.36 -1.88
C GLU A 94 -2.93 3.20 -2.79
N PHE A 95 -4.13 2.64 -2.55
CA PHE A 95 -4.64 1.53 -3.34
C PHE A 95 -6.07 1.83 -3.79
N ILE A 96 -6.22 2.18 -5.07
CA ILE A 96 -7.54 2.49 -5.63
C ILE A 96 -7.90 1.53 -6.75
N SER A 97 -8.95 0.74 -6.55
CA SER A 97 -9.39 -0.22 -7.55
C SER A 97 -10.25 0.44 -8.63
N THR A 98 -10.05 0.02 -9.86
CA THR A 98 -10.80 0.56 -11.00
C THR A 98 -11.33 -0.56 -11.89
N LEU A 99 -10.47 -1.50 -12.26
CA LEU A 99 -10.86 -2.63 -13.11
C LEU A 99 -11.58 -3.69 -12.28
N HIS A 100 -12.91 -3.68 -12.35
CA HIS A 100 -13.74 -4.63 -11.60
C HIS A 100 -13.63 -6.03 -12.20
N GLY A 101 -14.04 -6.16 -13.47
CA GLY A 101 -13.98 -7.45 -14.15
C GLY A 101 -15.06 -8.41 -13.66
N GLY A 102 -14.62 -9.49 -13.01
CA GLY A 102 -15.56 -10.49 -12.50
C GLY A 102 -15.07 -11.14 -11.23
N MET A 1 11.70 19.11 11.87
CA MET A 1 12.51 19.77 12.92
C MET A 1 13.54 18.81 13.52
N SER A 2 13.06 17.84 14.29
CA SER A 2 13.95 16.85 14.91
C SER A 2 13.60 15.44 14.44
N ASN A 3 12.38 14.99 14.74
CA ASN A 3 11.93 13.65 14.35
C ASN A 3 10.51 13.69 13.80
N HIS A 4 10.27 12.91 12.75
CA HIS A 4 8.95 12.85 12.12
C HIS A 4 8.79 11.54 11.34
N ASN A 5 8.44 10.47 12.05
CA ASN A 5 8.25 9.16 11.42
C ASN A 5 6.78 8.76 11.39
N HIS A 6 6.32 8.34 10.22
CA HIS A 6 4.93 7.93 10.04
C HIS A 6 4.65 7.51 8.59
N ILE A 7 3.67 6.63 8.41
CA ILE A 7 3.30 6.15 7.07
C ILE A 7 1.89 6.59 6.70
N THR A 8 1.64 6.73 5.40
CA THR A 8 0.33 7.16 4.92
C THR A 8 -0.34 6.06 4.09
N VAL A 9 -1.28 5.35 4.71
CA VAL A 9 -2.00 4.26 4.04
C VAL A 9 -3.50 4.53 4.00
N GLN A 10 -4.01 4.85 2.80
CA GLN A 10 -5.44 5.12 2.65
C GLN A 10 -6.03 4.35 1.46
N PHE A 11 -7.35 4.14 1.51
CA PHE A 11 -8.06 3.41 0.45
C PHE A 11 -9.04 4.33 -0.28
N ALA A 12 -9.19 4.10 -1.58
CA ALA A 12 -10.10 4.91 -2.40
C ALA A 12 -10.70 4.11 -3.55
N GLY A 13 -11.90 4.50 -3.97
CA GLY A 13 -12.57 3.81 -5.07
C GLY A 13 -13.22 2.52 -4.63
N GLY A 14 -12.43 1.44 -4.66
CA GLY A 14 -12.94 0.13 -4.25
C GLY A 14 -11.90 -0.69 -3.50
N CYS A 15 -10.97 -0.01 -2.84
CA CYS A 15 -9.91 -0.70 -2.09
C CYS A 15 -10.08 -0.54 -0.58
N GLU A 16 -11.18 0.09 -0.16
CA GLU A 16 -11.46 0.30 1.26
C GLU A 16 -12.30 -0.84 1.84
N LEU A 17 -13.13 -1.46 0.99
CA LEU A 17 -13.99 -2.56 1.40
C LEU A 17 -13.19 -3.81 1.79
N LEU A 18 -11.91 -3.86 1.40
CA LEU A 18 -11.05 -5.01 1.72
C LEU A 18 -10.45 -4.91 3.14
N PHE A 19 -10.96 -3.99 3.95
CA PHE A 19 -10.49 -3.82 5.31
C PHE A 19 -11.66 -3.48 6.24
N ALA A 20 -12.25 -2.31 6.02
CA ALA A 20 -13.38 -1.86 6.82
C ALA A 20 -13.94 -0.53 6.31
N LYS A 21 -13.92 -0.35 4.98
CA LYS A 21 -14.40 0.88 4.36
C LYS A 21 -13.79 2.11 5.04
N GLN A 22 -12.52 1.97 5.47
CA GLN A 22 -11.81 3.06 6.14
C GLN A 22 -11.35 4.11 5.13
N THR A 23 -10.70 5.15 5.62
CA THR A 23 -10.21 6.22 4.76
C THR A 23 -8.68 6.23 4.70
N SER A 24 -8.04 6.69 5.77
CA SER A 24 -6.58 6.75 5.83
C SER A 24 -6.07 6.26 7.19
N LEU A 25 -4.81 5.81 7.21
CA LEU A 25 -4.20 5.31 8.43
C LEU A 25 -2.68 5.54 8.45
N GLN A 26 -2.08 5.38 9.62
CA GLN A 26 -0.63 5.57 9.78
C GLN A 26 0.00 4.34 10.41
N LEU A 27 1.24 4.05 10.02
CA LEU A 27 1.97 2.89 10.54
C LEU A 27 3.35 3.30 11.04
N ASP A 28 3.79 2.68 12.14
CA ASP A 28 5.10 2.97 12.72
C ASP A 28 6.10 1.88 12.37
N GLY A 29 7.08 2.24 11.53
CA GLY A 29 8.10 1.28 11.13
C GLY A 29 9.38 1.38 11.94
N VAL A 30 9.74 2.60 12.34
CA VAL A 30 10.96 2.85 13.12
C VAL A 30 12.21 2.70 12.26
N VAL A 31 12.44 1.49 11.75
CA VAL A 31 13.60 1.22 10.91
C VAL A 31 13.18 0.53 9.61
N PRO A 32 12.28 1.16 8.83
CA PRO A 32 11.79 0.62 7.56
C PRO A 32 12.76 0.85 6.40
N THR A 33 13.95 1.37 6.69
CA THR A 33 14.95 1.65 5.66
C THR A 33 15.23 0.40 4.82
N GLY A 34 15.41 -0.74 5.48
CA GLY A 34 15.68 -1.98 4.77
C GLY A 34 14.41 -2.72 4.37
N THR A 35 13.47 -2.00 3.76
CA THR A 35 12.20 -2.59 3.33
C THR A 35 11.64 -1.88 2.10
N ASN A 36 11.11 -2.65 1.16
CA ASN A 36 10.54 -2.10 -0.07
C ASN A 36 9.03 -2.29 -0.09
N LEU A 37 8.39 -1.92 -1.21
CA LEU A 37 6.94 -2.05 -1.35
C LEU A 37 6.51 -3.50 -1.18
N ASN A 38 7.25 -4.43 -1.78
CA ASN A 38 6.95 -5.86 -1.67
C ASN A 38 6.89 -6.26 -0.20
N GLY A 39 7.78 -5.67 0.60
CA GLY A 39 7.81 -5.95 2.02
C GLY A 39 6.72 -5.22 2.77
N LEU A 40 6.36 -4.03 2.29
CA LEU A 40 5.31 -3.24 2.93
C LEU A 40 3.98 -3.97 2.87
N VAL A 41 3.62 -4.45 1.69
CA VAL A 41 2.36 -5.18 1.50
C VAL A 41 2.35 -6.46 2.35
N GLN A 42 3.34 -7.32 2.15
CA GLN A 42 3.43 -8.57 2.91
C GLN A 42 3.45 -8.29 4.42
N LEU A 43 3.95 -7.12 4.81
CA LEU A 43 4.02 -6.73 6.21
C LEU A 43 2.70 -6.11 6.70
N LEU A 44 1.88 -5.60 5.77
CA LEU A 44 0.61 -4.97 6.16
C LEU A 44 -0.55 -5.97 6.10
N LYS A 45 -0.58 -6.82 5.06
CA LYS A 45 -1.65 -7.80 4.91
C LYS A 45 -1.52 -8.90 5.97
N THR A 46 -0.38 -9.57 6.01
CA THR A 46 -0.14 -10.62 6.98
C THR A 46 -0.22 -10.07 8.41
N ASN A 47 -0.08 -8.75 8.55
CA ASN A 47 -0.15 -8.10 9.86
C ASN A 47 -1.57 -8.18 10.42
N TYR A 48 -2.57 -7.91 9.58
CA TYR A 48 -3.97 -7.95 10.02
C TYR A 48 -4.90 -8.43 8.90
N VAL A 49 -4.96 -7.65 7.81
CA VAL A 49 -5.81 -7.96 6.65
C VAL A 49 -7.19 -8.44 7.07
N LYS A 50 -8.10 -7.49 7.30
CA LYS A 50 -9.46 -7.80 7.70
C LYS A 50 -10.15 -8.70 6.68
N GLU A 51 -10.05 -8.34 5.40
CA GLU A 51 -10.67 -9.13 4.34
C GLU A 51 -9.67 -10.16 3.80
N ARG A 52 -9.87 -10.61 2.55
CA ARG A 52 -8.99 -11.60 1.94
C ARG A 52 -7.59 -11.04 1.70
N PRO A 53 -6.54 -11.83 1.99
CA PRO A 53 -5.15 -11.40 1.80
C PRO A 53 -4.72 -11.46 0.33
N ASP A 54 -5.31 -12.39 -0.42
CA ASP A 54 -4.98 -12.55 -1.84
C ASP A 54 -5.95 -11.77 -2.74
N LEU A 55 -6.78 -10.91 -2.15
CA LEU A 55 -7.73 -10.13 -2.94
C LEU A 55 -7.05 -8.95 -3.63
N LEU A 56 -5.94 -8.48 -3.06
CA LEU A 56 -5.21 -7.35 -3.64
C LEU A 56 -4.04 -7.83 -4.49
N VAL A 57 -3.21 -8.71 -3.93
CA VAL A 57 -2.06 -9.22 -4.65
C VAL A 57 -2.48 -9.97 -5.91
N ASP A 58 -1.61 -9.93 -6.90
CA ASP A 58 -1.86 -10.60 -8.18
C ASP A 58 -2.00 -12.10 -7.96
N GLN A 59 -0.93 -12.72 -7.47
CA GLN A 59 -0.93 -14.16 -7.20
C GLN A 59 0.32 -14.57 -6.43
N THR A 60 1.47 -14.06 -6.86
CA THR A 60 2.74 -14.38 -6.21
C THR A 60 3.00 -13.48 -4.99
N GLY A 61 1.98 -12.73 -4.56
CA GLY A 61 2.13 -11.85 -3.42
C GLY A 61 3.30 -10.89 -3.57
N GLN A 62 3.64 -10.57 -4.82
CA GLN A 62 4.74 -9.67 -5.12
C GLN A 62 4.22 -8.39 -5.75
N THR A 63 3.30 -8.53 -6.70
CA THR A 63 2.70 -7.40 -7.38
C THR A 63 1.18 -7.44 -7.21
N LEU A 64 0.59 -6.27 -7.00
CA LEU A 64 -0.86 -6.18 -6.82
C LEU A 64 -1.60 -6.55 -8.11
N ARG A 65 -2.83 -7.01 -7.98
CA ARG A 65 -3.65 -7.40 -9.12
C ARG A 65 -4.13 -6.18 -9.90
N PRO A 66 -4.44 -6.35 -11.20
CA PRO A 66 -4.94 -5.26 -12.06
C PRO A 66 -6.16 -4.56 -11.46
N GLY A 67 -6.19 -3.24 -11.60
CA GLY A 67 -7.31 -2.47 -11.07
C GLY A 67 -6.85 -1.42 -10.07
N ILE A 68 -6.01 -1.82 -9.13
CA ILE A 68 -5.49 -0.92 -8.11
C ILE A 68 -4.34 -0.07 -8.67
N LEU A 69 -4.20 1.14 -8.13
CA LEU A 69 -3.14 2.05 -8.56
C LEU A 69 -2.36 2.58 -7.36
N VAL A 70 -1.15 2.04 -7.16
CA VAL A 70 -0.29 2.45 -6.05
C VAL A 70 0.38 3.80 -6.35
N LEU A 71 0.16 4.76 -5.46
CA LEU A 71 0.73 6.11 -5.64
C LEU A 71 1.57 6.52 -4.43
N VAL A 72 2.68 7.20 -4.68
CA VAL A 72 3.56 7.67 -3.62
C VAL A 72 3.49 9.19 -3.50
N ASN A 73 2.84 9.66 -2.43
CA ASN A 73 2.68 11.10 -2.19
C ASN A 73 1.95 11.77 -3.34
N SER A 74 0.76 11.26 -3.65
CA SER A 74 -0.06 11.81 -4.74
C SER A 74 0.70 11.78 -6.07
N CYS A 75 1.28 10.62 -6.40
CA CYS A 75 2.02 10.46 -7.64
C CYS A 75 2.21 8.99 -7.98
N ASP A 76 2.15 8.65 -9.26
CA ASP A 76 2.31 7.27 -9.71
C ASP A 76 3.61 6.66 -9.18
N ALA A 77 3.47 5.55 -8.45
CA ALA A 77 4.64 4.87 -7.88
C ALA A 77 5.42 4.08 -8.94
N GLU A 78 4.76 3.78 -10.06
CA GLU A 78 5.39 3.03 -11.14
C GLU A 78 6.43 3.88 -11.86
N VAL A 79 6.26 5.21 -11.80
CA VAL A 79 7.19 6.12 -12.45
C VAL A 79 8.62 5.88 -11.96
N VAL A 80 8.77 5.48 -10.70
CA VAL A 80 10.07 5.21 -10.11
C VAL A 80 10.33 3.72 -9.96
N GLY A 81 9.30 2.96 -9.58
CA GLY A 81 9.45 1.53 -9.40
C GLY A 81 8.15 0.77 -9.57
N GLY A 82 7.14 1.14 -8.77
CA GLY A 82 5.85 0.47 -8.85
C GLY A 82 5.68 -0.57 -7.77
N MET A 83 6.63 -1.49 -7.66
CA MET A 83 6.59 -2.54 -6.65
C MET A 83 7.96 -2.75 -6.00
N ASP A 84 8.81 -1.71 -6.02
CA ASP A 84 10.13 -1.79 -5.43
C ASP A 84 10.54 -0.47 -4.76
N TYR A 85 9.55 0.31 -4.32
CA TYR A 85 9.81 1.59 -3.67
C TYR A 85 10.26 1.38 -2.22
N VAL A 86 11.49 1.80 -1.92
CA VAL A 86 12.05 1.67 -0.59
C VAL A 86 11.46 2.70 0.38
N LEU A 87 11.10 2.24 1.58
CA LEU A 87 10.52 3.13 2.59
C LEU A 87 11.59 3.83 3.41
N ASN A 88 11.20 4.91 4.09
CA ASN A 88 12.13 5.69 4.91
C ASN A 88 11.44 6.27 6.15
N ASP A 89 10.46 5.52 6.68
CA ASP A 89 9.71 5.95 7.87
C ASP A 89 8.97 7.26 7.61
N GLY A 90 8.63 7.51 6.34
CA GLY A 90 7.92 8.73 5.99
C GLY A 90 7.42 8.69 4.56
N ASP A 91 6.94 7.53 4.13
CA ASP A 91 6.43 7.36 2.78
C ASP A 91 4.90 7.35 2.75
N THR A 92 4.34 7.47 1.55
CA THR A 92 2.90 7.48 1.36
C THR A 92 2.49 6.46 0.30
N VAL A 93 1.43 5.72 0.58
CA VAL A 93 0.93 4.71 -0.35
C VAL A 93 -0.60 4.67 -0.36
N GLU A 94 -1.18 4.63 -1.56
CA GLU A 94 -2.64 4.60 -1.71
C GLU A 94 -3.07 3.53 -2.69
N PHE A 95 -4.15 2.83 -2.37
CA PHE A 95 -4.68 1.77 -3.22
C PHE A 95 -6.02 2.20 -3.82
N ILE A 96 -6.00 2.55 -5.11
CA ILE A 96 -7.21 2.98 -5.81
C ILE A 96 -7.67 1.93 -6.83
N SER A 97 -8.67 1.14 -6.46
CA SER A 97 -9.20 0.11 -7.35
C SER A 97 -10.22 0.69 -8.31
N THR A 98 -9.86 0.74 -9.60
CA THR A 98 -10.75 1.27 -10.63
C THR A 98 -11.35 0.14 -11.47
N LEU A 99 -10.48 -0.69 -12.06
CA LEU A 99 -10.92 -1.81 -12.88
C LEU A 99 -11.38 -2.98 -12.01
N HIS A 100 -12.31 -3.77 -12.53
CA HIS A 100 -12.83 -4.94 -11.81
C HIS A 100 -13.16 -6.07 -12.78
N GLY A 101 -12.16 -6.91 -13.05
CA GLY A 101 -12.35 -8.03 -13.97
C GLY A 101 -11.86 -7.73 -15.38
N GLY A 102 -12.12 -6.51 -15.85
CA GLY A 102 -11.69 -6.13 -17.19
C GLY A 102 -12.41 -4.87 -17.69
N MET A 1 15.36 15.68 16.85
CA MET A 1 14.47 15.51 18.03
C MET A 1 13.14 14.86 17.63
N SER A 2 12.48 14.24 18.61
CA SER A 2 11.20 13.56 18.38
C SER A 2 11.36 12.38 17.42
N ASN A 3 10.22 11.81 17.01
CA ASN A 3 10.23 10.67 16.09
C ASN A 3 10.57 11.11 14.67
N HIS A 4 10.03 12.25 14.24
CA HIS A 4 10.28 12.76 12.90
C HIS A 4 9.90 11.73 11.84
N ASN A 5 8.85 10.95 12.13
CA ASN A 5 8.38 9.92 11.22
C ASN A 5 6.86 9.95 11.11
N HIS A 6 6.35 9.63 9.91
CA HIS A 6 4.91 9.60 9.67
C HIS A 6 4.59 9.09 8.27
N ILE A 7 4.10 7.85 8.19
CA ILE A 7 3.74 7.24 6.92
C ILE A 7 2.28 7.52 6.58
N THR A 8 1.94 7.45 5.29
CA THR A 8 0.56 7.69 4.86
C THR A 8 0.01 6.51 4.05
N VAL A 9 -0.67 5.61 4.73
CA VAL A 9 -1.28 4.45 4.07
C VAL A 9 -2.80 4.54 4.14
N GLN A 10 -3.42 4.89 3.02
CA GLN A 10 -4.86 5.05 2.94
C GLN A 10 -5.45 4.32 1.73
N PHE A 11 -6.77 4.17 1.73
CA PHE A 11 -7.48 3.50 0.63
C PHE A 11 -8.58 4.40 0.06
N ALA A 12 -9.04 4.07 -1.14
CA ALA A 12 -10.10 4.84 -1.80
C ALA A 12 -10.54 4.17 -3.11
N GLY A 13 -11.81 3.80 -3.18
CA GLY A 13 -12.33 3.15 -4.37
C GLY A 13 -12.55 1.67 -4.19
N GLY A 14 -13.32 1.31 -3.16
CA GLY A 14 -13.61 -0.09 -2.88
C GLY A 14 -12.38 -0.88 -2.45
N CYS A 15 -11.38 -0.21 -1.88
CA CYS A 15 -10.16 -0.87 -1.42
C CYS A 15 -9.99 -0.76 0.10
N GLU A 16 -11.00 -0.20 0.78
CA GLU A 16 -10.94 -0.03 2.23
C GLU A 16 -11.39 -1.31 2.97
N LEU A 17 -12.18 -2.15 2.30
CA LEU A 17 -12.66 -3.39 2.90
C LEU A 17 -11.54 -4.41 3.10
N LEU A 18 -10.32 -4.09 2.62
CA LEU A 18 -9.19 -5.00 2.75
C LEU A 18 -8.56 -4.96 4.17
N PHE A 19 -9.22 -4.27 5.11
CA PHE A 19 -8.71 -4.16 6.48
C PHE A 19 -9.87 -4.03 7.45
N ALA A 20 -10.62 -2.94 7.33
CA ALA A 20 -11.77 -2.69 8.18
C ALA A 20 -12.51 -1.43 7.74
N LYS A 21 -12.61 -1.25 6.41
CA LYS A 21 -13.29 -0.08 5.85
C LYS A 21 -12.75 1.23 6.43
N GLN A 22 -11.44 1.25 6.70
CA GLN A 22 -10.79 2.43 7.26
C GLN A 22 -10.50 3.46 6.17
N THR A 23 -9.93 4.60 6.57
CA THR A 23 -9.60 5.65 5.61
C THR A 23 -8.08 5.74 5.39
N SER A 24 -7.37 6.30 6.38
CA SER A 24 -5.91 6.44 6.29
C SER A 24 -5.23 5.97 7.56
N LEU A 25 -3.93 5.67 7.47
CA LEU A 25 -3.16 5.22 8.62
C LEU A 25 -1.74 5.80 8.60
N GLN A 26 -1.15 5.94 9.79
CA GLN A 26 0.19 6.49 9.93
C GLN A 26 1.06 5.60 10.81
N LEU A 27 2.18 5.14 10.26
CA LEU A 27 3.10 4.28 11.00
C LEU A 27 4.21 5.12 11.63
N ASP A 28 4.53 4.82 12.88
CA ASP A 28 5.58 5.55 13.60
C ASP A 28 6.74 4.62 13.96
N GLY A 29 7.90 4.90 13.39
CA GLY A 29 9.08 4.09 13.67
C GLY A 29 10.37 4.91 13.64
N VAL A 30 11.27 4.61 14.59
CA VAL A 30 12.55 5.32 14.68
C VAL A 30 13.42 5.05 13.45
N VAL A 31 13.43 3.80 12.99
CA VAL A 31 14.22 3.41 11.82
C VAL A 31 13.48 2.35 11.00
N PRO A 32 12.40 2.75 10.29
CA PRO A 32 11.62 1.84 9.47
C PRO A 32 12.24 1.58 8.09
N THR A 33 13.45 2.12 7.87
CA THR A 33 14.13 1.94 6.59
C THR A 33 14.50 0.48 6.37
N GLY A 34 14.88 0.14 5.13
CA GLY A 34 15.24 -1.23 4.80
C GLY A 34 14.09 -2.00 4.16
N THR A 35 12.86 -1.62 4.52
CA THR A 35 11.67 -2.27 3.98
C THR A 35 11.29 -1.68 2.62
N ASN A 36 10.52 -2.43 1.84
CA ASN A 36 10.08 -1.98 0.51
C ASN A 36 8.57 -2.19 0.33
N LEU A 37 8.05 -1.82 -0.84
CA LEU A 37 6.62 -1.98 -1.13
C LEU A 37 6.14 -3.40 -0.88
N ASN A 38 6.89 -4.38 -1.41
CA ASN A 38 6.54 -5.78 -1.23
C ASN A 38 6.35 -6.10 0.25
N GLY A 39 7.17 -5.48 1.08
CA GLY A 39 7.08 -5.68 2.52
C GLY A 39 5.95 -4.87 3.13
N LEU A 40 5.64 -3.71 2.55
CA LEU A 40 4.57 -2.84 3.05
C LEU A 40 3.22 -3.52 2.86
N VAL A 41 2.94 -3.97 1.64
CA VAL A 41 1.67 -4.63 1.33
C VAL A 41 1.50 -5.89 2.17
N GLN A 42 2.46 -6.81 2.07
CA GLN A 42 2.41 -8.06 2.84
C GLN A 42 2.21 -7.79 4.34
N LEU A 43 2.70 -6.63 4.80
CA LEU A 43 2.58 -6.25 6.21
C LEU A 43 1.16 -5.81 6.56
N LEU A 44 0.41 -5.29 5.58
CA LEU A 44 -0.96 -4.83 5.83
C LEU A 44 -2.00 -5.90 5.45
N LYS A 45 -1.76 -6.62 4.35
CA LYS A 45 -2.71 -7.65 3.92
C LYS A 45 -2.46 -8.97 4.64
N THR A 46 -1.36 -9.65 4.31
CA THR A 46 -1.04 -10.92 4.95
C THR A 46 -1.03 -10.82 6.49
N ASN A 47 -0.82 -9.61 7.01
CA ASN A 47 -0.79 -9.40 8.46
C ASN A 47 -2.09 -8.77 8.99
N TYR A 48 -2.84 -8.08 8.14
CA TYR A 48 -4.08 -7.43 8.56
C TYR A 48 -5.14 -7.39 7.45
N VAL A 49 -5.39 -8.54 6.82
CA VAL A 49 -6.38 -8.62 5.74
C VAL A 49 -7.70 -9.19 6.26
N LYS A 50 -8.77 -8.42 6.08
CA LYS A 50 -10.10 -8.86 6.52
C LYS A 50 -10.92 -9.39 5.35
N GLU A 51 -10.23 -10.01 4.39
CA GLU A 51 -10.88 -10.57 3.21
C GLU A 51 -9.97 -11.62 2.56
N ARG A 52 -10.23 -11.95 1.30
CA ARG A 52 -9.43 -12.93 0.57
C ARG A 52 -8.24 -12.25 -0.12
N PRO A 53 -7.00 -12.50 0.36
CA PRO A 53 -5.79 -11.92 -0.24
C PRO A 53 -5.74 -12.09 -1.76
N ASP A 54 -6.34 -13.17 -2.26
CA ASP A 54 -6.35 -13.44 -3.70
C ASP A 54 -7.16 -12.40 -4.48
N LEU A 55 -8.00 -11.63 -3.79
CA LEU A 55 -8.83 -10.62 -4.45
C LEU A 55 -8.03 -9.34 -4.73
N LEU A 56 -6.87 -9.17 -4.09
CA LEU A 56 -6.06 -7.97 -4.30
C LEU A 56 -4.80 -8.28 -5.10
N VAL A 57 -4.06 -9.32 -4.70
CA VAL A 57 -2.83 -9.70 -5.38
C VAL A 57 -3.08 -9.99 -6.86
N ASP A 58 -2.07 -9.69 -7.68
CA ASP A 58 -2.16 -9.92 -9.11
C ASP A 58 -2.14 -11.41 -9.44
N GLN A 59 -1.04 -12.08 -9.05
CA GLN A 59 -0.91 -13.51 -9.30
C GLN A 59 0.18 -14.12 -8.42
N THR A 60 1.39 -13.57 -8.52
CA THR A 60 2.52 -14.06 -7.72
C THR A 60 2.22 -13.94 -6.23
N GLY A 61 1.28 -13.07 -5.87
CA GLY A 61 0.93 -12.86 -4.48
C GLY A 61 1.82 -11.83 -3.82
N GLN A 62 2.43 -10.98 -4.64
CA GLN A 62 3.32 -9.93 -4.15
C GLN A 62 2.88 -8.55 -4.64
N THR A 63 2.56 -8.47 -5.93
CA THR A 63 2.11 -7.22 -6.53
C THR A 63 0.60 -7.26 -6.71
N LEU A 64 -0.09 -6.21 -6.27
CA LEU A 64 -1.55 -6.14 -6.37
C LEU A 64 -1.98 -6.08 -7.83
N ARG A 65 -3.22 -6.53 -8.08
CA ARG A 65 -3.78 -6.53 -9.44
C ARG A 65 -3.68 -5.14 -10.09
N PRO A 66 -3.42 -5.10 -11.41
CA PRO A 66 -3.30 -3.83 -12.17
C PRO A 66 -4.48 -2.90 -11.95
N GLY A 67 -5.67 -3.48 -11.76
CA GLY A 67 -6.87 -2.69 -11.54
C GLY A 67 -6.69 -1.63 -10.46
N ILE A 68 -5.91 -1.95 -9.43
CA ILE A 68 -5.66 -0.99 -8.35
C ILE A 68 -4.55 -0.01 -8.72
N LEU A 69 -4.91 1.26 -8.85
CA LEU A 69 -3.94 2.29 -9.20
C LEU A 69 -3.19 2.74 -7.96
N VAL A 70 -2.00 2.18 -7.75
CA VAL A 70 -1.19 2.52 -6.59
C VAL A 70 -0.34 3.76 -6.86
N LEU A 71 -0.29 4.66 -5.89
CA LEU A 71 0.48 5.90 -6.01
C LEU A 71 1.44 6.05 -4.84
N VAL A 72 2.72 6.26 -5.17
CA VAL A 72 3.75 6.43 -4.15
C VAL A 72 4.26 7.87 -4.11
N ASN A 73 4.08 8.53 -2.96
CA ASN A 73 4.50 9.92 -2.78
C ASN A 73 3.90 10.84 -3.85
N SER A 74 2.67 10.53 -4.26
CA SER A 74 1.97 11.33 -5.28
C SER A 74 2.78 11.41 -6.57
N CYS A 75 3.53 10.35 -6.87
CA CYS A 75 4.35 10.31 -8.09
C CYS A 75 4.25 8.94 -8.77
N ASP A 76 3.08 8.30 -8.63
CA ASP A 76 2.84 6.99 -9.24
C ASP A 76 3.67 5.91 -8.56
N ALA A 77 3.09 4.72 -8.47
CA ALA A 77 3.77 3.59 -7.84
C ALA A 77 4.67 2.86 -8.84
N GLU A 78 4.37 3.01 -10.14
CA GLU A 78 5.17 2.36 -11.18
C GLU A 78 6.42 3.16 -11.49
N VAL A 79 6.32 4.48 -11.40
CA VAL A 79 7.45 5.36 -11.68
C VAL A 79 8.57 5.16 -10.65
N VAL A 80 8.19 5.04 -9.38
CA VAL A 80 9.17 4.85 -8.30
C VAL A 80 9.83 3.48 -8.38
N GLY A 81 9.11 2.49 -8.90
CA GLY A 81 9.65 1.14 -9.00
C GLY A 81 8.61 0.10 -9.36
N GLY A 82 7.39 0.28 -8.88
CA GLY A 82 6.31 -0.67 -9.15
C GLY A 82 5.93 -1.46 -7.91
N MET A 83 6.92 -2.12 -7.31
CA MET A 83 6.71 -2.91 -6.11
C MET A 83 8.02 -3.11 -5.32
N ASP A 84 8.94 -2.15 -5.46
CA ASP A 84 10.23 -2.24 -4.77
C ASP A 84 10.62 -0.90 -4.12
N TYR A 85 9.64 -0.01 -3.89
CA TYR A 85 9.92 1.28 -3.28
C TYR A 85 10.34 1.13 -1.82
N VAL A 86 11.61 1.43 -1.54
CA VAL A 86 12.14 1.32 -0.19
C VAL A 86 11.57 2.40 0.72
N LEU A 87 11.19 2.00 1.94
CA LEU A 87 10.62 2.93 2.91
C LEU A 87 11.71 3.72 3.61
N ASN A 88 11.37 4.92 4.08
CA ASN A 88 12.33 5.78 4.77
C ASN A 88 11.62 6.76 5.70
N ASP A 89 10.74 7.59 5.12
CA ASP A 89 9.99 8.58 5.90
C ASP A 89 8.95 9.27 5.04
N GLY A 90 7.68 9.08 5.39
CA GLY A 90 6.60 9.70 4.65
C GLY A 90 6.25 8.95 3.37
N ASP A 91 6.38 7.62 3.41
CA ASP A 91 6.08 6.79 2.24
C ASP A 91 4.57 6.68 2.05
N THR A 92 4.02 7.49 1.15
CA THR A 92 2.59 7.48 0.88
C THR A 92 2.24 6.35 -0.08
N VAL A 93 1.26 5.53 0.30
CA VAL A 93 0.83 4.41 -0.52
C VAL A 93 -0.69 4.28 -0.51
N GLU A 94 -1.31 4.51 -1.66
CA GLU A 94 -2.76 4.43 -1.80
C GLU A 94 -3.16 3.29 -2.73
N PHE A 95 -4.33 2.72 -2.47
CA PHE A 95 -4.85 1.63 -3.30
C PHE A 95 -6.23 1.97 -3.84
N ILE A 96 -6.29 2.31 -5.13
CA ILE A 96 -7.54 2.68 -5.78
C ILE A 96 -7.94 1.66 -6.85
N SER A 97 -8.89 0.79 -6.51
CA SER A 97 -9.35 -0.25 -7.43
C SER A 97 -10.22 0.36 -8.54
N THR A 98 -9.60 0.60 -9.69
CA THR A 98 -10.30 1.18 -10.84
C THR A 98 -10.93 0.09 -11.71
N LEU A 99 -10.12 -0.91 -12.08
CA LEU A 99 -10.61 -2.00 -12.91
C LEU A 99 -11.22 -3.11 -12.05
N HIS A 100 -12.55 -3.13 -11.99
CA HIS A 100 -13.26 -4.14 -11.21
C HIS A 100 -14.31 -4.87 -12.06
N GLY A 101 -15.10 -4.10 -12.81
CA GLY A 101 -16.12 -4.70 -13.67
C GLY A 101 -17.06 -3.66 -14.25
N GLY A 102 -16.53 -2.82 -15.15
CA GLY A 102 -17.36 -1.79 -15.77
C GLY A 102 -17.15 -0.42 -15.13
N MET A 1 9.69 18.36 15.90
CA MET A 1 9.16 18.55 17.27
C MET A 1 7.62 18.54 17.28
N SER A 2 7.05 17.79 18.21
CA SER A 2 5.59 17.66 18.33
C SER A 2 4.96 17.21 17.01
N ASN A 3 5.67 16.35 16.28
CA ASN A 3 5.19 15.82 15.00
C ASN A 3 5.72 14.40 14.77
N HIS A 4 7.05 14.26 14.76
CA HIS A 4 7.70 12.97 14.56
C HIS A 4 7.40 12.40 13.17
N ASN A 5 7.84 11.17 12.93
CA ASN A 5 7.64 10.49 11.64
C ASN A 5 6.16 10.10 11.47
N HIS A 6 5.75 9.91 10.22
CA HIS A 6 4.36 9.53 9.93
C HIS A 6 4.21 9.01 8.50
N ILE A 7 3.66 7.80 8.37
CA ILE A 7 3.45 7.19 7.06
C ILE A 7 2.01 7.43 6.59
N THR A 8 1.87 7.76 5.30
CA THR A 8 0.56 8.03 4.72
C THR A 8 0.00 6.78 4.04
N VAL A 9 -0.88 6.06 4.73
CA VAL A 9 -1.51 4.86 4.17
C VAL A 9 -3.03 5.00 4.17
N GLN A 10 -3.61 5.17 2.99
CA GLN A 10 -5.06 5.31 2.85
C GLN A 10 -5.61 4.46 1.71
N PHE A 11 -6.91 4.18 1.76
CA PHE A 11 -7.56 3.38 0.74
C PHE A 11 -8.78 4.09 0.16
N ALA A 12 -9.03 3.89 -1.13
CA ALA A 12 -10.16 4.52 -1.81
C ALA A 12 -11.38 3.60 -1.80
N GLY A 13 -12.47 4.08 -2.40
CA GLY A 13 -13.70 3.29 -2.46
C GLY A 13 -13.52 1.98 -3.20
N GLY A 14 -13.31 0.90 -2.44
CA GLY A 14 -13.12 -0.41 -3.04
C GLY A 14 -11.96 -1.18 -2.42
N CYS A 15 -10.86 -0.47 -2.14
CA CYS A 15 -9.68 -1.09 -1.54
C CYS A 15 -9.71 -0.99 -0.01
N GLU A 16 -10.43 0.01 0.51
CA GLU A 16 -10.53 0.22 1.95
C GLU A 16 -11.10 -1.01 2.67
N LEU A 17 -11.90 -1.80 1.95
CA LEU A 17 -12.49 -3.01 2.52
C LEU A 17 -11.44 -4.09 2.80
N LEU A 18 -10.20 -3.88 2.36
CA LEU A 18 -9.14 -4.85 2.58
C LEU A 18 -8.48 -4.70 3.96
N PHE A 19 -9.11 -3.93 4.86
CA PHE A 19 -8.58 -3.73 6.20
C PHE A 19 -9.71 -3.54 7.20
N ALA A 20 -10.53 -2.51 6.95
CA ALA A 20 -11.67 -2.22 7.83
C ALA A 20 -12.46 -1.02 7.30
N LYS A 21 -12.56 -0.90 5.97
CA LYS A 21 -13.27 0.20 5.33
C LYS A 21 -12.80 1.54 5.90
N GLN A 22 -11.50 1.62 6.22
CA GLN A 22 -10.92 2.84 6.77
C GLN A 22 -10.64 3.86 5.67
N THR A 23 -10.24 5.06 6.07
CA THR A 23 -9.93 6.11 5.10
C THR A 23 -8.42 6.36 5.02
N SER A 24 -7.76 6.43 6.18
CA SER A 24 -6.32 6.67 6.23
C SER A 24 -5.73 6.23 7.56
N LEU A 25 -4.41 5.97 7.58
CA LEU A 25 -3.73 5.53 8.79
C LEU A 25 -2.29 6.07 8.84
N GLN A 26 -1.69 6.03 10.03
CA GLN A 26 -0.32 6.50 10.21
C GLN A 26 0.51 5.46 10.97
N LEU A 27 1.32 4.71 10.23
CA LEU A 27 2.17 3.67 10.83
C LEU A 27 3.56 4.24 11.13
N ASP A 28 4.13 3.82 12.26
CA ASP A 28 5.47 4.28 12.65
C ASP A 28 6.55 3.42 12.02
N GLY A 29 7.45 4.07 11.27
CA GLY A 29 8.53 3.36 10.62
C GLY A 29 9.57 2.84 11.59
N VAL A 30 10.05 3.72 12.48
CA VAL A 30 11.05 3.37 13.48
C VAL A 30 12.40 3.08 12.85
N VAL A 31 12.49 1.99 12.09
CA VAL A 31 13.73 1.61 11.41
C VAL A 31 13.44 0.76 10.16
N PRO A 32 12.74 1.35 9.17
CA PRO A 32 12.39 0.67 7.93
C PRO A 32 13.48 0.76 6.86
N THR A 33 14.72 0.92 7.29
CA THR A 33 15.86 1.02 6.37
C THR A 33 15.88 -0.18 5.42
N GLY A 34 15.57 -1.36 5.95
CA GLY A 34 15.56 -2.57 5.14
C GLY A 34 14.15 -3.01 4.78
N THR A 35 13.24 -2.05 4.62
CA THR A 35 11.84 -2.35 4.28
C THR A 35 11.46 -1.70 2.96
N ASN A 36 10.58 -2.37 2.20
CA ASN A 36 10.12 -1.87 0.91
C ASN A 36 8.61 -2.04 0.76
N LEU A 37 8.08 -1.73 -0.43
CA LEU A 37 6.65 -1.85 -0.70
C LEU A 37 6.14 -3.25 -0.44
N ASN A 38 6.86 -4.26 -0.92
CA ASN A 38 6.46 -5.66 -0.70
C ASN A 38 6.27 -5.92 0.78
N GLY A 39 7.15 -5.33 1.59
CA GLY A 39 7.05 -5.49 3.03
C GLY A 39 5.92 -4.67 3.61
N LEU A 40 5.62 -3.52 3.01
CA LEU A 40 4.54 -2.66 3.48
C LEU A 40 3.19 -3.35 3.29
N VAL A 41 2.89 -3.73 2.05
CA VAL A 41 1.63 -4.40 1.74
C VAL A 41 1.44 -5.64 2.60
N GLN A 42 2.41 -6.57 2.54
CA GLN A 42 2.35 -7.80 3.32
C GLN A 42 2.08 -7.50 4.80
N LEU A 43 2.52 -6.35 5.29
CA LEU A 43 2.32 -5.96 6.69
C LEU A 43 0.88 -5.51 6.95
N LEU A 44 0.22 -4.95 5.93
CA LEU A 44 -1.16 -4.48 6.09
C LEU A 44 -2.19 -5.54 5.66
N LYS A 45 -1.86 -6.35 4.66
CA LYS A 45 -2.78 -7.38 4.18
C LYS A 45 -2.54 -8.71 4.90
N THR A 46 -1.35 -9.28 4.75
CA THR A 46 -1.04 -10.56 5.40
C THR A 46 -1.20 -10.46 6.92
N ASN A 47 -1.18 -9.24 7.45
CA ASN A 47 -1.33 -9.04 8.90
C ASN A 47 -2.71 -8.48 9.24
N TYR A 48 -3.32 -7.71 8.33
CA TYR A 48 -4.64 -7.13 8.59
C TYR A 48 -5.50 -7.00 7.31
N VAL A 49 -5.58 -8.08 6.55
CA VAL A 49 -6.38 -8.07 5.32
C VAL A 49 -7.86 -8.29 5.60
N LYS A 50 -8.17 -9.08 6.64
CA LYS A 50 -9.54 -9.39 7.02
C LYS A 50 -10.37 -9.88 5.82
N GLU A 51 -9.68 -10.35 4.78
CA GLU A 51 -10.33 -10.84 3.57
C GLU A 51 -9.39 -11.77 2.81
N ARG A 52 -9.74 -12.07 1.55
CA ARG A 52 -8.92 -12.94 0.71
C ARG A 52 -7.61 -12.24 0.31
N PRO A 53 -6.46 -12.70 0.84
CA PRO A 53 -5.16 -12.11 0.52
C PRO A 53 -4.83 -12.19 -0.98
N ASP A 54 -5.47 -13.13 -1.67
CA ASP A 54 -5.26 -13.32 -3.11
C ASP A 54 -6.26 -12.54 -3.95
N LEU A 55 -7.08 -11.68 -3.32
CA LEU A 55 -8.06 -10.89 -4.06
C LEU A 55 -7.47 -9.56 -4.53
N LEU A 56 -6.26 -9.24 -4.10
CA LEU A 56 -5.59 -8.00 -4.49
C LEU A 56 -4.30 -8.27 -5.26
N VAL A 57 -3.46 -9.15 -4.74
CA VAL A 57 -2.18 -9.47 -5.40
C VAL A 57 -2.40 -9.88 -6.85
N ASP A 58 -1.39 -9.61 -7.67
CA ASP A 58 -1.44 -9.92 -9.09
C ASP A 58 -1.54 -11.43 -9.29
N GLN A 59 -0.57 -12.16 -8.75
CA GLN A 59 -0.56 -13.62 -8.85
C GLN A 59 0.59 -14.22 -8.04
N THR A 60 1.77 -13.61 -8.13
CA THR A 60 2.94 -14.09 -7.41
C THR A 60 3.01 -13.51 -5.99
N GLY A 61 1.92 -12.85 -5.55
CA GLY A 61 1.89 -12.28 -4.22
C GLY A 61 3.00 -11.25 -4.01
N GLN A 62 3.52 -10.71 -5.11
CA GLN A 62 4.58 -9.71 -5.06
C GLN A 62 4.04 -8.34 -5.42
N THR A 63 3.18 -8.29 -6.44
CA THR A 63 2.58 -7.04 -6.89
C THR A 63 1.05 -7.12 -6.74
N LEU A 64 0.34 -6.17 -7.34
CA LEU A 64 -1.12 -6.14 -7.26
C LEU A 64 -1.76 -6.43 -8.61
N ARG A 65 -3.01 -6.88 -8.57
CA ARG A 65 -3.77 -7.20 -9.79
C ARG A 65 -4.29 -5.93 -10.45
N PRO A 66 -4.57 -5.98 -11.77
CA PRO A 66 -5.08 -4.83 -12.52
C PRO A 66 -6.34 -4.25 -11.91
N GLY A 67 -6.38 -2.93 -11.80
CA GLY A 67 -7.55 -2.26 -11.23
C GLY A 67 -7.15 -1.20 -10.21
N ILE A 68 -6.26 -1.57 -9.29
CA ILE A 68 -5.78 -0.64 -8.27
C ILE A 68 -4.61 0.19 -8.77
N LEU A 69 -4.63 1.49 -8.47
CA LEU A 69 -3.57 2.40 -8.89
C LEU A 69 -2.72 2.81 -7.70
N VAL A 70 -1.49 2.28 -7.63
CA VAL A 70 -0.58 2.60 -6.53
C VAL A 70 0.16 3.90 -6.81
N LEU A 71 0.14 4.82 -5.85
CA LEU A 71 0.80 6.11 -6.00
C LEU A 71 1.63 6.45 -4.76
N VAL A 72 2.84 6.97 -4.99
CA VAL A 72 3.74 7.36 -3.92
C VAL A 72 3.85 8.88 -3.85
N ASN A 73 3.16 9.48 -2.87
CA ASN A 73 3.17 10.92 -2.70
C ASN A 73 2.62 11.63 -3.93
N SER A 74 1.38 11.28 -4.30
CA SER A 74 0.72 11.87 -5.46
C SER A 74 1.53 11.65 -6.75
N CYS A 75 1.96 10.41 -6.98
CA CYS A 75 2.73 10.07 -8.17
C CYS A 75 2.75 8.56 -8.41
N ASP A 76 2.58 8.15 -9.67
CA ASP A 76 2.56 6.74 -10.03
C ASP A 76 3.81 6.01 -9.52
N ALA A 77 3.59 4.95 -8.75
CA ALA A 77 4.69 4.16 -8.18
C ALA A 77 5.27 3.16 -9.18
N GLU A 78 4.47 2.77 -10.18
CA GLU A 78 4.91 1.81 -11.18
C GLU A 78 5.97 2.40 -12.10
N VAL A 79 6.12 3.73 -12.07
CA VAL A 79 7.09 4.41 -12.90
C VAL A 79 8.52 4.19 -12.39
N VAL A 80 8.68 4.03 -11.08
CA VAL A 80 9.99 3.83 -10.48
C VAL A 80 10.13 2.45 -9.83
N GLY A 81 9.10 2.03 -9.09
CA GLY A 81 9.13 0.74 -8.43
C GLY A 81 7.83 0.42 -7.74
N GLY A 82 6.80 0.10 -8.54
CA GLY A 82 5.49 -0.23 -7.99
C GLY A 82 5.53 -1.27 -6.88
N MET A 83 6.53 -2.14 -6.93
CA MET A 83 6.70 -3.19 -5.91
C MET A 83 8.14 -3.23 -5.41
N ASP A 84 8.82 -2.08 -5.44
CA ASP A 84 10.20 -1.99 -5.01
C ASP A 84 10.53 -0.61 -4.43
N TYR A 85 9.53 0.05 -3.84
CA TYR A 85 9.73 1.37 -3.24
C TYR A 85 10.22 1.27 -1.80
N VAL A 86 11.44 1.77 -1.57
CA VAL A 86 12.05 1.74 -0.23
C VAL A 86 11.29 2.64 0.74
N LEU A 87 11.60 2.51 2.03
CA LEU A 87 10.96 3.32 3.06
C LEU A 87 11.95 4.23 3.78
N ASN A 88 11.44 5.02 4.72
CA ASN A 88 12.26 5.94 5.50
C ASN A 88 11.52 6.35 6.78
N ASP A 89 10.63 7.33 6.67
CA ASP A 89 9.84 7.81 7.81
C ASP A 89 8.79 8.84 7.38
N GLY A 90 8.26 8.68 6.18
CA GLY A 90 7.26 9.59 5.67
C GLY A 90 6.81 9.24 4.26
N ASP A 91 6.70 7.94 3.99
CA ASP A 91 6.28 7.47 2.68
C ASP A 91 4.76 7.49 2.55
N THR A 92 4.28 7.69 1.33
CA THR A 92 2.84 7.72 1.06
C THR A 92 2.46 6.63 0.07
N VAL A 93 1.39 5.90 0.39
CA VAL A 93 0.91 4.82 -0.48
C VAL A 93 -0.61 4.78 -0.50
N GLU A 94 -1.18 4.78 -1.70
CA GLU A 94 -2.63 4.75 -1.87
C GLU A 94 -3.06 3.64 -2.84
N PHE A 95 -4.20 3.03 -2.55
CA PHE A 95 -4.74 1.96 -3.39
C PHE A 95 -6.14 2.32 -3.87
N ILE A 96 -6.25 2.70 -5.15
CA ILE A 96 -7.53 3.09 -5.73
C ILE A 96 -7.93 2.14 -6.86
N SER A 97 -8.96 1.32 -6.61
CA SER A 97 -9.44 0.36 -7.60
C SER A 97 -10.35 1.05 -8.62
N THR A 98 -10.36 0.52 -9.84
CA THR A 98 -11.18 1.06 -10.91
C THR A 98 -12.06 -0.02 -11.54
N LEU A 99 -11.42 -1.03 -12.12
CA LEU A 99 -12.14 -2.13 -12.76
C LEU A 99 -12.58 -3.17 -11.72
N HIS A 100 -13.50 -4.05 -12.12
CA HIS A 100 -14.00 -5.09 -11.24
C HIS A 100 -14.55 -6.27 -12.04
N GLY A 101 -13.63 -7.04 -12.64
CA GLY A 101 -14.02 -8.19 -13.44
C GLY A 101 -13.78 -7.98 -14.91
N GLY A 102 -14.79 -7.48 -15.63
CA GLY A 102 -14.67 -7.23 -17.06
C GLY A 102 -14.51 -5.75 -17.39
N MET A 1 3.50 22.78 17.62
CA MET A 1 3.34 21.43 18.23
C MET A 1 4.42 20.45 17.72
N SER A 2 4.63 20.44 16.40
CA SER A 2 5.62 19.55 15.77
C SER A 2 5.18 18.09 15.85
N ASN A 3 5.84 17.24 15.05
CA ASN A 3 5.52 15.81 15.01
C ASN A 3 6.77 14.97 15.29
N HIS A 4 6.61 13.64 15.30
CA HIS A 4 7.72 12.73 15.56
C HIS A 4 7.56 11.41 14.78
N ASN A 5 7.85 11.47 13.48
CA ASN A 5 7.74 10.29 12.60
C ASN A 5 6.28 9.92 12.35
N HIS A 6 5.94 9.68 11.08
CA HIS A 6 4.58 9.33 10.70
C HIS A 6 4.48 8.91 9.24
N ILE A 7 3.96 7.70 9.00
CA ILE A 7 3.80 7.19 7.65
C ILE A 7 2.38 7.38 7.14
N THR A 8 2.24 7.63 5.84
CA THR A 8 0.94 7.83 5.23
C THR A 8 0.51 6.61 4.42
N VAL A 9 -0.62 6.00 4.82
CA VAL A 9 -1.14 4.83 4.14
C VAL A 9 -2.68 4.78 4.24
N GLN A 10 -3.35 4.95 3.10
CA GLN A 10 -4.81 4.94 3.06
C GLN A 10 -5.34 4.13 1.89
N PHE A 11 -6.62 3.76 1.97
CA PHE A 11 -7.27 2.97 0.93
C PHE A 11 -8.47 3.71 0.35
N ALA A 12 -8.65 3.58 -0.97
CA ALA A 12 -9.76 4.23 -1.67
C ALA A 12 -10.39 3.30 -2.70
N GLY A 13 -11.67 3.50 -2.96
CA GLY A 13 -12.38 2.68 -3.92
C GLY A 13 -12.75 1.31 -3.37
N GLY A 14 -12.08 0.27 -3.87
CA GLY A 14 -12.37 -1.08 -3.40
C GLY A 14 -11.18 -1.71 -2.69
N CYS A 15 -10.35 -0.88 -2.04
CA CYS A 15 -9.18 -1.40 -1.32
C CYS A 15 -9.34 -1.21 0.19
N GLU A 16 -10.38 -0.50 0.62
CA GLU A 16 -10.62 -0.28 2.04
C GLU A 16 -11.58 -1.33 2.60
N LEU A 17 -12.41 -1.91 1.73
CA LEU A 17 -13.38 -2.93 2.13
C LEU A 17 -12.71 -4.28 2.46
N LEU A 18 -11.40 -4.40 2.20
CA LEU A 18 -10.68 -5.64 2.51
C LEU A 18 -10.20 -5.70 3.96
N PHE A 19 -10.70 -4.81 4.80
CA PHE A 19 -10.33 -4.77 6.20
C PHE A 19 -11.52 -4.36 7.06
N ALA A 20 -11.99 -3.14 6.85
CA ALA A 20 -13.13 -2.60 7.58
C ALA A 20 -13.51 -1.22 7.06
N LYS A 21 -13.42 -1.05 5.73
CA LYS A 21 -13.73 0.22 5.09
C LYS A 21 -12.97 1.37 5.76
N GLN A 22 -11.71 1.09 6.11
CA GLN A 22 -10.86 2.07 6.76
C GLN A 22 -10.54 3.23 5.82
N THR A 23 -9.90 4.27 6.35
CA THR A 23 -9.54 5.44 5.55
C THR A 23 -8.02 5.57 5.43
N SER A 24 -7.38 6.11 6.46
CA SER A 24 -5.92 6.29 6.46
C SER A 24 -5.30 5.82 7.77
N LEU A 25 -4.02 5.44 7.70
CA LEU A 25 -3.31 4.96 8.89
C LEU A 25 -1.95 5.65 9.03
N GLN A 26 -1.39 5.59 10.24
CA GLN A 26 -0.10 6.21 10.52
C GLN A 26 0.82 5.24 11.24
N LEU A 27 1.97 4.96 10.64
CA LEU A 27 2.96 4.05 11.22
C LEU A 27 4.11 4.83 11.85
N ASP A 28 4.59 4.35 12.99
CA ASP A 28 5.70 5.00 13.70
C ASP A 28 6.97 4.17 13.62
N GLY A 29 8.00 4.72 12.97
CA GLY A 29 9.26 4.02 12.83
C GLY A 29 9.13 2.71 12.08
N VAL A 30 9.13 1.59 12.83
CA VAL A 30 9.01 0.24 12.26
C VAL A 30 9.73 0.13 10.91
N VAL A 31 11.04 -0.13 10.97
CA VAL A 31 11.88 -0.28 9.77
C VAL A 31 11.52 0.76 8.70
N PRO A 32 11.67 2.06 9.02
CA PRO A 32 11.36 3.15 8.09
C PRO A 32 12.49 3.45 7.09
N THR A 33 13.52 2.60 7.07
CA THR A 33 14.64 2.80 6.16
C THR A 33 14.91 1.54 5.34
N GLY A 34 15.18 0.42 6.04
CA GLY A 34 15.44 -0.84 5.35
C GLY A 34 14.17 -1.58 5.00
N THR A 35 13.27 -0.92 4.27
CA THR A 35 12.01 -1.54 3.86
C THR A 35 11.49 -0.91 2.56
N ASN A 36 10.95 -1.75 1.69
CA ASN A 36 10.42 -1.30 0.40
C ASN A 36 8.90 -1.55 0.31
N LEU A 37 8.32 -1.28 -0.86
CA LEU A 37 6.89 -1.48 -1.07
C LEU A 37 6.50 -2.93 -0.80
N ASN A 38 7.33 -3.86 -1.27
CA ASN A 38 7.09 -5.29 -1.07
C ASN A 38 6.84 -5.57 0.41
N GLY A 39 7.64 -4.95 1.27
CA GLY A 39 7.50 -5.12 2.70
C GLY A 39 6.29 -4.39 3.26
N LEU A 40 5.91 -3.27 2.63
CA LEU A 40 4.76 -2.48 3.08
C LEU A 40 3.45 -3.22 2.77
N VAL A 41 3.23 -3.56 1.49
CA VAL A 41 2.03 -4.26 1.08
C VAL A 41 1.86 -5.58 1.83
N GLN A 42 2.88 -6.43 1.76
CA GLN A 42 2.86 -7.74 2.44
C GLN A 42 2.49 -7.59 3.92
N LEU A 43 2.84 -6.45 4.52
CA LEU A 43 2.54 -6.18 5.93
C LEU A 43 1.04 -5.98 6.14
N LEU A 44 0.36 -5.36 5.17
CA LEU A 44 -1.07 -5.11 5.28
C LEU A 44 -1.91 -6.18 4.58
N LYS A 45 -1.34 -6.85 3.58
CA LYS A 45 -2.07 -7.88 2.83
C LYS A 45 -1.86 -9.27 3.41
N THR A 46 -0.67 -9.53 3.95
CA THR A 46 -0.34 -10.83 4.52
C THR A 46 -0.27 -10.79 6.05
N ASN A 47 0.04 -9.61 6.61
CA ASN A 47 0.16 -9.46 8.06
C ASN A 47 -0.99 -8.65 8.69
N TYR A 48 -1.66 -7.81 7.88
CA TYR A 48 -2.75 -6.99 8.40
C TYR A 48 -3.98 -7.04 7.49
N VAL A 49 -4.28 -8.22 6.95
CA VAL A 49 -5.44 -8.39 6.07
C VAL A 49 -6.63 -8.96 6.84
N LYS A 50 -7.83 -8.50 6.48
CA LYS A 50 -9.06 -8.94 7.14
C LYS A 50 -10.13 -9.33 6.12
N GLU A 51 -9.69 -9.75 4.93
CA GLU A 51 -10.61 -10.16 3.86
C GLU A 51 -9.91 -11.11 2.89
N ARG A 52 -10.52 -11.34 1.72
CA ARG A 52 -9.95 -12.23 0.70
C ARG A 52 -8.56 -11.75 0.28
N PRO A 53 -7.49 -12.48 0.64
CA PRO A 53 -6.12 -12.10 0.27
C PRO A 53 -5.93 -12.01 -1.25
N ASP A 54 -6.75 -12.76 -1.99
CA ASP A 54 -6.67 -12.77 -3.45
C ASP A 54 -7.58 -11.71 -4.08
N LEU A 55 -8.19 -10.84 -3.27
CA LEU A 55 -9.07 -9.79 -3.79
C LEU A 55 -8.28 -8.51 -4.10
N LEU A 56 -7.04 -8.42 -3.58
CA LEU A 56 -6.21 -7.24 -3.82
C LEU A 56 -4.96 -7.61 -4.61
N VAL A 57 -4.28 -8.68 -4.21
CA VAL A 57 -3.05 -9.10 -4.88
C VAL A 57 -3.29 -9.40 -6.36
N ASP A 58 -2.27 -9.13 -7.16
CA ASP A 58 -2.34 -9.37 -8.59
C ASP A 58 -2.43 -10.86 -8.89
N GLN A 59 -1.43 -11.61 -8.41
CA GLN A 59 -1.38 -13.06 -8.60
C GLN A 59 -0.26 -13.70 -7.79
N THR A 60 0.91 -13.07 -7.79
CA THR A 60 2.06 -13.58 -7.05
C THR A 60 2.00 -13.20 -5.56
N GLY A 61 0.87 -12.60 -5.13
CA GLY A 61 0.74 -12.20 -3.75
C GLY A 61 1.85 -11.25 -3.31
N GLN A 62 2.46 -10.57 -4.27
CA GLN A 62 3.55 -9.64 -4.00
C GLN A 62 3.08 -8.20 -4.20
N THR A 63 2.27 -7.99 -5.24
CA THR A 63 1.74 -6.66 -5.56
C THR A 63 0.23 -6.75 -5.79
N LEU A 64 -0.44 -5.60 -5.78
CA LEU A 64 -1.88 -5.57 -6.01
C LEU A 64 -2.20 -5.73 -7.49
N ARG A 65 -3.43 -6.16 -7.79
CA ARG A 65 -3.89 -6.37 -9.16
C ARG A 65 -3.86 -5.06 -9.95
N PRO A 66 -3.71 -5.16 -11.29
CA PRO A 66 -3.67 -3.98 -12.18
C PRO A 66 -4.83 -3.02 -11.90
N GLY A 67 -5.98 -3.57 -11.51
CA GLY A 67 -7.15 -2.76 -11.22
C GLY A 67 -6.86 -1.62 -10.26
N ILE A 68 -5.95 -1.85 -9.31
CA ILE A 68 -5.58 -0.83 -8.33
C ILE A 68 -4.30 -0.11 -8.77
N LEU A 69 -4.20 1.17 -8.41
CA LEU A 69 -3.03 1.97 -8.75
C LEU A 69 -2.30 2.43 -7.50
N VAL A 70 -1.03 2.01 -7.36
CA VAL A 70 -0.21 2.39 -6.21
C VAL A 70 0.56 3.67 -6.48
N LEU A 71 0.47 4.63 -5.56
CA LEU A 71 1.15 5.91 -5.70
C LEU A 71 2.03 6.20 -4.49
N VAL A 72 3.29 6.57 -4.75
CA VAL A 72 4.23 6.90 -3.68
C VAL A 72 4.44 8.41 -3.59
N ASN A 73 3.76 9.05 -2.65
CA ASN A 73 3.86 10.50 -2.46
C ASN A 73 3.45 11.25 -3.73
N SER A 74 2.24 10.97 -4.21
CA SER A 74 1.71 11.60 -5.42
C SER A 74 2.58 11.28 -6.64
N CYS A 75 3.01 10.02 -6.74
CA CYS A 75 3.85 9.58 -7.86
C CYS A 75 3.80 8.06 -8.01
N ASP A 76 3.38 7.60 -9.20
CA ASP A 76 3.28 6.17 -9.48
C ASP A 76 4.55 5.42 -9.07
N ALA A 77 4.36 4.31 -8.35
CA ALA A 77 5.49 3.50 -7.90
C ALA A 77 6.01 2.58 -9.01
N GLU A 78 5.14 2.24 -9.97
CA GLU A 78 5.52 1.36 -11.07
C GLU A 78 6.43 2.08 -12.06
N VAL A 79 6.31 3.41 -12.11
CA VAL A 79 7.13 4.21 -13.00
C VAL A 79 8.62 4.08 -12.68
N VAL A 80 8.92 3.82 -11.40
CA VAL A 80 10.30 3.66 -10.96
C VAL A 80 10.60 2.23 -10.51
N GLY A 81 9.65 1.60 -9.82
CA GLY A 81 9.84 0.24 -9.36
C GLY A 81 8.63 -0.64 -9.56
N GLY A 82 7.60 -0.42 -8.75
CA GLY A 82 6.37 -1.21 -8.85
C GLY A 82 6.06 -1.95 -7.56
N MET A 83 7.10 -2.53 -6.96
CA MET A 83 6.94 -3.28 -5.71
C MET A 83 8.26 -3.35 -4.95
N ASP A 84 9.10 -2.32 -5.14
CA ASP A 84 10.40 -2.28 -4.47
C ASP A 84 10.79 -0.84 -4.11
N TYR A 85 9.81 0.06 -4.00
CA TYR A 85 10.08 1.45 -3.66
C TYR A 85 10.48 1.60 -2.18
N VAL A 86 11.69 2.12 -1.95
CA VAL A 86 12.20 2.32 -0.59
C VAL A 86 11.31 3.31 0.20
N LEU A 87 10.84 2.86 1.36
CA LEU A 87 9.99 3.68 2.21
C LEU A 87 10.82 4.65 3.05
N ASN A 88 10.14 5.60 3.69
CA ASN A 88 10.81 6.59 4.52
C ASN A 88 9.81 7.30 5.43
N ASP A 89 10.32 8.01 6.43
CA ASP A 89 9.48 8.76 7.36
C ASP A 89 8.62 9.76 6.59
N GLY A 90 7.35 9.42 6.43
CA GLY A 90 6.43 10.29 5.71
C GLY A 90 6.07 9.76 4.33
N ASP A 91 6.19 8.44 4.14
CA ASP A 91 5.88 7.83 2.84
C ASP A 91 4.37 7.71 2.66
N THR A 92 3.89 7.99 1.45
CA THR A 92 2.46 7.92 1.15
C THR A 92 2.17 6.80 0.16
N VAL A 93 1.42 5.80 0.62
CA VAL A 93 1.05 4.67 -0.22
C VAL A 93 -0.48 4.48 -0.24
N GLU A 94 -1.07 4.75 -1.40
CA GLU A 94 -2.52 4.64 -1.57
C GLU A 94 -2.87 3.53 -2.57
N PHE A 95 -4.05 2.93 -2.38
CA PHE A 95 -4.52 1.87 -3.26
C PHE A 95 -5.94 2.16 -3.73
N ILE A 96 -6.07 2.58 -4.98
CA ILE A 96 -7.38 2.90 -5.57
C ILE A 96 -7.81 1.81 -6.55
N SER A 97 -8.69 0.92 -6.10
CA SER A 97 -9.18 -0.17 -6.93
C SER A 97 -10.22 0.32 -7.96
N THR A 98 -9.79 0.38 -9.23
CA THR A 98 -10.66 0.82 -10.31
C THR A 98 -11.04 -0.32 -11.25
N LEU A 99 -10.15 -1.31 -11.39
CA LEU A 99 -10.36 -2.48 -12.26
C LEU A 99 -10.78 -2.08 -13.69
N HIS A 100 -11.10 -3.08 -14.51
CA HIS A 100 -11.50 -2.83 -15.90
C HIS A 100 -12.46 -3.90 -16.39
N GLY A 101 -13.75 -3.58 -16.39
CA GLY A 101 -14.76 -4.52 -16.84
C GLY A 101 -15.77 -3.89 -17.78
N GLY A 102 -16.61 -2.99 -17.25
CA GLY A 102 -17.60 -2.32 -18.05
C GLY A 102 -17.06 -1.07 -18.74
N MET A 1 0.49 22.84 3.19
CA MET A 1 0.45 21.71 4.16
C MET A 1 0.96 20.41 3.51
N SER A 2 2.20 20.05 3.83
CA SER A 2 2.81 18.83 3.28
C SER A 2 2.72 17.68 4.28
N ASN A 3 2.92 16.46 3.77
CA ASN A 3 2.87 15.26 4.61
C ASN A 3 4.24 14.91 5.15
N HIS A 4 4.44 15.09 6.45
CA HIS A 4 5.71 14.81 7.10
C HIS A 4 5.49 13.91 8.34
N ASN A 5 6.46 13.04 8.60
CA ASN A 5 6.41 12.12 9.75
C ASN A 5 5.35 11.04 9.55
N HIS A 6 5.65 9.82 9.97
CA HIS A 6 4.72 8.69 9.83
C HIS A 6 4.48 8.38 8.35
N ILE A 7 3.71 7.33 8.08
CA ILE A 7 3.40 6.95 6.70
C ILE A 7 1.93 7.14 6.39
N THR A 8 1.66 7.72 5.22
CA THR A 8 0.29 8.00 4.78
C THR A 8 -0.26 6.81 4.00
N VAL A 9 -1.03 5.95 4.69
CA VAL A 9 -1.63 4.77 4.07
C VAL A 9 -3.15 4.84 4.11
N GLN A 10 -3.78 4.95 2.95
CA GLN A 10 -5.24 5.03 2.88
C GLN A 10 -5.80 4.18 1.74
N PHE A 11 -7.12 3.97 1.76
CA PHE A 11 -7.80 3.18 0.74
C PHE A 11 -8.96 3.94 0.11
N ALA A 12 -9.23 3.64 -1.16
CA ALA A 12 -10.32 4.30 -1.89
C ALA A 12 -10.98 3.35 -2.89
N GLY A 13 -12.22 3.67 -3.27
CA GLY A 13 -12.95 2.85 -4.22
C GLY A 13 -13.32 1.50 -3.65
N GLY A 14 -12.54 0.47 -4.01
CA GLY A 14 -12.80 -0.86 -3.51
C GLY A 14 -11.59 -1.47 -2.82
N CYS A 15 -10.79 -0.63 -2.14
CA CYS A 15 -9.59 -1.09 -1.44
C CYS A 15 -9.76 -1.00 0.08
N GLU A 16 -10.76 -0.26 0.54
CA GLU A 16 -11.02 -0.10 1.96
C GLU A 16 -11.83 -1.28 2.51
N LEU A 17 -12.70 -1.84 1.67
CA LEU A 17 -13.54 -2.96 2.07
C LEU A 17 -12.71 -4.19 2.45
N LEU A 18 -11.51 -4.32 1.86
CA LEU A 18 -10.63 -5.46 2.14
C LEU A 18 -9.80 -5.26 3.43
N PHE A 19 -10.14 -4.25 4.22
CA PHE A 19 -9.42 -3.97 5.47
C PHE A 19 -10.41 -3.74 6.60
N ALA A 20 -11.25 -2.73 6.42
CA ALA A 20 -12.27 -2.39 7.41
C ALA A 20 -13.00 -1.10 7.02
N LYS A 21 -13.21 -0.89 5.72
CA LYS A 21 -13.87 0.31 5.22
C LYS A 21 -13.27 1.57 5.82
N GLN A 22 -11.95 1.52 6.11
CA GLN A 22 -11.25 2.65 6.69
C GLN A 22 -10.89 3.69 5.63
N THR A 23 -10.45 4.86 6.08
CA THR A 23 -10.07 5.93 5.17
C THR A 23 -8.55 6.03 5.04
N SER A 24 -7.90 6.55 6.07
CA SER A 24 -6.44 6.68 6.07
C SER A 24 -5.84 6.28 7.42
N LEU A 25 -4.57 5.87 7.39
CA LEU A 25 -3.88 5.45 8.61
C LEU A 25 -2.43 5.94 8.63
N GLN A 26 -1.80 5.88 9.81
CA GLN A 26 -0.41 6.31 9.96
C GLN A 26 0.41 5.25 10.70
N LEU A 27 1.44 4.73 10.04
CA LEU A 27 2.30 3.71 10.63
C LEU A 27 3.58 4.33 11.18
N ASP A 28 4.03 3.84 12.33
CA ASP A 28 5.24 4.34 12.97
C ASP A 28 6.49 3.74 12.32
N GLY A 29 7.57 4.52 12.27
CA GLY A 29 8.81 4.07 11.66
C GLY A 29 9.49 2.96 12.44
N VAL A 30 9.73 1.83 11.76
CA VAL A 30 10.39 0.68 12.40
C VAL A 30 11.39 0.04 11.43
N VAL A 31 12.63 0.53 11.46
CA VAL A 31 13.69 0.00 10.58
C VAL A 31 13.28 0.03 9.11
N PRO A 32 12.92 1.21 8.58
CA PRO A 32 12.51 1.37 7.18
C PRO A 32 13.69 1.27 6.20
N THR A 33 14.91 1.28 6.73
CA THR A 33 16.11 1.19 5.90
C THR A 33 16.10 -0.06 5.03
N GLY A 34 15.98 -1.22 5.68
CA GLY A 34 15.95 -2.49 4.96
C GLY A 34 14.53 -2.97 4.69
N THR A 35 13.66 -2.04 4.26
CA THR A 35 12.26 -2.39 3.99
C THR A 35 11.79 -1.71 2.71
N ASN A 36 11.34 -2.51 1.74
CA ASN A 36 10.85 -2.00 0.46
C ASN A 36 9.32 -2.08 0.39
N LEU A 37 8.76 -1.79 -0.77
CA LEU A 37 7.30 -1.83 -0.96
C LEU A 37 6.74 -3.19 -0.57
N ASN A 38 7.50 -4.25 -0.85
CA ASN A 38 7.06 -5.61 -0.53
C ASN A 38 6.73 -5.71 0.96
N GLY A 39 7.54 -5.06 1.78
CA GLY A 39 7.31 -5.07 3.22
C GLY A 39 6.14 -4.19 3.59
N LEU A 40 5.91 -3.12 2.81
CA LEU A 40 4.81 -2.20 3.04
C LEU A 40 3.47 -2.91 2.90
N VAL A 41 3.30 -3.64 1.80
CA VAL A 41 2.07 -4.38 1.55
C VAL A 41 1.91 -5.51 2.55
N GLN A 42 2.94 -6.35 2.68
CA GLN A 42 2.94 -7.47 3.61
C GLN A 42 2.62 -7.02 5.04
N LEU A 43 2.88 -5.75 5.35
CA LEU A 43 2.62 -5.20 6.68
C LEU A 43 1.16 -4.74 6.80
N LEU A 44 0.55 -4.45 5.64
CA LEU A 44 -0.83 -4.00 5.59
C LEU A 44 -1.79 -5.17 5.40
N LYS A 45 -1.50 -6.03 4.42
CA LYS A 45 -2.37 -7.18 4.16
C LYS A 45 -1.93 -8.40 4.97
N THR A 46 -0.80 -9.01 4.58
CA THR A 46 -0.30 -10.20 5.29
C THR A 46 -0.24 -9.98 6.81
N ASN A 47 -0.13 -8.73 7.25
CA ASN A 47 -0.06 -8.42 8.68
C ASN A 47 -1.37 -7.82 9.22
N TYR A 48 -2.16 -7.17 8.35
CA TYR A 48 -3.42 -6.55 8.79
C TYR A 48 -4.55 -6.77 7.78
N VAL A 49 -4.69 -8.01 7.29
CA VAL A 49 -5.74 -8.35 6.34
C VAL A 49 -6.88 -9.13 7.00
N LYS A 50 -8.06 -9.00 6.42
CA LYS A 50 -9.25 -9.68 6.93
C LYS A 50 -10.00 -10.37 5.79
N GLU A 51 -10.09 -9.69 4.63
CA GLU A 51 -10.77 -10.23 3.46
C GLU A 51 -9.85 -11.21 2.73
N ARG A 52 -10.24 -11.59 1.50
CA ARG A 52 -9.44 -12.52 0.71
C ARG A 52 -8.06 -11.94 0.38
N PRO A 53 -6.99 -12.51 0.96
CA PRO A 53 -5.62 -12.04 0.71
C PRO A 53 -5.24 -12.15 -0.77
N ASP A 54 -5.89 -13.06 -1.49
CA ASP A 54 -5.62 -13.27 -2.90
C ASP A 54 -6.55 -12.43 -3.79
N LEU A 55 -7.33 -11.53 -3.19
CA LEU A 55 -8.24 -10.68 -3.96
C LEU A 55 -7.52 -9.43 -4.46
N LEU A 56 -6.49 -8.98 -3.73
CA LEU A 56 -5.74 -7.79 -4.12
C LEU A 56 -4.46 -8.14 -4.86
N VAL A 57 -3.70 -9.10 -4.33
CA VAL A 57 -2.44 -9.50 -4.97
C VAL A 57 -2.65 -9.97 -6.39
N ASP A 58 -1.64 -9.74 -7.22
CA ASP A 58 -1.68 -10.13 -8.62
C ASP A 58 -1.74 -11.64 -8.77
N GLN A 59 -0.76 -12.33 -8.19
CA GLN A 59 -0.70 -13.78 -8.23
C GLN A 59 0.43 -14.34 -7.37
N THR A 60 1.61 -13.70 -7.45
CA THR A 60 2.76 -14.13 -6.67
C THR A 60 2.80 -13.48 -5.29
N GLY A 61 1.68 -12.84 -4.88
CA GLY A 61 1.63 -12.19 -3.59
C GLY A 61 2.70 -11.13 -3.42
N GLN A 62 3.21 -10.61 -4.53
CA GLN A 62 4.24 -9.58 -4.53
C GLN A 62 3.67 -8.24 -4.97
N THR A 63 2.83 -8.29 -6.00
CA THR A 63 2.18 -7.09 -6.53
C THR A 63 0.67 -7.21 -6.42
N LEU A 64 -0.07 -6.24 -6.94
CA LEU A 64 -1.53 -6.27 -6.89
C LEU A 64 -2.12 -6.47 -8.28
N ARG A 65 -3.35 -6.98 -8.32
CA ARG A 65 -4.06 -7.24 -9.58
C ARG A 65 -4.42 -5.93 -10.27
N PRO A 66 -4.61 -5.97 -11.61
CA PRO A 66 -4.97 -4.77 -12.40
C PRO A 66 -6.23 -4.10 -11.89
N GLY A 67 -6.19 -2.77 -11.79
CA GLY A 67 -7.33 -2.02 -11.30
C GLY A 67 -6.94 -0.97 -10.28
N ILE A 68 -6.15 -1.37 -9.28
CA ILE A 68 -5.69 -0.46 -8.24
C ILE A 68 -4.49 0.36 -8.71
N LEU A 69 -4.49 1.64 -8.39
CA LEU A 69 -3.40 2.54 -8.76
C LEU A 69 -2.57 2.90 -7.54
N VAL A 70 -1.38 2.28 -7.43
CA VAL A 70 -0.49 2.53 -6.30
C VAL A 70 0.35 3.79 -6.56
N LEU A 71 0.38 4.69 -5.58
CA LEU A 71 1.13 5.93 -5.71
C LEU A 71 2.03 6.16 -4.49
N VAL A 72 3.19 6.77 -4.73
CA VAL A 72 4.14 7.08 -3.67
C VAL A 72 4.37 8.58 -3.58
N ASN A 73 4.09 9.16 -2.41
CA ASN A 73 4.25 10.59 -2.19
C ASN A 73 3.42 11.39 -3.19
N SER A 74 2.19 10.91 -3.44
CA SER A 74 1.28 11.56 -4.39
C SER A 74 1.81 11.49 -5.82
N CYS A 75 2.55 10.41 -6.13
CA CYS A 75 3.11 10.23 -7.47
C CYS A 75 3.06 8.76 -7.88
N ASP A 76 2.97 8.50 -9.19
CA ASP A 76 2.91 7.14 -9.71
C ASP A 76 4.02 6.27 -9.12
N ALA A 77 3.62 5.23 -8.39
CA ALA A 77 4.58 4.31 -7.76
C ALA A 77 5.01 3.21 -8.73
N GLU A 78 4.20 2.95 -9.75
CA GLU A 78 4.50 1.92 -10.73
C GLU A 78 5.59 2.38 -11.69
N VAL A 79 5.69 3.70 -11.89
CA VAL A 79 6.68 4.26 -12.78
C VAL A 79 8.09 4.17 -12.17
N VAL A 80 8.18 4.43 -10.87
CA VAL A 80 9.46 4.38 -10.17
C VAL A 80 9.92 2.94 -9.93
N GLY A 81 8.97 2.03 -9.74
CA GLY A 81 9.31 0.63 -9.51
C GLY A 81 8.09 -0.27 -9.45
N GLY A 82 7.07 0.14 -8.70
CA GLY A 82 5.87 -0.66 -8.58
C GLY A 82 5.88 -1.53 -7.33
N MET A 83 6.94 -2.33 -7.19
CA MET A 83 7.08 -3.21 -6.03
C MET A 83 8.51 -3.18 -5.48
N ASP A 84 9.24 -2.08 -5.73
CA ASP A 84 10.61 -1.93 -5.26
C ASP A 84 10.85 -0.56 -4.60
N TYR A 85 9.77 0.14 -4.23
CA TYR A 85 9.89 1.45 -3.59
C TYR A 85 10.27 1.32 -2.12
N VAL A 86 11.41 1.91 -1.74
CA VAL A 86 11.89 1.86 -0.36
C VAL A 86 10.97 2.63 0.59
N LEU A 87 10.87 2.15 1.83
CA LEU A 87 10.03 2.78 2.84
C LEU A 87 10.84 3.70 3.76
N ASN A 88 10.17 4.69 4.33
CA ASN A 88 10.83 5.64 5.24
C ASN A 88 9.79 6.53 5.94
N ASP A 89 10.12 7.00 7.14
CA ASP A 89 9.24 7.86 7.91
C ASP A 89 8.87 9.10 7.09
N GLY A 90 7.62 9.15 6.64
CA GLY A 90 7.15 10.26 5.83
C GLY A 90 6.78 9.84 4.42
N ASP A 91 6.43 8.56 4.25
CA ASP A 91 6.05 8.02 2.94
C ASP A 91 4.53 8.09 2.76
N THR A 92 4.07 7.89 1.53
CA THR A 92 2.64 7.93 1.24
C THR A 92 2.28 6.85 0.22
N VAL A 93 1.52 5.85 0.67
CA VAL A 93 1.10 4.75 -0.20
C VAL A 93 -0.43 4.63 -0.21
N GLU A 94 -1.01 4.75 -1.40
CA GLU A 94 -2.47 4.66 -1.56
C GLU A 94 -2.86 3.57 -2.56
N PHE A 95 -4.08 3.07 -2.41
CA PHE A 95 -4.60 2.04 -3.30
C PHE A 95 -6.02 2.41 -3.77
N ILE A 96 -6.12 2.86 -5.02
CA ILE A 96 -7.40 3.28 -5.59
C ILE A 96 -7.74 2.46 -6.84
N SER A 97 -8.86 1.74 -6.80
CA SER A 97 -9.30 0.93 -7.92
C SER A 97 -10.05 1.77 -8.96
N THR A 98 -9.98 1.34 -10.23
CA THR A 98 -10.64 2.07 -11.32
C THR A 98 -10.95 1.14 -12.50
N LEU A 99 -9.97 0.34 -12.90
CA LEU A 99 -10.15 -0.58 -14.02
C LEU A 99 -11.01 -1.78 -13.62
N HIS A 100 -12.32 -1.67 -13.82
CA HIS A 100 -13.25 -2.74 -13.48
C HIS A 100 -13.77 -3.45 -14.73
N GLY A 101 -13.83 -2.72 -15.84
CA GLY A 101 -14.32 -3.29 -17.09
C GLY A 101 -13.71 -2.62 -18.31
N GLY A 102 -14.55 -2.40 -19.33
CA GLY A 102 -14.07 -1.75 -20.55
C GLY A 102 -14.06 -2.69 -21.73
N MET A 1 9.74 22.97 15.10
CA MET A 1 8.83 21.92 15.62
C MET A 1 9.35 20.52 15.32
N SER A 2 8.55 19.50 15.63
CA SER A 2 8.94 18.11 15.39
C SER A 2 8.13 17.50 14.25
N ASN A 3 8.72 16.52 13.57
CA ASN A 3 8.06 15.84 12.45
C ASN A 3 7.70 14.38 12.82
N HIS A 4 8.66 13.67 13.41
CA HIS A 4 8.47 12.27 13.81
C HIS A 4 8.34 11.34 12.61
N ASN A 5 8.45 10.03 12.85
CA ASN A 5 8.35 9.04 11.78
C ASN A 5 6.97 8.38 11.76
N HIS A 6 6.46 8.10 10.55
CA HIS A 6 5.15 7.48 10.38
C HIS A 6 4.86 7.21 8.90
N ILE A 7 3.79 6.47 8.64
CA ILE A 7 3.40 6.15 7.26
C ILE A 7 1.93 6.51 7.01
N THR A 8 1.58 6.79 5.76
CA THR A 8 0.20 7.15 5.41
C THR A 8 -0.44 6.09 4.52
N VAL A 9 -1.17 5.17 5.13
CA VAL A 9 -1.84 4.10 4.40
C VAL A 9 -3.36 4.31 4.40
N GLN A 10 -3.90 4.75 3.27
CA GLN A 10 -5.32 5.01 3.15
C GLN A 10 -5.91 4.35 1.90
N PHE A 11 -7.24 4.26 1.86
CA PHE A 11 -7.94 3.65 0.73
C PHE A 11 -8.84 4.67 0.02
N ALA A 12 -9.22 4.36 -1.22
CA ALA A 12 -10.07 5.24 -2.00
C ALA A 12 -10.91 4.46 -3.01
N GLY A 13 -12.05 5.04 -3.41
CA GLY A 13 -12.93 4.39 -4.37
C GLY A 13 -13.66 3.22 -3.76
N GLY A 14 -13.18 2.01 -4.05
CA GLY A 14 -13.81 0.81 -3.52
C GLY A 14 -12.80 -0.17 -2.93
N CYS A 15 -11.67 0.36 -2.45
CA CYS A 15 -10.62 -0.48 -1.86
C CYS A 15 -10.74 -0.54 -0.34
N GLU A 16 -11.29 0.53 0.26
CA GLU A 16 -11.47 0.58 1.71
C GLU A 16 -12.32 -0.59 2.22
N LEU A 17 -13.25 -1.05 1.39
CA LEU A 17 -14.12 -2.17 1.75
C LEU A 17 -13.34 -3.50 1.86
N LEU A 18 -12.05 -3.50 1.46
CA LEU A 18 -11.24 -4.71 1.54
C LEU A 18 -10.64 -4.91 2.94
N PHE A 19 -11.15 -4.17 3.93
CA PHE A 19 -10.66 -4.29 5.31
C PHE A 19 -11.80 -4.01 6.27
N ALA A 20 -12.28 -2.77 6.28
CA ALA A 20 -13.38 -2.37 7.15
C ALA A 20 -13.85 -0.96 6.81
N LYS A 21 -13.88 -0.64 5.50
CA LYS A 21 -14.30 0.68 5.03
C LYS A 21 -13.54 1.80 5.76
N GLN A 22 -12.26 1.54 6.03
CA GLN A 22 -11.41 2.51 6.73
C GLN A 22 -11.01 3.65 5.81
N THR A 23 -10.69 4.80 6.40
CA THR A 23 -10.29 5.96 5.63
C THR A 23 -8.77 6.01 5.45
N SER A 24 -8.03 6.25 6.54
CA SER A 24 -6.57 6.31 6.49
C SER A 24 -5.97 5.75 7.77
N LEU A 25 -4.73 5.26 7.68
CA LEU A 25 -4.04 4.68 8.84
C LEU A 25 -2.56 5.06 8.84
N GLN A 26 -1.90 4.86 9.99
CA GLN A 26 -0.49 5.17 10.13
C GLN A 26 0.30 3.96 10.63
N LEU A 27 1.25 3.51 9.82
CA LEU A 27 2.08 2.36 10.17
C LEU A 27 3.44 2.82 10.71
N ASP A 28 3.94 2.10 11.71
CA ASP A 28 5.23 2.44 12.31
C ASP A 28 6.19 1.25 12.23
N GLY A 29 7.38 1.49 11.70
CA GLY A 29 8.37 0.44 11.57
C GLY A 29 9.56 0.61 12.51
N VAL A 30 10.44 -0.38 12.53
CA VAL A 30 11.62 -0.34 13.40
C VAL A 30 12.89 0.00 12.60
N VAL A 31 12.98 -0.50 11.37
CA VAL A 31 14.14 -0.24 10.52
C VAL A 31 13.74 -0.18 9.04
N PRO A 32 13.19 0.97 8.59
CA PRO A 32 12.77 1.17 7.20
C PRO A 32 13.95 1.19 6.21
N THR A 33 15.18 1.22 6.74
CA THR A 33 16.38 1.25 5.91
C THR A 33 16.36 0.13 4.86
N GLY A 34 16.19 -1.11 5.34
CA GLY A 34 16.14 -2.25 4.43
C GLY A 34 14.72 -2.70 4.16
N THR A 35 13.81 -1.73 4.00
CA THR A 35 12.40 -2.03 3.73
C THR A 35 11.95 -1.37 2.42
N ASN A 36 11.04 -2.03 1.72
CA ASN A 36 10.52 -1.53 0.45
C ASN A 36 9.00 -1.69 0.39
N LEU A 37 8.40 -1.41 -0.77
CA LEU A 37 6.95 -1.51 -0.94
C LEU A 37 6.46 -2.91 -0.63
N ASN A 38 7.20 -3.93 -1.09
CA ASN A 38 6.84 -5.32 -0.84
C ASN A 38 6.71 -5.57 0.66
N GLY A 39 7.57 -4.92 1.44
CA GLY A 39 7.53 -5.05 2.88
C GLY A 39 6.45 -4.20 3.50
N LEU A 40 6.19 -3.03 2.90
CA LEU A 40 5.17 -2.12 3.40
C LEU A 40 3.79 -2.75 3.28
N VAL A 41 3.47 -3.24 2.08
CA VAL A 41 2.17 -3.87 1.84
C VAL A 41 1.94 -5.03 2.81
N GLN A 42 2.87 -5.99 2.82
CA GLN A 42 2.78 -7.16 3.70
C GLN A 42 2.50 -6.73 5.15
N LEU A 43 3.02 -5.57 5.55
CA LEU A 43 2.83 -5.04 6.91
C LEU A 43 1.39 -4.56 7.11
N LEU A 44 0.71 -4.14 6.03
CA LEU A 44 -0.66 -3.66 6.12
C LEU A 44 -1.67 -4.75 5.78
N LYS A 45 -1.37 -5.59 4.78
CA LYS A 45 -2.29 -6.64 4.38
C LYS A 45 -2.17 -7.87 5.29
N THR A 46 -1.06 -8.60 5.19
CA THR A 46 -0.85 -9.78 6.01
C THR A 46 -1.05 -9.49 7.51
N ASN A 47 -0.86 -8.23 7.91
CA ASN A 47 -1.03 -7.84 9.30
C ASN A 47 -2.42 -7.23 9.56
N TYR A 48 -2.95 -6.46 8.60
CA TYR A 48 -4.25 -5.82 8.75
C TYR A 48 -5.05 -5.80 7.44
N VAL A 49 -5.30 -6.97 6.88
CA VAL A 49 -6.06 -7.08 5.62
C VAL A 49 -7.53 -7.40 5.89
N LYS A 50 -7.79 -8.19 6.94
CA LYS A 50 -9.16 -8.58 7.29
C LYS A 50 -9.71 -9.60 6.30
N GLU A 51 -9.70 -9.25 5.01
CA GLU A 51 -10.18 -10.14 3.97
C GLU A 51 -9.02 -10.97 3.42
N ARG A 52 -9.29 -11.79 2.40
CA ARG A 52 -8.26 -12.63 1.80
C ARG A 52 -7.10 -11.79 1.25
N PRO A 53 -5.85 -12.27 1.42
CA PRO A 53 -4.66 -11.57 0.94
C PRO A 53 -4.39 -11.80 -0.55
N ASP A 54 -4.98 -12.85 -1.11
CA ASP A 54 -4.79 -13.18 -2.52
C ASP A 54 -5.77 -12.44 -3.44
N LEU A 55 -6.56 -11.52 -2.88
CA LEU A 55 -7.51 -10.77 -3.69
C LEU A 55 -6.90 -9.47 -4.23
N LEU A 56 -5.84 -8.98 -3.58
CA LEU A 56 -5.18 -7.75 -4.02
C LEU A 56 -3.91 -8.05 -4.79
N VAL A 57 -3.07 -8.95 -4.28
CA VAL A 57 -1.82 -9.29 -4.94
C VAL A 57 -2.05 -9.75 -6.37
N ASP A 58 -1.06 -9.52 -7.22
CA ASP A 58 -1.14 -9.91 -8.63
C ASP A 58 -1.18 -11.42 -8.77
N GLN A 59 -0.17 -12.10 -8.22
CA GLN A 59 -0.10 -13.56 -8.28
C GLN A 59 1.07 -14.08 -7.45
N THR A 60 2.23 -13.44 -7.60
CA THR A 60 3.43 -13.84 -6.86
C THR A 60 3.45 -13.25 -5.44
N GLY A 61 2.33 -12.65 -5.01
CA GLY A 61 2.25 -12.05 -3.69
C GLY A 61 3.33 -11.00 -3.46
N GLN A 62 3.83 -10.42 -4.55
CA GLN A 62 4.87 -9.39 -4.47
C GLN A 62 4.31 -8.04 -4.88
N THR A 63 3.54 -8.03 -5.96
CA THR A 63 2.92 -6.81 -6.46
C THR A 63 1.41 -6.91 -6.37
N LEU A 64 0.72 -5.79 -6.56
CA LEU A 64 -0.74 -5.77 -6.49
C LEU A 64 -1.36 -5.87 -7.88
N ARG A 65 -2.59 -6.40 -7.93
CA ARG A 65 -3.31 -6.57 -9.19
C ARG A 65 -3.45 -5.25 -9.94
N PRO A 66 -3.62 -5.31 -11.28
CA PRO A 66 -3.78 -4.12 -12.13
C PRO A 66 -5.00 -3.28 -11.74
N GLY A 67 -6.07 -3.97 -11.34
CA GLY A 67 -7.30 -3.30 -10.95
C GLY A 67 -7.08 -2.12 -10.02
N ILE A 68 -6.10 -2.23 -9.12
CA ILE A 68 -5.79 -1.14 -8.19
C ILE A 68 -4.55 -0.37 -8.64
N LEU A 69 -4.61 0.95 -8.52
CA LEU A 69 -3.49 1.81 -8.92
C LEU A 69 -2.76 2.35 -7.69
N VAL A 70 -1.52 1.89 -7.48
CA VAL A 70 -0.72 2.32 -6.34
C VAL A 70 -0.05 3.67 -6.62
N LEU A 71 -0.27 4.63 -5.73
CA LEU A 71 0.30 5.97 -5.87
C LEU A 71 1.13 6.35 -4.65
N VAL A 72 2.37 6.76 -4.90
CA VAL A 72 3.28 7.17 -3.83
C VAL A 72 3.43 8.69 -3.81
N ASN A 73 2.75 9.35 -2.88
CA ASN A 73 2.79 10.82 -2.75
C ASN A 73 2.38 11.48 -4.07
N SER A 74 1.18 11.14 -4.55
CA SER A 74 0.64 11.69 -5.80
C SER A 74 1.54 11.35 -6.99
N CYS A 75 2.03 10.11 -7.03
CA CYS A 75 2.90 9.66 -8.12
C CYS A 75 2.91 8.13 -8.20
N ASP A 76 2.48 7.60 -9.34
CA ASP A 76 2.43 6.14 -9.55
C ASP A 76 3.74 5.48 -9.12
N ALA A 77 3.64 4.47 -8.26
CA ALA A 77 4.81 3.74 -7.77
C ALA A 77 5.48 2.92 -8.88
N GLU A 78 4.69 2.49 -9.86
CA GLU A 78 5.21 1.69 -10.97
C GLU A 78 6.10 2.54 -11.87
N VAL A 79 5.87 3.84 -11.88
CA VAL A 79 6.66 4.74 -12.70
C VAL A 79 8.14 4.65 -12.34
N VAL A 80 8.43 4.34 -11.07
CA VAL A 80 9.81 4.22 -10.59
C VAL A 80 10.17 2.78 -10.25
N GLY A 81 9.22 2.03 -9.69
CA GLY A 81 9.47 0.64 -9.32
C GLY A 81 8.24 -0.24 -9.42
N GLY A 82 7.22 0.08 -8.63
CA GLY A 82 5.99 -0.70 -8.64
C GLY A 82 5.78 -1.46 -7.35
N MET A 83 6.68 -2.40 -7.06
CA MET A 83 6.60 -3.20 -5.84
C MET A 83 7.96 -3.30 -5.15
N ASP A 84 8.84 -2.33 -5.40
CA ASP A 84 10.16 -2.31 -4.78
C ASP A 84 10.57 -0.90 -4.33
N TYR A 85 9.57 -0.05 -4.07
CA TYR A 85 9.84 1.33 -3.63
C TYR A 85 10.37 1.36 -2.19
N VAL A 86 11.59 1.88 -2.02
CA VAL A 86 12.23 1.97 -0.71
C VAL A 86 11.44 2.87 0.26
N LEU A 87 11.77 2.79 1.55
CA LEU A 87 11.09 3.59 2.58
C LEU A 87 12.06 4.56 3.26
N ASN A 88 11.52 5.67 3.78
CA ASN A 88 12.32 6.68 4.47
C ASN A 88 11.48 7.52 5.44
N ASP A 89 10.47 6.89 6.05
CA ASP A 89 9.58 7.57 7.01
C ASP A 89 8.77 8.67 6.32
N GLY A 90 7.46 8.46 6.21
CA GLY A 90 6.58 9.43 5.59
C GLY A 90 6.24 9.08 4.16
N ASP A 91 6.17 7.77 3.88
CA ASP A 91 5.85 7.29 2.53
C ASP A 91 4.33 7.12 2.38
N THR A 92 3.74 7.95 1.54
CA THR A 92 2.30 7.90 1.30
C THR A 92 1.96 6.81 0.28
N VAL A 93 0.99 5.96 0.63
CA VAL A 93 0.57 4.88 -0.26
C VAL A 93 -0.94 4.72 -0.24
N GLU A 94 -1.55 4.74 -1.43
CA GLU A 94 -3.00 4.61 -1.57
C GLU A 94 -3.36 3.50 -2.54
N PHE A 95 -4.53 2.88 -2.30
CA PHE A 95 -5.01 1.79 -3.15
C PHE A 95 -6.36 2.17 -3.77
N ILE A 96 -6.34 2.50 -5.06
CA ILE A 96 -7.55 2.89 -5.78
C ILE A 96 -7.95 1.84 -6.82
N SER A 97 -9.04 1.11 -6.55
CA SER A 97 -9.53 0.08 -7.45
C SER A 97 -10.27 0.67 -8.65
N THR A 98 -10.22 -0.04 -9.78
CA THR A 98 -10.89 0.41 -11.01
C THR A 98 -11.33 -0.78 -11.86
N LEU A 99 -10.35 -1.56 -12.33
CA LEU A 99 -10.65 -2.73 -13.17
C LEU A 99 -10.84 -3.98 -12.32
N HIS A 100 -12.05 -4.55 -12.38
CA HIS A 100 -12.37 -5.75 -11.62
C HIS A 100 -12.87 -6.86 -12.54
N GLY A 101 -13.19 -8.02 -11.94
CA GLY A 101 -13.68 -9.14 -12.73
C GLY A 101 -12.60 -10.19 -12.95
N GLY A 102 -11.46 -9.75 -13.49
CA GLY A 102 -10.37 -10.66 -13.75
C GLY A 102 -10.60 -11.53 -14.98
N MET A 1 -0.79 15.62 13.29
CA MET A 1 -0.07 16.85 12.88
C MET A 1 1.30 16.54 12.27
N SER A 2 1.98 15.52 12.81
CA SER A 2 3.31 15.12 12.32
C SER A 2 3.21 14.43 10.95
N ASN A 3 4.30 14.53 10.18
CA ASN A 3 4.36 13.92 8.85
C ASN A 3 5.42 12.82 8.80
N HIS A 4 6.60 13.09 9.34
CA HIS A 4 7.69 12.11 9.35
C HIS A 4 7.43 11.02 10.40
N ASN A 5 8.04 9.85 10.16
CA ASN A 5 7.90 8.69 11.07
C ASN A 5 6.61 7.89 10.78
N HIS A 6 5.59 8.56 10.22
CA HIS A 6 4.33 7.89 9.91
C HIS A 6 4.12 7.80 8.40
N ILE A 7 3.48 6.70 7.96
CA ILE A 7 3.21 6.49 6.54
C ILE A 7 1.75 6.77 6.22
N THR A 8 1.52 7.43 5.09
CA THR A 8 0.17 7.76 4.64
C THR A 8 -0.44 6.61 3.83
N VAL A 9 -1.19 5.74 4.51
CA VAL A 9 -1.82 4.59 3.85
C VAL A 9 -3.35 4.68 3.92
N GLN A 10 -3.98 5.00 2.79
CA GLN A 10 -5.44 5.11 2.74
C GLN A 10 -6.04 4.25 1.62
N PHE A 11 -7.37 4.15 1.62
CA PHE A 11 -8.08 3.36 0.62
C PHE A 11 -9.28 4.14 0.08
N ALA A 12 -9.59 3.93 -1.20
CA ALA A 12 -10.72 4.60 -1.85
C ALA A 12 -11.04 3.96 -3.19
N GLY A 13 -12.21 3.33 -3.29
CA GLY A 13 -12.61 2.69 -4.52
C GLY A 13 -12.75 1.18 -4.38
N GLY A 14 -13.40 0.74 -3.31
CA GLY A 14 -13.60 -0.68 -3.08
C GLY A 14 -12.37 -1.38 -2.53
N CYS A 15 -11.38 -0.62 -2.05
CA CYS A 15 -10.16 -1.20 -1.49
C CYS A 15 -10.12 -1.07 0.02
N GLU A 16 -10.82 -0.08 0.56
CA GLU A 16 -10.86 0.16 2.01
C GLU A 16 -11.44 -1.04 2.76
N LEU A 17 -12.21 -1.88 2.05
CA LEU A 17 -12.82 -3.07 2.67
C LEU A 17 -11.77 -4.12 3.03
N LEU A 18 -10.51 -3.90 2.64
CA LEU A 18 -9.44 -4.86 2.94
C LEU A 18 -8.82 -4.61 4.33
N PHE A 19 -9.47 -3.78 5.16
CA PHE A 19 -8.98 -3.48 6.50
C PHE A 19 -10.16 -3.25 7.45
N ALA A 20 -10.92 -2.21 7.17
CA ALA A 20 -12.09 -1.87 7.99
C ALA A 20 -12.85 -0.69 7.40
N LYS A 21 -12.92 -0.63 6.06
CA LYS A 21 -13.60 0.45 5.36
C LYS A 21 -13.13 1.81 5.87
N GLN A 22 -11.85 1.90 6.22
CA GLN A 22 -11.26 3.13 6.74
C GLN A 22 -10.97 4.11 5.61
N THR A 23 -10.67 5.35 5.98
CA THR A 23 -10.37 6.38 5.00
C THR A 23 -8.86 6.61 4.87
N SER A 24 -8.12 6.43 5.97
CA SER A 24 -6.67 6.61 5.95
C SER A 24 -6.04 6.10 7.25
N LEU A 25 -4.82 5.58 7.15
CA LEU A 25 -4.11 5.06 8.32
C LEU A 25 -2.66 5.56 8.37
N GLN A 26 -2.01 5.39 9.53
CA GLN A 26 -0.63 5.81 9.70
C GLN A 26 0.20 4.70 10.34
N LEU A 27 1.19 4.20 9.60
CA LEU A 27 2.05 3.12 10.09
C LEU A 27 3.33 3.70 10.71
N ASP A 28 3.77 3.11 11.81
CA ASP A 28 4.98 3.56 12.50
C ASP A 28 6.17 2.67 12.12
N GLY A 29 7.07 3.22 11.30
CA GLY A 29 8.24 2.46 10.86
C GLY A 29 9.25 2.25 11.97
N VAL A 30 10.21 1.35 11.74
CA VAL A 30 11.25 1.05 12.73
C VAL A 30 12.65 1.05 12.11
N VAL A 31 12.81 0.37 10.98
CA VAL A 31 14.10 0.30 10.29
C VAL A 31 13.94 0.51 8.79
N PRO A 32 13.96 1.77 8.33
CA PRO A 32 13.82 2.10 6.90
C PRO A 32 14.82 1.37 6.01
N THR A 33 15.94 0.95 6.60
CA THR A 33 16.98 0.24 5.86
C THR A 33 16.44 -1.07 5.27
N GLY A 34 15.96 -1.96 6.13
CA GLY A 34 15.42 -3.23 5.68
C GLY A 34 13.91 -3.20 5.49
N THR A 35 13.40 -2.10 4.91
CA THR A 35 11.97 -1.95 4.67
C THR A 35 11.70 -1.29 3.32
N ASN A 36 10.83 -1.92 2.52
CA ASN A 36 10.49 -1.40 1.20
C ASN A 36 8.98 -1.55 0.95
N LEU A 37 8.56 -1.33 -0.30
CA LEU A 37 7.15 -1.43 -0.67
C LEU A 37 6.60 -2.80 -0.32
N ASN A 38 7.39 -3.84 -0.56
CA ASN A 38 6.98 -5.21 -0.24
C ASN A 38 6.66 -5.31 1.24
N GLY A 39 7.43 -4.60 2.06
CA GLY A 39 7.21 -4.61 3.48
C GLY A 39 5.97 -3.80 3.86
N LEU A 40 5.68 -2.74 3.09
CA LEU A 40 4.51 -1.89 3.36
C LEU A 40 3.22 -2.70 3.18
N VAL A 41 3.12 -3.39 2.06
CA VAL A 41 1.93 -4.19 1.76
C VAL A 41 1.79 -5.34 2.76
N GLN A 42 2.85 -6.13 2.90
CA GLN A 42 2.86 -7.26 3.83
C GLN A 42 2.53 -6.83 5.27
N LEU A 43 2.84 -5.57 5.61
CA LEU A 43 2.58 -5.03 6.94
C LEU A 43 1.13 -4.53 7.04
N LEU A 44 0.48 -4.36 5.90
CA LEU A 44 -0.90 -3.89 5.85
C LEU A 44 -1.88 -5.06 5.72
N LYS A 45 -1.64 -5.94 4.75
CA LYS A 45 -2.52 -7.10 4.53
C LYS A 45 -2.12 -8.29 5.40
N THR A 46 -0.97 -8.91 5.11
CA THR A 46 -0.50 -10.06 5.89
C THR A 46 -0.55 -9.78 7.40
N ASN A 47 -0.35 -8.52 7.78
CA ASN A 47 -0.38 -8.12 9.18
C ASN A 47 -1.82 -8.04 9.71
N TYR A 48 -2.77 -7.64 8.84
CA TYR A 48 -4.18 -7.54 9.24
C TYR A 48 -5.11 -8.23 8.24
N VAL A 49 -5.27 -7.64 7.05
CA VAL A 49 -6.13 -8.17 5.98
C VAL A 49 -7.39 -8.87 6.51
N LYS A 50 -8.46 -8.09 6.70
CA LYS A 50 -9.74 -8.63 7.18
C LYS A 50 -10.43 -9.46 6.09
N GLU A 51 -10.24 -9.07 4.83
CA GLU A 51 -10.84 -9.77 3.70
C GLU A 51 -9.85 -10.76 3.08
N ARG A 52 -10.12 -11.19 1.85
CA ARG A 52 -9.24 -12.15 1.17
C ARG A 52 -7.87 -11.52 0.87
N PRO A 53 -6.78 -12.17 1.32
CA PRO A 53 -5.42 -11.67 1.09
C PRO A 53 -4.98 -11.83 -0.37
N ASP A 54 -5.53 -12.82 -1.07
CA ASP A 54 -5.19 -13.06 -2.46
C ASP A 54 -6.17 -12.37 -3.43
N LEU A 55 -7.07 -11.53 -2.91
CA LEU A 55 -8.03 -10.82 -3.76
C LEU A 55 -7.42 -9.57 -4.39
N LEU A 56 -6.25 -9.14 -3.90
CA LEU A 56 -5.58 -7.95 -4.43
C LEU A 56 -4.38 -8.33 -5.29
N VAL A 57 -3.56 -9.25 -4.81
CA VAL A 57 -2.37 -9.67 -5.55
C VAL A 57 -2.74 -10.24 -6.91
N ASP A 58 -1.83 -10.06 -7.87
CA ASP A 58 -2.03 -10.54 -9.22
C ASP A 58 -2.04 -12.07 -9.27
N GLN A 59 -0.96 -12.69 -8.80
CA GLN A 59 -0.86 -14.14 -8.76
C GLN A 59 0.39 -14.59 -8.02
N THR A 60 1.52 -13.94 -8.32
CA THR A 60 2.79 -14.28 -7.67
C THR A 60 2.89 -13.65 -6.27
N GLY A 61 1.81 -13.00 -5.82
CA GLY A 61 1.82 -12.37 -4.51
C GLY A 61 2.90 -11.31 -4.37
N GLN A 62 3.26 -10.70 -5.49
CA GLN A 62 4.29 -9.66 -5.50
C GLN A 62 3.72 -8.35 -6.05
N THR A 63 2.99 -8.45 -7.17
CA THR A 63 2.38 -7.29 -7.80
C THR A 63 0.85 -7.41 -7.72
N LEU A 64 0.17 -6.29 -7.47
CA LEU A 64 -1.29 -6.30 -7.36
C LEU A 64 -1.94 -6.58 -8.71
N ARG A 65 -3.16 -7.11 -8.67
CA ARG A 65 -3.91 -7.44 -9.89
C ARG A 65 -4.40 -6.18 -10.59
N PRO A 66 -4.71 -6.28 -11.90
CA PRO A 66 -5.20 -5.14 -12.69
C PRO A 66 -6.50 -4.58 -12.13
N GLY A 67 -6.55 -3.25 -11.99
CA GLY A 67 -7.73 -2.60 -11.46
C GLY A 67 -7.40 -1.50 -10.48
N ILE A 68 -6.51 -1.80 -9.53
CA ILE A 68 -6.10 -0.82 -8.53
C ILE A 68 -4.90 -0.01 -9.01
N LEU A 69 -4.87 1.27 -8.64
CA LEU A 69 -3.79 2.17 -9.03
C LEU A 69 -2.98 2.59 -7.81
N VAL A 70 -1.85 1.93 -7.60
CA VAL A 70 -0.97 2.25 -6.47
C VAL A 70 -0.14 3.49 -6.75
N LEU A 71 -0.12 4.42 -5.80
CA LEU A 71 0.63 5.66 -5.95
C LEU A 71 1.52 5.93 -4.73
N VAL A 72 2.81 6.16 -4.98
CA VAL A 72 3.77 6.44 -3.92
C VAL A 72 4.09 7.94 -3.87
N ASN A 73 3.80 8.57 -2.74
CA ASN A 73 4.05 10.00 -2.56
C ASN A 73 3.30 10.83 -3.60
N SER A 74 1.98 10.61 -3.69
CA SER A 74 1.13 11.33 -4.65
C SER A 74 1.67 11.22 -6.07
N CYS A 75 2.24 10.06 -6.41
CA CYS A 75 2.79 9.82 -7.73
C CYS A 75 2.70 8.34 -8.08
N ASP A 76 2.65 8.03 -9.38
CA ASP A 76 2.56 6.63 -9.83
C ASP A 76 3.62 5.76 -9.14
N ALA A 77 3.17 4.69 -8.48
CA ALA A 77 4.08 3.78 -7.79
C ALA A 77 5.00 3.05 -8.77
N GLU A 78 4.59 3.00 -10.04
CA GLU A 78 5.39 2.34 -11.06
C GLU A 78 6.59 3.20 -11.45
N VAL A 79 6.43 4.51 -11.36
CA VAL A 79 7.51 5.43 -11.70
C VAL A 79 8.64 5.37 -10.67
N VAL A 80 8.28 5.31 -9.38
CA VAL A 80 9.28 5.25 -8.31
C VAL A 80 10.03 3.91 -8.31
N GLY A 81 9.36 2.85 -8.78
CA GLY A 81 9.98 1.54 -8.84
C GLY A 81 9.02 0.39 -8.60
N GLY A 82 7.79 0.51 -9.09
CA GLY A 82 6.79 -0.55 -8.91
C GLY A 82 6.61 -0.94 -7.45
N MET A 83 7.24 -2.04 -7.05
CA MET A 83 7.17 -2.53 -5.68
C MET A 83 8.56 -2.63 -5.05
N ASP A 84 9.49 -1.78 -5.51
CA ASP A 84 10.86 -1.79 -5.01
C ASP A 84 11.23 -0.46 -4.33
N TYR A 85 10.22 0.31 -3.92
CA TYR A 85 10.46 1.59 -3.26
C TYR A 85 10.78 1.42 -1.79
N VAL A 86 11.97 1.88 -1.39
CA VAL A 86 12.41 1.77 0.01
C VAL A 86 11.70 2.79 0.91
N LEU A 87 11.68 2.51 2.21
CA LEU A 87 11.03 3.41 3.17
C LEU A 87 12.02 4.42 3.74
N ASN A 88 11.51 5.60 4.10
CA ASN A 88 12.35 6.67 4.65
C ASN A 88 11.58 7.51 5.67
N ASP A 89 10.62 6.89 6.37
CA ASP A 89 9.80 7.59 7.37
C ASP A 89 9.03 8.75 6.76
N GLY A 90 7.78 8.52 6.40
CA GLY A 90 6.94 9.55 5.82
C GLY A 90 6.49 9.21 4.41
N ASP A 91 6.36 7.91 4.12
CA ASP A 91 5.92 7.45 2.80
C ASP A 91 4.40 7.60 2.64
N THR A 92 3.93 7.50 1.41
CA THR A 92 2.50 7.62 1.12
C THR A 92 2.06 6.63 0.06
N VAL A 93 1.22 5.66 0.45
CA VAL A 93 0.73 4.66 -0.48
C VAL A 93 -0.80 4.62 -0.47
N GLU A 94 -1.40 4.53 -1.66
CA GLU A 94 -2.85 4.50 -1.79
C GLU A 94 -3.30 3.43 -2.78
N PHE A 95 -4.53 2.93 -2.58
CA PHE A 95 -5.09 1.90 -3.46
C PHE A 95 -6.45 2.35 -4.00
N ILE A 96 -6.46 2.75 -5.28
CA ILE A 96 -7.68 3.21 -5.94
C ILE A 96 -8.07 2.30 -7.10
N SER A 97 -9.23 1.66 -7.00
CA SER A 97 -9.69 0.75 -8.06
C SER A 97 -10.46 1.52 -9.13
N THR A 98 -10.03 1.36 -10.39
CA THR A 98 -10.67 2.03 -11.51
C THR A 98 -10.82 1.08 -12.71
N LEU A 99 -9.69 0.55 -13.18
CA LEU A 99 -9.68 -0.35 -14.33
C LEU A 99 -10.35 -1.69 -13.98
N HIS A 100 -10.85 -2.39 -15.00
CA HIS A 100 -11.52 -3.68 -14.79
C HIS A 100 -11.13 -4.67 -15.90
N GLY A 101 -11.52 -4.37 -17.13
CA GLY A 101 -11.21 -5.25 -18.25
C GLY A 101 -9.93 -4.86 -18.95
N GLY A 102 -9.93 -3.65 -19.52
CA GLY A 102 -8.75 -3.17 -20.24
C GLY A 102 -8.71 -3.63 -21.68
N MET A 1 9.17 19.89 10.81
CA MET A 1 10.65 19.89 10.76
C MET A 1 11.22 18.49 11.03
N SER A 2 11.00 18.00 12.24
CA SER A 2 11.49 16.68 12.63
C SER A 2 10.80 16.20 13.91
N ASN A 3 9.76 15.36 13.73
CA ASN A 3 9.01 14.83 14.86
C ASN A 3 8.59 13.39 14.60
N HIS A 4 9.27 12.44 15.27
CA HIS A 4 8.99 11.01 15.14
C HIS A 4 8.90 10.57 13.65
N ASN A 5 8.45 9.33 13.44
CA ASN A 5 8.32 8.79 12.09
C ASN A 5 6.94 8.16 11.88
N HIS A 6 6.48 8.13 10.63
CA HIS A 6 5.17 7.57 10.29
C HIS A 6 5.01 7.36 8.79
N ILE A 7 3.96 6.64 8.39
CA ILE A 7 3.68 6.38 6.98
C ILE A 7 2.22 6.66 6.64
N THR A 8 2.02 7.31 5.50
CA THR A 8 0.68 7.67 5.03
C THR A 8 0.06 6.51 4.23
N VAL A 9 -0.94 5.85 4.80
CA VAL A 9 -1.60 4.72 4.14
C VAL A 9 -3.12 4.90 4.14
N GLN A 10 -3.69 5.09 2.95
CA GLN A 10 -5.14 5.28 2.82
C GLN A 10 -5.70 4.50 1.64
N PHE A 11 -7.03 4.38 1.60
CA PHE A 11 -7.70 3.66 0.53
C PHE A 11 -8.90 4.44 0.00
N ALA A 12 -9.19 4.27 -1.28
CA ALA A 12 -10.31 4.95 -1.93
C ALA A 12 -10.64 4.29 -3.27
N GLY A 13 -11.91 3.96 -3.46
CA GLY A 13 -12.35 3.34 -4.70
C GLY A 13 -12.60 1.85 -4.55
N GLY A 14 -13.22 1.45 -3.43
CA GLY A 14 -13.51 0.06 -3.19
C GLY A 14 -12.29 -0.76 -2.78
N CYS A 15 -11.23 -0.09 -2.31
CA CYS A 15 -10.00 -0.77 -1.89
C CYS A 15 -9.80 -0.69 -0.37
N GLU A 16 -10.58 0.16 0.30
CA GLU A 16 -10.48 0.32 1.75
C GLU A 16 -10.98 -0.91 2.49
N LEU A 17 -11.71 -1.79 1.79
CA LEU A 17 -12.24 -3.02 2.39
C LEU A 17 -11.12 -4.02 2.73
N LEU A 18 -9.88 -3.72 2.35
CA LEU A 18 -8.74 -4.60 2.63
C LEU A 18 -8.21 -4.43 4.05
N PHE A 19 -8.98 -3.74 4.92
CA PHE A 19 -8.57 -3.51 6.30
C PHE A 19 -9.80 -3.33 7.19
N ALA A 20 -10.62 -2.33 6.87
CA ALA A 20 -11.83 -2.04 7.63
C ALA A 20 -12.59 -0.85 7.02
N LYS A 21 -12.58 -0.76 5.69
CA LYS A 21 -13.26 0.33 4.99
C LYS A 21 -12.88 1.70 5.59
N GLN A 22 -11.63 1.81 6.05
CA GLN A 22 -11.13 3.04 6.65
C GLN A 22 -10.66 4.02 5.57
N THR A 23 -10.45 5.28 5.97
CA THR A 23 -9.99 6.30 5.05
C THR A 23 -8.46 6.33 4.97
N SER A 24 -7.81 6.79 6.04
CA SER A 24 -6.35 6.85 6.08
C SER A 24 -5.81 6.37 7.43
N LEU A 25 -4.56 5.92 7.43
CA LEU A 25 -3.92 5.43 8.65
C LEU A 25 -2.45 5.87 8.73
N GLN A 26 -1.87 5.75 9.93
CA GLN A 26 -0.48 6.14 10.16
C GLN A 26 0.33 4.95 10.69
N LEU A 27 1.25 4.44 9.88
CA LEU A 27 2.08 3.31 10.26
C LEU A 27 3.42 3.77 10.81
N ASP A 28 3.81 3.26 11.97
CA ASP A 28 5.08 3.62 12.59
C ASP A 28 5.94 2.37 12.84
N GLY A 29 6.77 2.02 11.84
CA GLY A 29 7.62 0.85 11.96
C GLY A 29 8.82 1.09 12.86
N VAL A 30 9.49 0.01 13.26
CA VAL A 30 10.67 0.12 14.12
C VAL A 30 11.96 0.18 13.31
N VAL A 31 12.08 -0.69 12.31
CA VAL A 31 13.27 -0.72 11.46
C VAL A 31 12.91 -0.76 9.98
N PRO A 32 12.40 0.37 9.43
CA PRO A 32 12.02 0.48 8.03
C PRO A 32 13.18 0.84 7.10
N THR A 33 14.42 0.64 7.56
CA THR A 33 15.60 0.95 6.77
C THR A 33 15.61 0.16 5.46
N GLY A 34 15.58 -1.18 5.58
CA GLY A 34 15.58 -2.02 4.39
C GLY A 34 14.19 -2.49 4.01
N THR A 35 13.20 -1.61 4.18
CA THR A 35 11.81 -1.93 3.86
C THR A 35 11.37 -1.26 2.56
N ASN A 36 10.67 -2.02 1.72
CA ASN A 36 10.18 -1.50 0.44
C ASN A 36 8.66 -1.71 0.32
N LEU A 37 8.12 -1.43 -0.87
CA LEU A 37 6.68 -1.58 -1.11
C LEU A 37 6.20 -2.99 -0.76
N ASN A 38 6.97 -4.00 -1.18
CA ASN A 38 6.61 -5.39 -0.90
C ASN A 38 6.46 -5.60 0.60
N GLY A 39 7.29 -4.91 1.37
CA GLY A 39 7.24 -5.01 2.81
C GLY A 39 6.11 -4.17 3.39
N LEU A 40 5.81 -3.03 2.75
CA LEU A 40 4.74 -2.14 3.21
C LEU A 40 3.39 -2.85 3.12
N VAL A 41 3.10 -3.41 1.95
CA VAL A 41 1.84 -4.12 1.73
C VAL A 41 1.68 -5.26 2.74
N GLN A 42 2.65 -6.16 2.76
CA GLN A 42 2.63 -7.30 3.69
C GLN A 42 2.35 -6.84 5.12
N LEU A 43 2.85 -5.66 5.48
CA LEU A 43 2.65 -5.11 6.83
C LEU A 43 1.19 -4.71 7.06
N LEU A 44 0.46 -4.36 5.99
CA LEU A 44 -0.93 -3.97 6.11
C LEU A 44 -1.90 -5.12 5.83
N LYS A 45 -1.57 -5.98 4.86
CA LYS A 45 -2.42 -7.10 4.52
C LYS A 45 -2.14 -8.32 5.40
N THR A 46 -0.93 -8.86 5.33
CA THR A 46 -0.56 -10.02 6.14
C THR A 46 -0.75 -9.75 7.63
N ASN A 47 -0.76 -8.47 8.02
CA ASN A 47 -0.93 -8.10 9.43
C ASN A 47 -2.37 -7.70 9.73
N TYR A 48 -3.03 -7.03 8.78
CA TYR A 48 -4.42 -6.57 8.98
C TYR A 48 -5.21 -6.51 7.69
N VAL A 49 -5.25 -7.62 6.94
CA VAL A 49 -5.98 -7.65 5.67
C VAL A 49 -7.48 -7.87 5.91
N LYS A 50 -7.81 -8.81 6.80
CA LYS A 50 -9.21 -9.14 7.12
C LYS A 50 -9.89 -9.82 5.92
N GLU A 51 -9.91 -9.12 4.78
CA GLU A 51 -10.51 -9.65 3.56
C GLU A 51 -9.60 -10.72 2.96
N ARG A 52 -9.88 -11.13 1.72
CA ARG A 52 -9.08 -12.15 1.05
C ARG A 52 -7.69 -11.63 0.70
N PRO A 53 -6.63 -12.36 1.09
CA PRO A 53 -5.25 -11.95 0.80
C PRO A 53 -4.89 -12.13 -0.68
N ASP A 54 -5.59 -13.03 -1.36
CA ASP A 54 -5.35 -13.30 -2.77
C ASP A 54 -6.23 -12.45 -3.70
N LEU A 55 -6.97 -11.49 -3.13
CA LEU A 55 -7.82 -10.62 -3.94
C LEU A 55 -7.04 -9.42 -4.48
N LEU A 56 -5.91 -9.10 -3.84
CA LEU A 56 -5.09 -7.97 -4.28
C LEU A 56 -3.84 -8.46 -5.03
N VAL A 57 -3.13 -9.42 -4.46
CA VAL A 57 -1.92 -9.94 -5.10
C VAL A 57 -2.25 -10.58 -6.43
N ASP A 58 -1.33 -10.44 -7.38
CA ASP A 58 -1.49 -10.99 -8.72
C ASP A 58 -1.53 -12.52 -8.66
N GLN A 59 -0.47 -13.11 -8.16
CA GLN A 59 -0.38 -14.57 -8.03
C GLN A 59 0.83 -14.99 -7.20
N THR A 60 1.97 -14.36 -7.45
CA THR A 60 3.19 -14.66 -6.71
C THR A 60 3.21 -13.97 -5.35
N GLY A 61 2.13 -13.26 -5.01
CA GLY A 61 2.06 -12.56 -3.75
C GLY A 61 3.13 -11.49 -3.62
N GLN A 62 3.54 -10.94 -4.76
CA GLN A 62 4.58 -9.91 -4.77
C GLN A 62 4.09 -8.64 -5.47
N THR A 63 3.37 -8.81 -6.58
CA THR A 63 2.84 -7.69 -7.33
C THR A 63 1.32 -7.66 -7.27
N LEU A 64 0.76 -6.47 -7.06
CA LEU A 64 -0.69 -6.30 -6.99
C LEU A 64 -1.34 -6.50 -8.35
N ARG A 65 -2.40 -7.29 -8.39
CA ARG A 65 -3.12 -7.56 -9.62
C ARG A 65 -3.64 -6.28 -10.28
N PRO A 66 -3.85 -6.30 -11.61
CA PRO A 66 -4.34 -5.13 -12.36
C PRO A 66 -5.70 -4.64 -11.83
N GLY A 67 -5.84 -3.33 -11.73
CA GLY A 67 -7.08 -2.74 -11.25
C GLY A 67 -6.83 -1.60 -10.28
N ILE A 68 -5.94 -1.83 -9.31
CA ILE A 68 -5.61 -0.82 -8.31
C ILE A 68 -4.38 -0.02 -8.74
N LEU A 69 -4.50 1.30 -8.73
CA LEU A 69 -3.39 2.18 -9.10
C LEU A 69 -2.68 2.71 -7.86
N VAL A 70 -1.52 2.14 -7.56
CA VAL A 70 -0.74 2.56 -6.40
C VAL A 70 -0.01 3.87 -6.67
N LEU A 71 -0.08 4.81 -5.73
CA LEU A 71 0.57 6.11 -5.88
C LEU A 71 1.43 6.45 -4.67
N VAL A 72 2.58 7.07 -4.93
CA VAL A 72 3.50 7.48 -3.88
C VAL A 72 3.58 9.00 -3.79
N ASN A 73 3.07 9.56 -2.70
CA ASN A 73 3.08 11.01 -2.48
C ASN A 73 2.37 11.74 -3.62
N SER A 74 1.12 11.34 -3.89
CA SER A 74 0.33 11.95 -4.96
C SER A 74 1.04 11.85 -6.32
N CYS A 75 1.51 10.64 -6.64
CA CYS A 75 2.21 10.40 -7.91
C CYS A 75 2.24 8.92 -8.23
N ASP A 76 2.17 8.59 -9.52
CA ASP A 76 2.19 7.19 -9.97
C ASP A 76 3.34 6.41 -9.35
N ALA A 77 3.00 5.34 -8.64
CA ALA A 77 4.01 4.50 -7.99
C ALA A 77 4.59 3.46 -8.96
N GLU A 78 3.85 3.14 -10.01
CA GLU A 78 4.30 2.16 -11.00
C GLU A 78 5.38 2.75 -11.89
N VAL A 79 5.32 4.06 -12.11
CA VAL A 79 6.30 4.74 -12.94
C VAL A 79 7.70 4.66 -12.33
N VAL A 80 7.78 4.81 -11.01
CA VAL A 80 9.06 4.76 -10.31
C VAL A 80 9.51 3.31 -10.08
N GLY A 81 8.56 2.42 -9.81
CA GLY A 81 8.89 1.02 -9.59
C GLY A 81 7.68 0.11 -9.61
N GLY A 82 6.65 0.46 -8.84
CA GLY A 82 5.45 -0.35 -8.78
C GLY A 82 5.41 -1.25 -7.56
N MET A 83 6.49 -1.99 -7.33
CA MET A 83 6.58 -2.89 -6.19
C MET A 83 8.01 -2.95 -5.63
N ASP A 84 8.78 -1.88 -5.85
CA ASP A 84 10.15 -1.81 -5.36
C ASP A 84 10.51 -0.42 -4.84
N TYR A 85 9.50 0.35 -4.43
CA TYR A 85 9.74 1.69 -3.89
C TYR A 85 10.17 1.62 -2.43
N VAL A 86 11.47 1.80 -2.18
CA VAL A 86 12.01 1.77 -0.82
C VAL A 86 11.60 3.02 -0.05
N LEU A 87 11.38 2.87 1.25
CA LEU A 87 10.98 3.98 2.11
C LEU A 87 11.41 3.75 3.55
N ASN A 88 11.39 4.81 4.37
CA ASN A 88 11.78 4.72 5.77
C ASN A 88 10.77 5.45 6.67
N ASP A 89 10.67 6.77 6.50
CA ASP A 89 9.75 7.59 7.31
C ASP A 89 9.22 8.76 6.49
N GLY A 90 7.89 8.95 6.53
CA GLY A 90 7.26 10.04 5.80
C GLY A 90 6.83 9.64 4.40
N ASP A 91 6.65 8.33 4.18
CA ASP A 91 6.23 7.81 2.88
C ASP A 91 4.71 7.82 2.76
N THR A 92 4.21 7.70 1.52
CA THR A 92 2.78 7.69 1.26
C THR A 92 2.42 6.64 0.21
N VAL A 93 1.42 5.82 0.53
CA VAL A 93 0.97 4.77 -0.39
C VAL A 93 -0.56 4.65 -0.37
N GLU A 94 -1.17 4.78 -1.54
CA GLU A 94 -2.64 4.70 -1.65
C GLU A 94 -3.05 3.67 -2.70
N PHE A 95 -4.08 2.89 -2.36
CA PHE A 95 -4.60 1.85 -3.25
C PHE A 95 -5.96 2.28 -3.82
N ILE A 96 -5.95 2.69 -5.09
CA ILE A 96 -7.19 3.12 -5.76
C ILE A 96 -7.63 2.10 -6.80
N SER A 97 -8.67 1.34 -6.49
CA SER A 97 -9.20 0.33 -7.40
C SER A 97 -10.20 0.95 -8.37
N THR A 98 -10.13 0.51 -9.64
CA THR A 98 -11.02 1.01 -10.68
C THR A 98 -11.49 -0.12 -11.60
N LEU A 99 -10.53 -0.85 -12.17
CA LEU A 99 -10.83 -1.97 -13.06
C LEU A 99 -11.05 -3.25 -12.27
N HIS A 100 -12.26 -3.39 -11.73
CA HIS A 100 -12.60 -4.59 -10.94
C HIS A 100 -13.33 -5.61 -11.80
N GLY A 101 -12.67 -6.74 -12.03
CA GLY A 101 -13.25 -7.80 -12.83
C GLY A 101 -12.53 -7.97 -14.16
N GLY A 102 -13.31 -8.09 -15.24
CA GLY A 102 -12.73 -8.27 -16.56
C GLY A 102 -13.31 -7.31 -17.58
N MET A 1 15.65 18.28 9.91
CA MET A 1 15.98 17.64 11.22
C MET A 1 14.72 17.12 11.92
N SER A 2 13.81 18.05 12.26
CA SER A 2 12.56 17.67 12.95
C SER A 2 11.48 17.27 11.95
N ASN A 3 11.54 16.01 11.50
CA ASN A 3 10.57 15.49 10.54
C ASN A 3 9.62 14.48 11.21
N HIS A 4 10.18 13.65 12.10
CA HIS A 4 9.40 12.64 12.83
C HIS A 4 9.00 11.48 11.91
N ASN A 5 9.16 10.25 12.40
CA ASN A 5 8.81 9.05 11.63
C ASN A 5 7.30 8.89 11.53
N HIS A 6 6.81 8.69 10.31
CA HIS A 6 5.37 8.52 10.08
C HIS A 6 5.09 8.06 8.64
N ILE A 7 4.09 7.20 8.48
CA ILE A 7 3.72 6.68 7.15
C ILE A 7 2.30 7.11 6.78
N THR A 8 2.05 7.22 5.47
CA THR A 8 0.74 7.62 4.97
C THR A 8 0.11 6.51 4.12
N VAL A 9 -0.84 5.78 4.71
CA VAL A 9 -1.51 4.68 4.02
C VAL A 9 -3.03 4.80 4.09
N GLN A 10 -3.68 5.07 2.96
CA GLN A 10 -5.13 5.20 2.91
C GLN A 10 -5.75 4.34 1.82
N PHE A 11 -7.07 4.15 1.88
CA PHE A 11 -7.78 3.35 0.89
C PHE A 11 -8.94 4.13 0.29
N ALA A 12 -9.03 4.11 -1.04
CA ALA A 12 -10.09 4.82 -1.76
C ALA A 12 -10.65 3.97 -2.91
N GLY A 13 -11.91 4.18 -3.24
CA GLY A 13 -12.55 3.45 -4.31
C GLY A 13 -13.15 2.14 -3.86
N GLY A 14 -12.39 1.06 -4.00
CA GLY A 14 -12.86 -0.26 -3.59
C GLY A 14 -11.80 -1.06 -2.86
N CYS A 15 -10.87 -0.37 -2.19
CA CYS A 15 -9.79 -1.04 -1.45
C CYS A 15 -9.99 -0.90 0.07
N GLU A 16 -10.64 0.17 0.50
CA GLU A 16 -10.89 0.41 1.92
C GLU A 16 -11.65 -0.76 2.56
N LEU A 17 -12.49 -1.42 1.76
CA LEU A 17 -13.27 -2.57 2.24
C LEU A 17 -12.38 -3.77 2.54
N LEU A 18 -11.13 -3.74 2.07
CA LEU A 18 -10.20 -4.85 2.29
C LEU A 18 -9.48 -4.76 3.65
N PHE A 19 -9.98 -3.89 4.53
CA PHE A 19 -9.39 -3.72 5.86
C PHE A 19 -10.48 -3.48 6.89
N ALA A 20 -11.20 -2.38 6.71
CA ALA A 20 -12.29 -2.03 7.62
C ALA A 20 -13.00 -0.74 7.18
N LYS A 21 -13.11 -0.56 5.85
CA LYS A 21 -13.74 0.64 5.28
C LYS A 21 -13.15 1.92 5.90
N GLN A 22 -11.87 1.86 6.27
CA GLN A 22 -11.18 2.99 6.86
C GLN A 22 -10.78 4.01 5.79
N THR A 23 -10.26 5.16 6.24
CA THR A 23 -9.83 6.21 5.32
C THR A 23 -8.31 6.21 5.18
N SER A 24 -7.62 6.73 6.20
CA SER A 24 -6.15 6.78 6.17
C SER A 24 -5.56 6.25 7.47
N LEU A 25 -4.30 5.80 7.39
CA LEU A 25 -3.60 5.27 8.56
C LEU A 25 -2.16 5.78 8.64
N GLN A 26 -1.57 5.72 9.84
CA GLN A 26 -0.20 6.17 10.05
C GLN A 26 0.61 5.12 10.78
N LEU A 27 1.78 4.79 10.24
CA LEU A 27 2.67 3.81 10.84
C LEU A 27 3.92 4.47 11.42
N ASP A 28 4.35 4.00 12.59
CA ASP A 28 5.53 4.55 13.25
C ASP A 28 6.72 3.58 13.11
N GLY A 29 7.72 4.00 12.35
CA GLY A 29 8.90 3.16 12.14
C GLY A 29 10.18 3.84 12.59
N VAL A 30 11.04 3.08 13.27
CA VAL A 30 12.31 3.62 13.76
C VAL A 30 13.33 3.73 12.62
N VAL A 31 13.34 2.75 11.72
CA VAL A 31 14.27 2.74 10.60
C VAL A 31 13.71 1.89 9.43
N PRO A 32 12.73 2.44 8.70
CA PRO A 32 12.10 1.74 7.56
C PRO A 32 12.95 1.80 6.29
N THR A 33 14.16 2.36 6.39
CA THR A 33 15.06 2.45 5.25
C THR A 33 15.34 1.08 4.65
N GLY A 34 15.41 0.06 5.51
CA GLY A 34 15.65 -1.29 5.04
C GLY A 34 14.37 -2.08 4.77
N THR A 35 13.29 -1.35 4.45
CA THR A 35 12.00 -1.97 4.17
C THR A 35 11.44 -1.48 2.83
N ASN A 36 11.07 -2.43 1.97
CA ASN A 36 10.52 -2.11 0.65
C ASN A 36 9.01 -2.31 0.62
N LEU A 37 8.38 -1.97 -0.50
CA LEU A 37 6.94 -2.11 -0.65
C LEU A 37 6.48 -3.55 -0.44
N ASN A 38 7.25 -4.51 -0.98
CA ASN A 38 6.92 -5.93 -0.84
C ASN A 38 6.79 -6.29 0.63
N GLY A 39 7.63 -5.68 1.46
CA GLY A 39 7.58 -5.91 2.89
C GLY A 39 6.47 -5.15 3.56
N LEU A 40 6.14 -3.97 3.03
CA LEU A 40 5.08 -3.15 3.60
C LEU A 40 3.70 -3.79 3.37
N VAL A 41 3.41 -4.14 2.11
CA VAL A 41 2.13 -4.76 1.78
C VAL A 41 1.93 -6.04 2.58
N GLN A 42 2.86 -6.98 2.46
CA GLN A 42 2.78 -8.25 3.19
C GLN A 42 2.54 -8.02 4.69
N LEU A 43 3.03 -6.88 5.20
CA LEU A 43 2.86 -6.54 6.61
C LEU A 43 1.45 -6.03 6.93
N LEU A 44 0.78 -5.44 5.94
CA LEU A 44 -0.57 -4.91 6.15
C LEU A 44 -1.66 -5.90 5.70
N LYS A 45 -1.43 -6.62 4.61
CA LYS A 45 -2.41 -7.58 4.12
C LYS A 45 -2.26 -8.94 4.80
N THR A 46 -1.18 -9.66 4.52
CA THR A 46 -0.96 -10.97 5.12
C THR A 46 -1.00 -10.90 6.66
N ASN A 47 -0.75 -9.71 7.22
CA ASN A 47 -0.76 -9.53 8.68
C ASN A 47 -2.02 -8.82 9.18
N TYR A 48 -2.72 -8.09 8.29
CA TYR A 48 -3.93 -7.37 8.69
C TYR A 48 -4.96 -7.29 7.55
N VAL A 49 -5.23 -8.42 6.92
CA VAL A 49 -6.19 -8.47 5.81
C VAL A 49 -7.59 -8.85 6.32
N LYS A 50 -8.60 -8.08 5.88
CA LYS A 50 -9.98 -8.35 6.29
C LYS A 50 -10.83 -8.74 5.09
N GLU A 51 -10.22 -9.42 4.11
CA GLU A 51 -10.93 -9.86 2.91
C GLU A 51 -10.13 -10.94 2.18
N ARG A 52 -10.57 -11.31 0.98
CA ARG A 52 -9.88 -12.33 0.20
C ARG A 52 -8.48 -11.85 -0.21
N PRO A 53 -7.41 -12.45 0.34
CA PRO A 53 -6.03 -12.07 0.02
C PRO A 53 -5.71 -12.25 -1.47
N ASP A 54 -6.48 -13.12 -2.15
CA ASP A 54 -6.26 -13.38 -3.57
C ASP A 54 -7.08 -12.45 -4.47
N LEU A 55 -7.75 -11.44 -3.87
CA LEU A 55 -8.55 -10.51 -4.65
C LEU A 55 -7.75 -9.26 -5.04
N LEU A 56 -6.63 -9.01 -4.33
CA LEU A 56 -5.80 -7.85 -4.62
C LEU A 56 -4.54 -8.25 -5.39
N VAL A 57 -3.85 -9.29 -4.91
CA VAL A 57 -2.62 -9.73 -5.57
C VAL A 57 -2.87 -10.10 -7.03
N ASP A 58 -1.85 -9.89 -7.85
CA ASP A 58 -1.92 -10.19 -9.28
C ASP A 58 -1.98 -11.69 -9.51
N GLN A 59 -0.95 -12.41 -9.05
CA GLN A 59 -0.89 -13.86 -9.19
C GLN A 59 0.18 -14.47 -8.31
N THR A 60 1.39 -13.91 -8.37
CA THR A 60 2.51 -14.39 -7.59
C THR A 60 2.42 -13.95 -6.12
N GLY A 61 1.30 -13.32 -5.75
CA GLY A 61 1.12 -12.86 -4.38
C GLY A 61 2.21 -11.90 -3.94
N GLN A 62 2.79 -11.19 -4.90
CA GLN A 62 3.86 -10.23 -4.62
C GLN A 62 3.48 -8.82 -5.10
N THR A 63 2.88 -8.75 -6.29
CA THR A 63 2.45 -7.48 -6.86
C THR A 63 0.93 -7.48 -7.03
N LEU A 64 0.28 -6.38 -6.66
CA LEU A 64 -1.17 -6.28 -6.76
C LEU A 64 -1.63 -6.30 -8.22
N ARG A 65 -2.87 -6.71 -8.43
CA ARG A 65 -3.44 -6.79 -9.78
C ARG A 65 -3.63 -5.39 -10.39
N PRO A 66 -3.73 -5.32 -11.74
CA PRO A 66 -3.93 -4.04 -12.46
C PRO A 66 -5.07 -3.20 -11.89
N GLY A 67 -6.12 -3.89 -11.40
CA GLY A 67 -7.26 -3.19 -10.84
C GLY A 67 -6.87 -2.20 -9.75
N ILE A 68 -5.80 -2.51 -9.02
CA ILE A 68 -5.32 -1.63 -7.96
C ILE A 68 -4.42 -0.54 -8.53
N LEU A 69 -4.39 0.61 -7.86
CA LEU A 69 -3.57 1.74 -8.29
C LEU A 69 -2.69 2.24 -7.15
N VAL A 70 -1.43 1.85 -7.16
CA VAL A 70 -0.49 2.25 -6.13
C VAL A 70 0.13 3.62 -6.46
N LEU A 71 -0.06 4.58 -5.55
CA LEU A 71 0.46 5.93 -5.76
C LEU A 71 1.22 6.42 -4.52
N VAL A 72 2.36 7.07 -4.76
CA VAL A 72 3.18 7.60 -3.68
C VAL A 72 3.13 9.11 -3.65
N ASN A 73 2.65 9.67 -2.54
CA ASN A 73 2.52 11.13 -2.37
C ASN A 73 1.52 11.71 -3.37
N SER A 74 1.97 11.89 -4.61
CA SER A 74 1.11 12.43 -5.66
C SER A 74 1.54 11.91 -7.04
N CYS A 75 2.06 10.68 -7.08
CA CYS A 75 2.50 10.08 -8.33
C CYS A 75 2.52 8.55 -8.22
N ASP A 76 2.22 7.88 -9.34
CA ASP A 76 2.19 6.41 -9.38
C ASP A 76 3.49 5.82 -8.84
N ALA A 77 3.36 4.86 -7.92
CA ALA A 77 4.53 4.20 -7.33
C ALA A 77 5.17 3.20 -8.30
N GLU A 78 4.39 2.72 -9.26
CA GLU A 78 4.90 1.76 -10.25
C GLU A 78 5.80 2.45 -11.27
N VAL A 79 5.70 3.77 -11.37
CA VAL A 79 6.51 4.54 -12.31
C VAL A 79 8.00 4.41 -11.95
N VAL A 80 8.30 4.35 -10.65
CA VAL A 80 9.69 4.24 -10.19
C VAL A 80 10.05 2.79 -9.85
N GLY A 81 9.10 2.06 -9.26
CA GLY A 81 9.36 0.68 -8.89
C GLY A 81 8.11 -0.19 -8.87
N GLY A 82 7.14 0.19 -8.02
CA GLY A 82 5.91 -0.57 -7.91
C GLY A 82 5.91 -1.48 -6.70
N MET A 83 6.95 -2.28 -6.55
CA MET A 83 7.08 -3.20 -5.43
C MET A 83 8.42 -3.04 -4.69
N ASP A 84 9.23 -2.06 -5.10
CA ASP A 84 10.53 -1.82 -4.47
C ASP A 84 10.66 -0.40 -3.95
N TYR A 85 9.54 0.25 -3.63
CA TYR A 85 9.55 1.61 -3.11
C TYR A 85 10.02 1.64 -1.66
N VAL A 86 11.33 1.74 -1.48
CA VAL A 86 11.93 1.77 -0.13
C VAL A 86 11.43 2.97 0.69
N LEU A 87 11.16 2.73 1.97
CA LEU A 87 10.68 3.78 2.86
C LEU A 87 11.85 4.50 3.55
N ASN A 88 11.54 5.62 4.21
CA ASN A 88 12.56 6.41 4.90
C ASN A 88 11.92 7.48 5.81
N ASP A 89 10.88 7.09 6.54
CA ASP A 89 10.18 8.00 7.46
C ASP A 89 9.51 9.13 6.67
N GLY A 90 8.22 8.95 6.40
CA GLY A 90 7.46 9.94 5.66
C GLY A 90 7.03 9.45 4.29
N ASP A 91 6.86 8.13 4.16
CA ASP A 91 6.45 7.53 2.90
C ASP A 91 4.93 7.46 2.81
N THR A 92 4.42 7.65 1.59
CA THR A 92 2.97 7.60 1.36
C THR A 92 2.63 6.56 0.30
N VAL A 93 1.61 5.76 0.58
CA VAL A 93 1.17 4.72 -0.34
C VAL A 93 -0.36 4.57 -0.31
N GLU A 94 -0.97 4.57 -1.50
CA GLU A 94 -2.42 4.45 -1.61
C GLU A 94 -2.81 3.26 -2.47
N PHE A 95 -4.02 2.74 -2.25
CA PHE A 95 -4.52 1.61 -3.01
C PHE A 95 -5.94 1.89 -3.50
N ILE A 96 -6.09 2.12 -4.81
CA ILE A 96 -7.40 2.39 -5.40
C ILE A 96 -7.82 1.27 -6.34
N SER A 97 -9.00 0.69 -6.08
CA SER A 97 -9.52 -0.39 -6.91
C SER A 97 -10.44 0.15 -8.01
N THR A 98 -10.20 -0.29 -9.25
CA THR A 98 -11.00 0.13 -10.40
C THR A 98 -11.55 -1.07 -11.16
N LEU A 99 -10.67 -2.02 -11.50
CA LEU A 99 -11.07 -3.22 -12.23
C LEU A 99 -11.58 -4.30 -11.28
N HIS A 100 -12.77 -4.83 -11.56
CA HIS A 100 -13.36 -5.88 -10.73
C HIS A 100 -13.34 -7.23 -11.46
N GLY A 101 -13.55 -7.20 -12.78
CA GLY A 101 -13.55 -8.43 -13.56
C GLY A 101 -12.65 -8.34 -14.78
N GLY A 102 -12.43 -9.47 -15.43
CA GLY A 102 -11.59 -9.50 -16.63
C GLY A 102 -12.37 -9.87 -17.87
N MET A 1 12.29 20.73 4.87
CA MET A 1 11.01 20.84 5.61
C MET A 1 10.62 19.48 6.22
N SER A 2 10.06 19.52 7.43
CA SER A 2 9.64 18.32 8.15
C SER A 2 10.83 17.45 8.56
N ASN A 3 10.67 16.74 9.69
CA ASN A 3 11.72 15.87 10.21
C ASN A 3 11.15 14.88 11.23
N HIS A 4 10.05 14.21 10.86
CA HIS A 4 9.40 13.25 11.75
C HIS A 4 8.87 12.05 10.97
N ASN A 5 8.54 10.97 11.69
CA ASN A 5 8.02 9.74 11.08
C ASN A 5 6.50 9.79 10.97
N HIS A 6 6.00 9.60 9.75
CA HIS A 6 4.56 9.60 9.50
C HIS A 6 4.24 9.08 8.10
N ILE A 7 3.80 7.82 8.03
CA ILE A 7 3.48 7.20 6.75
C ILE A 7 2.00 7.41 6.38
N THR A 8 1.76 7.96 5.20
CA THR A 8 0.42 8.20 4.72
C THR A 8 -0.16 6.96 4.05
N VAL A 9 -0.91 6.17 4.81
CA VAL A 9 -1.51 4.94 4.29
C VAL A 9 -3.03 5.03 4.28
N GLN A 10 -3.60 5.19 3.09
CA GLN A 10 -5.06 5.29 2.96
C GLN A 10 -5.55 4.46 1.76
N PHE A 11 -6.82 4.05 1.84
CA PHE A 11 -7.44 3.26 0.79
C PHE A 11 -8.62 4.00 0.19
N ALA A 12 -8.74 3.92 -1.14
CA ALA A 12 -9.83 4.59 -1.86
C ALA A 12 -11.02 3.64 -2.03
N GLY A 13 -12.07 4.13 -2.70
CA GLY A 13 -13.26 3.33 -2.94
C GLY A 13 -12.95 2.05 -3.70
N GLY A 14 -12.80 0.95 -2.97
CA GLY A 14 -12.51 -0.33 -3.61
C GLY A 14 -11.45 -1.13 -2.84
N CYS A 15 -10.51 -0.43 -2.22
CA CYS A 15 -9.43 -1.09 -1.47
C CYS A 15 -9.57 -0.87 0.05
N GLU A 16 -10.71 -0.30 0.48
CA GLU A 16 -10.94 -0.04 1.90
C GLU A 16 -11.49 -1.27 2.60
N LEU A 17 -12.34 -2.02 1.91
CA LEU A 17 -12.95 -3.23 2.48
C LEU A 17 -11.92 -4.37 2.65
N LEU A 18 -10.69 -4.15 2.19
CA LEU A 18 -9.65 -5.17 2.31
C LEU A 18 -8.87 -5.06 3.63
N PHE A 19 -9.41 -4.28 4.59
CA PHE A 19 -8.76 -4.11 5.88
C PHE A 19 -9.80 -3.93 6.97
N ALA A 20 -10.60 -2.87 6.86
CA ALA A 20 -11.65 -2.59 7.83
C ALA A 20 -12.44 -1.34 7.44
N LYS A 21 -12.65 -1.15 6.13
CA LYS A 21 -13.38 0.00 5.61
C LYS A 21 -12.82 1.31 6.20
N GLN A 22 -11.51 1.33 6.45
CA GLN A 22 -10.85 2.50 7.02
C GLN A 22 -10.58 3.54 5.94
N THR A 23 -10.09 4.71 6.34
CA THR A 23 -9.79 5.77 5.39
C THR A 23 -8.28 5.98 5.27
N SER A 24 -7.66 6.52 6.33
CA SER A 24 -6.22 6.77 6.32
C SER A 24 -5.60 6.47 7.68
N LEU A 25 -4.27 6.32 7.69
CA LEU A 25 -3.54 6.02 8.93
C LEU A 25 -2.12 6.59 8.89
N GLN A 26 -1.47 6.65 10.06
CA GLN A 26 -0.10 7.15 10.16
C GLN A 26 0.78 6.17 10.92
N LEU A 27 1.58 5.39 10.17
CA LEU A 27 2.47 4.41 10.78
C LEU A 27 3.76 5.08 11.24
N ASP A 28 4.28 4.63 12.39
CA ASP A 28 5.51 5.17 12.94
C ASP A 28 6.64 4.15 12.88
N GLY A 29 7.52 4.30 11.90
CA GLY A 29 8.63 3.38 11.74
C GLY A 29 9.90 3.87 12.42
N VAL A 30 10.97 3.09 12.30
CA VAL A 30 12.26 3.44 12.90
C VAL A 30 13.41 3.16 11.93
N VAL A 31 13.42 1.96 11.35
CA VAL A 31 14.46 1.57 10.40
C VAL A 31 13.85 0.84 9.19
N PRO A 32 12.90 1.47 8.49
CA PRO A 32 12.25 0.89 7.31
C PRO A 32 13.07 1.04 6.02
N THR A 33 14.32 1.50 6.15
CA THR A 33 15.19 1.68 4.99
C THR A 33 15.33 0.37 4.19
N GLY A 34 15.35 -0.76 4.91
CA GLY A 34 15.46 -2.06 4.27
C GLY A 34 14.11 -2.70 4.00
N THR A 35 13.09 -1.87 3.79
CA THR A 35 11.73 -2.35 3.52
C THR A 35 11.13 -1.63 2.31
N ASN A 36 10.50 -2.39 1.42
CA ASN A 36 9.87 -1.83 0.23
C ASN A 36 8.35 -1.93 0.29
N LEU A 37 7.68 -1.52 -0.78
CA LEU A 37 6.22 -1.57 -0.83
C LEU A 37 5.69 -2.97 -0.53
N ASN A 38 6.39 -3.99 -1.01
CA ASN A 38 5.99 -5.38 -0.77
C ASN A 38 5.91 -5.64 0.73
N GLY A 39 6.81 -5.01 1.49
CA GLY A 39 6.81 -5.16 2.93
C GLY A 39 5.66 -4.40 3.56
N LEU A 40 5.29 -3.26 2.96
CA LEU A 40 4.19 -2.44 3.46
C LEU A 40 2.87 -3.20 3.37
N VAL A 41 2.57 -3.70 2.17
CA VAL A 41 1.33 -4.46 1.94
C VAL A 41 1.25 -5.67 2.88
N GLN A 42 2.26 -6.54 2.82
CA GLN A 42 2.31 -7.72 3.66
C GLN A 42 2.04 -7.38 5.13
N LEU A 43 2.43 -6.17 5.54
CA LEU A 43 2.24 -5.72 6.91
C LEU A 43 0.76 -5.46 7.23
N LEU A 44 -0.02 -5.04 6.23
CA LEU A 44 -1.44 -4.75 6.43
C LEU A 44 -2.34 -5.93 6.04
N LYS A 45 -2.04 -6.57 4.90
CA LYS A 45 -2.85 -7.68 4.43
C LYS A 45 -2.51 -8.99 5.14
N THR A 46 -1.32 -9.53 4.89
CA THR A 46 -0.91 -10.79 5.55
C THR A 46 -1.13 -10.73 7.06
N ASN A 47 -1.03 -9.53 7.63
CA ASN A 47 -1.22 -9.34 9.07
C ASN A 47 -2.70 -9.37 9.45
N TYR A 48 -3.55 -8.80 8.58
CA TYR A 48 -4.99 -8.76 8.84
C TYR A 48 -5.80 -9.32 7.67
N VAL A 49 -5.79 -8.60 6.53
CA VAL A 49 -6.53 -8.99 5.33
C VAL A 49 -7.88 -9.62 5.67
N LYS A 50 -8.78 -8.80 6.22
CA LYS A 50 -10.12 -9.27 6.60
C LYS A 50 -10.84 -9.89 5.40
N GLU A 51 -10.54 -9.38 4.20
CA GLU A 51 -11.14 -9.88 2.98
C GLU A 51 -10.25 -10.97 2.37
N ARG A 52 -10.49 -11.32 1.09
CA ARG A 52 -9.71 -12.34 0.42
C ARG A 52 -8.27 -11.87 0.19
N PRO A 53 -7.27 -12.73 0.47
CA PRO A 53 -5.86 -12.39 0.29
C PRO A 53 -5.43 -12.43 -1.19
N ASP A 54 -6.11 -13.27 -1.97
CA ASP A 54 -5.79 -13.40 -3.39
C ASP A 54 -6.65 -12.48 -4.26
N LEU A 55 -7.41 -11.56 -3.64
CA LEU A 55 -8.24 -10.64 -4.39
C LEU A 55 -7.42 -9.43 -4.89
N LEU A 56 -6.36 -9.08 -4.16
CA LEU A 56 -5.51 -7.96 -4.54
C LEU A 56 -4.25 -8.43 -5.25
N VAL A 57 -3.54 -9.40 -4.66
CA VAL A 57 -2.31 -9.90 -5.25
C VAL A 57 -2.56 -10.53 -6.61
N ASP A 58 -1.57 -10.39 -7.48
CA ASP A 58 -1.66 -10.95 -8.83
C ASP A 58 -1.66 -12.47 -8.79
N GLN A 59 -0.61 -13.05 -8.20
CA GLN A 59 -0.49 -14.49 -8.08
C GLN A 59 0.65 -14.90 -7.15
N THR A 60 1.80 -14.25 -7.33
CA THR A 60 2.98 -14.53 -6.50
C THR A 60 2.86 -13.88 -5.12
N GLY A 61 1.76 -13.18 -4.86
CA GLY A 61 1.56 -12.53 -3.58
C GLY A 61 2.59 -11.44 -3.33
N GLN A 62 3.17 -10.92 -4.41
CA GLN A 62 4.18 -9.87 -4.32
C GLN A 62 3.75 -8.62 -5.07
N THR A 63 3.09 -8.81 -6.22
CA THR A 63 2.61 -7.70 -7.03
C THR A 63 1.09 -7.79 -7.16
N LEU A 64 0.41 -6.67 -6.94
CA LEU A 64 -1.06 -6.64 -7.01
C LEU A 64 -1.54 -6.87 -8.44
N ARG A 65 -2.76 -7.39 -8.57
CA ARG A 65 -3.35 -7.67 -9.86
C ARG A 65 -3.80 -6.37 -10.54
N PRO A 66 -4.02 -6.41 -11.88
CA PRO A 66 -4.45 -5.24 -12.65
C PRO A 66 -5.80 -4.72 -12.19
N GLY A 67 -5.85 -3.44 -11.80
CA GLY A 67 -7.08 -2.83 -11.33
C GLY A 67 -6.83 -1.66 -10.40
N ILE A 68 -5.92 -1.85 -9.44
CA ILE A 68 -5.59 -0.81 -8.48
C ILE A 68 -4.34 -0.03 -8.91
N LEU A 69 -4.40 1.29 -8.80
CA LEU A 69 -3.28 2.15 -9.16
C LEU A 69 -2.59 2.70 -7.91
N VAL A 70 -1.39 2.21 -7.64
CA VAL A 70 -0.63 2.64 -6.48
C VAL A 70 0.02 4.01 -6.71
N LEU A 71 -0.19 4.93 -5.76
CA LEU A 71 0.36 6.27 -5.86
C LEU A 71 1.15 6.62 -4.60
N VAL A 72 2.39 7.07 -4.78
CA VAL A 72 3.25 7.44 -3.67
C VAL A 72 3.61 8.92 -3.72
N ASN A 73 3.29 9.66 -2.65
CA ASN A 73 3.58 11.09 -2.58
C ASN A 73 2.97 11.82 -3.79
N SER A 74 1.71 11.50 -4.08
CA SER A 74 0.99 12.11 -5.20
C SER A 74 1.68 11.79 -6.54
N CYS A 75 2.32 10.63 -6.62
CA CYS A 75 3.01 10.20 -7.84
C CYS A 75 3.07 8.68 -7.93
N ASP A 76 2.68 8.13 -9.09
CA ASP A 76 2.68 6.69 -9.29
C ASP A 76 3.99 6.05 -8.83
N ALA A 77 3.87 4.98 -8.04
CA ALA A 77 5.04 4.27 -7.51
C ALA A 77 5.73 3.43 -8.58
N GLU A 78 4.99 3.09 -9.65
CA GLU A 78 5.55 2.28 -10.73
C GLU A 78 6.52 3.09 -11.57
N VAL A 79 6.30 4.40 -11.63
CA VAL A 79 7.16 5.29 -12.41
C VAL A 79 8.57 5.31 -11.83
N VAL A 80 8.68 5.20 -10.50
CA VAL A 80 9.98 5.22 -9.84
C VAL A 80 10.45 3.80 -9.46
N GLY A 81 9.51 2.95 -9.05
CA GLY A 81 9.86 1.59 -8.67
C GLY A 81 8.85 0.56 -9.14
N GLY A 82 7.70 0.51 -8.49
CA GLY A 82 6.67 -0.46 -8.85
C GLY A 82 6.54 -1.57 -7.83
N MET A 83 5.75 -1.31 -6.78
CA MET A 83 5.54 -2.29 -5.71
C MET A 83 6.87 -2.69 -5.05
N ASP A 84 7.88 -1.82 -5.16
CA ASP A 84 9.19 -2.08 -4.57
C ASP A 84 9.85 -0.77 -4.09
N TYR A 85 9.04 0.24 -3.79
CA TYR A 85 9.56 1.53 -3.31
C TYR A 85 10.03 1.42 -1.87
N VAL A 86 11.34 1.60 -1.66
CA VAL A 86 11.93 1.52 -0.33
C VAL A 86 11.43 2.65 0.58
N LEU A 87 11.18 2.32 1.84
CA LEU A 87 10.70 3.29 2.82
C LEU A 87 11.83 4.18 3.34
N ASN A 88 11.46 5.25 4.04
CA ASN A 88 12.44 6.19 4.60
C ASN A 88 11.80 7.10 5.66
N ASP A 89 10.97 6.52 6.52
CA ASP A 89 10.29 7.27 7.59
C ASP A 89 9.52 8.46 7.03
N GLY A 90 8.26 8.22 6.65
CA GLY A 90 7.43 9.27 6.10
C GLY A 90 6.98 8.99 4.67
N ASP A 91 6.91 7.71 4.30
CA ASP A 91 6.50 7.31 2.96
C ASP A 91 4.99 7.39 2.82
N THR A 92 4.53 7.66 1.59
CA THR A 92 3.11 7.75 1.31
C THR A 92 2.70 6.73 0.24
N VAL A 93 1.64 5.97 0.53
CA VAL A 93 1.15 4.96 -0.39
C VAL A 93 -0.38 4.87 -0.38
N GLU A 94 -0.97 4.78 -1.56
CA GLU A 94 -2.43 4.70 -1.69
C GLU A 94 -2.85 3.61 -2.66
N PHE A 95 -4.05 3.05 -2.44
CA PHE A 95 -4.58 1.99 -3.29
C PHE A 95 -5.94 2.40 -3.85
N ILE A 96 -5.97 2.77 -5.13
CA ILE A 96 -7.20 3.19 -5.79
C ILE A 96 -7.60 2.22 -6.90
N SER A 97 -8.74 1.57 -6.75
CA SER A 97 -9.24 0.61 -7.74
C SER A 97 -9.81 1.35 -8.96
N THR A 98 -8.93 1.76 -9.87
CA THR A 98 -9.33 2.48 -11.07
C THR A 98 -9.97 1.53 -12.09
N LEU A 99 -9.15 0.65 -12.67
CA LEU A 99 -9.65 -0.31 -13.66
C LEU A 99 -10.40 -1.46 -12.98
N HIS A 100 -11.56 -1.80 -13.53
CA HIS A 100 -12.38 -2.89 -12.99
C HIS A 100 -12.04 -4.22 -13.66
N GLY A 101 -11.85 -4.19 -14.98
CA GLY A 101 -11.52 -5.40 -15.71
C GLY A 101 -11.35 -5.16 -17.20
N GLY A 102 -10.41 -5.89 -17.81
CA GLY A 102 -10.16 -5.73 -19.23
C GLY A 102 -8.85 -6.35 -19.66
N MET A 1 11.42 20.91 2.70
CA MET A 1 10.35 19.93 3.02
C MET A 1 10.29 19.64 4.51
N SER A 2 9.26 18.90 4.93
CA SER A 2 9.07 18.55 6.33
C SER A 2 10.00 17.41 6.76
N ASN A 3 9.97 16.31 6.01
CA ASN A 3 10.81 15.15 6.31
C ASN A 3 10.53 14.62 7.72
N HIS A 4 9.28 14.74 8.17
CA HIS A 4 8.89 14.26 9.50
C HIS A 4 8.48 12.79 9.47
N ASN A 5 8.10 12.25 10.63
CA ASN A 5 7.70 10.85 10.74
C ASN A 5 6.19 10.71 10.56
N HIS A 6 5.77 10.20 9.40
CA HIS A 6 4.35 10.00 9.11
C HIS A 6 4.16 9.31 7.75
N ILE A 7 3.82 8.02 7.78
CA ILE A 7 3.61 7.26 6.55
C ILE A 7 2.15 7.36 6.08
N THR A 8 1.95 7.94 4.90
CA THR A 8 0.62 8.12 4.33
C THR A 8 0.15 6.84 3.63
N VAL A 9 -0.88 6.20 4.19
CA VAL A 9 -1.43 4.97 3.61
C VAL A 9 -2.95 4.94 3.73
N GLN A 10 -3.65 5.16 2.62
CA GLN A 10 -5.10 5.17 2.61
C GLN A 10 -5.67 4.29 1.50
N PHE A 11 -6.99 4.09 1.52
CA PHE A 11 -7.67 3.27 0.52
C PHE A 11 -8.86 4.02 -0.09
N ALA A 12 -9.18 3.68 -1.34
CA ALA A 12 -10.29 4.32 -2.05
C ALA A 12 -10.95 3.37 -3.04
N GLY A 13 -12.27 3.27 -2.98
CA GLY A 13 -13.01 2.41 -3.87
C GLY A 13 -13.33 1.07 -3.24
N GLY A 14 -12.64 0.01 -3.68
CA GLY A 14 -12.88 -1.32 -3.12
C GLY A 14 -11.63 -1.89 -2.49
N CYS A 15 -10.77 -1.03 -1.94
CA CYS A 15 -9.54 -1.46 -1.29
C CYS A 15 -9.61 -1.29 0.23
N GLU A 16 -10.36 -0.28 0.69
CA GLU A 16 -10.51 -0.03 2.12
C GLU A 16 -11.20 -1.19 2.83
N LEU A 17 -12.09 -1.88 2.10
CA LEU A 17 -12.82 -3.02 2.66
C LEU A 17 -11.89 -4.23 2.86
N LEU A 18 -10.66 -4.16 2.37
CA LEU A 18 -9.71 -5.27 2.50
C LEU A 18 -8.95 -5.22 3.84
N PHE A 19 -9.43 -4.39 4.78
CA PHE A 19 -8.80 -4.26 6.09
C PHE A 19 -9.84 -3.99 7.16
N ALA A 20 -10.55 -2.86 7.02
CA ALA A 20 -11.59 -2.49 7.97
C ALA A 20 -12.28 -1.19 7.52
N LYS A 21 -12.46 -1.03 6.21
CA LYS A 21 -13.09 0.18 5.66
C LYS A 21 -12.45 1.45 6.21
N GLN A 22 -11.13 1.39 6.46
CA GLN A 22 -10.40 2.52 7.00
C GLN A 22 -10.07 3.53 5.91
N THR A 23 -10.09 4.81 6.26
CA THR A 23 -9.80 5.87 5.30
C THR A 23 -8.29 5.99 5.07
N SER A 24 -7.56 6.44 6.08
CA SER A 24 -6.11 6.59 5.98
C SER A 24 -5.41 6.12 7.25
N LEU A 25 -4.09 5.90 7.15
CA LEU A 25 -3.29 5.45 8.29
C LEU A 25 -1.95 6.18 8.35
N GLN A 26 -1.36 6.24 9.55
CA GLN A 26 -0.07 6.91 9.74
C GLN A 26 0.87 6.04 10.58
N LEU A 27 1.99 5.63 9.97
CA LEU A 27 2.97 4.80 10.67
C LEU A 27 4.17 5.63 11.09
N ASP A 28 4.60 5.46 12.33
CA ASP A 28 5.74 6.19 12.87
C ASP A 28 6.79 5.22 13.42
N GLY A 29 8.07 5.56 13.25
CA GLY A 29 9.13 4.70 13.74
C GLY A 29 10.48 5.40 13.78
N VAL A 30 11.54 4.63 14.06
CA VAL A 30 12.91 5.17 14.13
C VAL A 30 13.81 4.53 13.08
N VAL A 31 13.72 3.22 12.94
CA VAL A 31 14.53 2.50 11.96
C VAL A 31 13.65 1.63 11.04
N PRO A 32 12.68 2.26 10.36
CA PRO A 32 11.78 1.54 9.44
C PRO A 32 12.41 1.26 8.08
N THR A 33 13.69 1.62 7.92
CA THR A 33 14.41 1.40 6.67
C THR A 33 14.57 -0.10 6.38
N GLY A 34 15.03 -0.43 5.18
CA GLY A 34 15.22 -1.82 4.81
C GLY A 34 13.90 -2.52 4.49
N THR A 35 12.91 -1.73 4.08
CA THR A 35 11.59 -2.26 3.74
C THR A 35 11.06 -1.62 2.46
N ASN A 36 10.59 -2.45 1.53
CA ASN A 36 10.06 -1.96 0.25
C ASN A 36 8.54 -2.10 0.20
N LEU A 37 7.95 -1.74 -0.93
CA LEU A 37 6.50 -1.82 -1.11
C LEU A 37 5.99 -3.23 -0.87
N ASN A 38 6.69 -4.22 -1.43
CA ASN A 38 6.30 -5.61 -1.26
C ASN A 38 6.25 -5.95 0.23
N GLY A 39 7.19 -5.38 0.99
CA GLY A 39 7.22 -5.60 2.42
C GLY A 39 6.12 -4.83 3.14
N LEU A 40 5.75 -3.67 2.60
CA LEU A 40 4.71 -2.85 3.21
C LEU A 40 3.36 -3.57 3.16
N VAL A 41 2.99 -4.06 1.98
CA VAL A 41 1.73 -4.79 1.81
C VAL A 41 1.73 -6.09 2.60
N GLN A 42 2.72 -6.93 2.37
CA GLN A 42 2.84 -8.21 3.06
C GLN A 42 2.77 -8.05 4.59
N LEU A 43 3.09 -6.85 5.08
CA LEU A 43 3.07 -6.58 6.52
C LEU A 43 1.68 -6.13 7.00
N LEU A 44 0.88 -5.55 6.10
CA LEU A 44 -0.46 -5.08 6.47
C LEU A 44 -1.53 -6.13 6.19
N LYS A 45 -1.49 -6.76 5.01
CA LYS A 45 -2.48 -7.77 4.65
C LYS A 45 -2.28 -9.06 5.45
N THR A 46 -1.09 -9.65 5.38
CA THR A 46 -0.81 -10.87 6.13
C THR A 46 -1.17 -10.72 7.62
N ASN A 47 -1.10 -9.49 8.11
CA ASN A 47 -1.43 -9.20 9.51
C ASN A 47 -2.95 -9.07 9.70
N TYR A 48 -3.63 -8.53 8.68
CA TYR A 48 -5.09 -8.35 8.74
C TYR A 48 -5.80 -9.06 7.59
N VAL A 49 -5.71 -8.47 6.38
CA VAL A 49 -6.35 -9.02 5.18
C VAL A 49 -7.67 -9.73 5.50
N LYS A 50 -8.60 -8.99 6.11
CA LYS A 50 -9.90 -9.55 6.47
C LYS A 50 -10.64 -10.09 5.25
N GLU A 51 -10.43 -9.45 4.09
CA GLU A 51 -11.06 -9.88 2.85
C GLU A 51 -10.17 -10.88 2.12
N ARG A 52 -10.70 -11.48 1.05
CA ARG A 52 -9.96 -12.46 0.26
C ARG A 52 -8.55 -11.96 -0.09
N PRO A 53 -7.51 -12.51 0.56
CA PRO A 53 -6.11 -12.12 0.30
C PRO A 53 -5.73 -12.25 -1.17
N ASP A 54 -6.38 -13.18 -1.88
CA ASP A 54 -6.09 -13.40 -3.30
C ASP A 54 -7.02 -12.58 -4.20
N LEU A 55 -7.79 -11.65 -3.63
CA LEU A 55 -8.69 -10.82 -4.41
C LEU A 55 -7.99 -9.57 -4.91
N LEU A 56 -6.98 -9.11 -4.17
CA LEU A 56 -6.23 -7.91 -4.55
C LEU A 56 -4.98 -8.26 -5.35
N VAL A 57 -4.14 -9.12 -4.80
CA VAL A 57 -2.90 -9.51 -5.48
C VAL A 57 -3.17 -10.04 -6.89
N ASP A 58 -2.19 -9.86 -7.76
CA ASP A 58 -2.30 -10.32 -9.15
C ASP A 58 -2.38 -11.84 -9.21
N GLN A 59 -1.37 -12.51 -8.67
CA GLN A 59 -1.33 -13.97 -8.64
C GLN A 59 -0.17 -14.49 -7.81
N THR A 60 1.00 -13.90 -8.00
CA THR A 60 2.20 -14.32 -7.25
C THR A 60 2.27 -13.64 -5.88
N GLY A 61 1.18 -12.98 -5.47
CA GLY A 61 1.16 -12.30 -4.19
C GLY A 61 2.30 -11.31 -4.03
N GLN A 62 2.77 -10.77 -5.16
CA GLN A 62 3.86 -9.80 -5.16
C GLN A 62 3.40 -8.46 -5.71
N THR A 63 2.61 -8.51 -6.78
CA THR A 63 2.09 -7.31 -7.42
C THR A 63 0.57 -7.29 -7.35
N LEU A 64 0.00 -6.19 -6.85
CA LEU A 64 -1.45 -6.07 -6.73
C LEU A 64 -2.12 -6.02 -8.10
N ARG A 65 -3.40 -6.41 -8.14
CA ARG A 65 -4.15 -6.42 -9.39
C ARG A 65 -4.08 -5.07 -10.12
N PRO A 66 -4.24 -5.09 -11.45
CA PRO A 66 -4.19 -3.88 -12.29
C PRO A 66 -5.26 -2.86 -11.90
N GLY A 67 -6.45 -3.34 -11.57
CA GLY A 67 -7.54 -2.46 -11.18
C GLY A 67 -7.13 -1.44 -10.15
N ILE A 68 -6.25 -1.82 -9.22
CA ILE A 68 -5.78 -0.90 -8.19
C ILE A 68 -4.63 -0.04 -8.70
N LEU A 69 -4.78 1.27 -8.57
CA LEU A 69 -3.74 2.20 -9.01
C LEU A 69 -2.83 2.57 -7.86
N VAL A 70 -1.65 1.96 -7.82
CA VAL A 70 -0.67 2.23 -6.76
C VAL A 70 0.08 3.53 -7.03
N LEU A 71 0.18 4.38 -6.01
CA LEU A 71 0.88 5.66 -6.14
C LEU A 71 1.75 5.95 -4.92
N VAL A 72 2.94 6.48 -5.18
CA VAL A 72 3.88 6.82 -4.11
C VAL A 72 4.19 8.30 -4.12
N ASN A 73 3.88 8.98 -3.01
CA ASN A 73 4.13 10.42 -2.88
C ASN A 73 3.33 11.21 -3.93
N SER A 74 2.02 10.98 -3.97
CA SER A 74 1.13 11.66 -4.91
C SER A 74 1.65 11.52 -6.35
N CYS A 75 2.17 10.34 -6.68
CA CYS A 75 2.69 10.07 -8.02
C CYS A 75 2.66 8.58 -8.32
N ASP A 76 2.61 8.23 -9.60
CA ASP A 76 2.57 6.83 -10.02
C ASP A 76 3.64 6.00 -9.31
N ALA A 77 3.20 4.93 -8.63
CA ALA A 77 4.11 4.06 -7.89
C ALA A 77 5.01 3.25 -8.84
N GLU A 78 4.56 3.08 -10.08
CA GLU A 78 5.33 2.34 -11.07
C GLU A 78 6.50 3.17 -11.57
N VAL A 79 6.34 4.49 -11.57
CA VAL A 79 7.38 5.38 -12.02
C VAL A 79 8.53 5.47 -11.01
N VAL A 80 8.18 5.52 -9.72
CA VAL A 80 9.19 5.59 -8.66
C VAL A 80 9.94 4.27 -8.50
N GLY A 81 9.23 3.15 -8.71
CA GLY A 81 9.86 1.84 -8.58
C GLY A 81 8.98 0.71 -9.08
N GLY A 82 7.71 0.72 -8.68
CA GLY A 82 6.78 -0.32 -9.10
C GLY A 82 6.75 -1.47 -8.12
N MET A 83 6.13 -1.25 -6.96
CA MET A 83 6.02 -2.27 -5.92
C MET A 83 7.41 -2.68 -5.40
N ASP A 84 8.36 -1.73 -5.45
CA ASP A 84 9.72 -2.00 -4.99
C ASP A 84 10.39 -0.73 -4.45
N TYR A 85 9.58 0.19 -3.90
CA TYR A 85 10.11 1.44 -3.35
C TYR A 85 10.44 1.28 -1.87
N VAL A 86 11.73 1.48 -1.54
CA VAL A 86 12.20 1.36 -0.16
C VAL A 86 11.62 2.45 0.74
N LEU A 87 11.57 2.16 2.04
CA LEU A 87 11.03 3.10 3.02
C LEU A 87 12.12 4.03 3.55
N ASN A 88 11.69 5.15 4.14
CA ASN A 88 12.63 6.13 4.70
C ASN A 88 11.94 7.02 5.74
N ASP A 89 11.01 6.43 6.52
CA ASP A 89 10.29 7.17 7.55
C ASP A 89 9.47 8.29 6.94
N GLY A 90 8.21 7.99 6.63
CA GLY A 90 7.33 8.98 6.04
C GLY A 90 6.95 8.65 4.61
N ASP A 91 6.87 7.36 4.31
CA ASP A 91 6.52 6.89 2.97
C ASP A 91 5.04 7.17 2.66
N THR A 92 4.67 7.04 1.39
CA THR A 92 3.29 7.29 0.98
C THR A 92 2.84 6.26 -0.06
N VAL A 93 1.73 5.59 0.21
CA VAL A 93 1.19 4.58 -0.70
C VAL A 93 -0.34 4.61 -0.70
N GLU A 94 -0.94 4.45 -1.89
CA GLU A 94 -2.39 4.47 -2.02
C GLU A 94 -2.87 3.37 -2.97
N PHE A 95 -4.03 2.79 -2.65
CA PHE A 95 -4.62 1.73 -3.47
C PHE A 95 -6.03 2.09 -3.90
N ILE A 96 -6.19 2.46 -5.18
CA ILE A 96 -7.49 2.85 -5.71
C ILE A 96 -7.91 1.92 -6.86
N SER A 97 -8.96 1.12 -6.63
CA SER A 97 -9.46 0.18 -7.63
C SER A 97 -10.33 0.89 -8.67
N THR A 98 -9.96 0.76 -9.94
CA THR A 98 -10.70 1.38 -11.03
C THR A 98 -11.15 0.35 -12.09
N LEU A 99 -10.95 -0.94 -11.80
CA LEU A 99 -11.34 -2.00 -12.74
C LEU A 99 -12.84 -1.95 -13.08
N HIS A 100 -13.23 -2.70 -14.13
CA HIS A 100 -14.63 -2.74 -14.56
C HIS A 100 -14.97 -4.07 -15.23
N GLY A 101 -16.25 -4.46 -15.17
CA GLY A 101 -16.69 -5.69 -15.78
C GLY A 101 -17.96 -5.50 -16.61
N GLY A 102 -19.11 -5.66 -15.97
CA GLY A 102 -20.38 -5.50 -16.67
C GLY A 102 -20.77 -4.04 -16.82
N MET A 1 14.06 20.78 18.79
CA MET A 1 13.25 19.64 19.32
C MET A 1 11.84 19.64 18.73
N SER A 2 11.68 18.94 17.60
CA SER A 2 10.39 18.85 16.93
C SER A 2 10.30 17.59 16.06
N ASN A 3 9.17 16.90 16.13
CA ASN A 3 8.97 15.68 15.35
C ASN A 3 8.78 15.99 13.87
N HIS A 4 9.56 15.32 13.03
CA HIS A 4 9.48 15.51 11.58
C HIS A 4 9.34 14.16 10.87
N ASN A 5 8.70 13.19 11.54
CA ASN A 5 8.50 11.85 10.98
C ASN A 5 7.02 11.48 10.94
N HIS A 6 6.59 10.92 9.81
CA HIS A 6 5.18 10.50 9.64
C HIS A 6 4.95 9.81 8.30
N ILE A 7 4.18 8.73 8.32
CA ILE A 7 3.86 7.98 7.10
C ILE A 7 2.37 8.15 6.75
N THR A 8 2.04 7.99 5.48
CA THR A 8 0.66 8.13 5.01
C THR A 8 0.17 6.85 4.33
N VAL A 9 -0.77 6.16 4.98
CA VAL A 9 -1.32 4.92 4.42
C VAL A 9 -2.85 4.95 4.44
N GLN A 10 -3.45 5.15 3.27
CA GLN A 10 -4.91 5.21 3.16
C GLN A 10 -5.43 4.32 2.03
N PHE A 11 -6.68 3.89 2.15
CA PHE A 11 -7.32 3.02 1.16
C PHE A 11 -8.50 3.72 0.51
N ALA A 12 -8.67 3.50 -0.80
CA ALA A 12 -9.77 4.11 -1.55
C ALA A 12 -10.43 3.10 -2.50
N GLY A 13 -11.59 3.49 -3.03
CA GLY A 13 -12.32 2.63 -3.96
C GLY A 13 -12.84 1.37 -3.29
N GLY A 14 -12.18 0.24 -3.56
CA GLY A 14 -12.58 -1.02 -2.98
C GLY A 14 -11.44 -1.76 -2.30
N CYS A 15 -10.50 -1.00 -1.72
CA CYS A 15 -9.35 -1.60 -1.04
C CYS A 15 -9.50 -1.50 0.48
N GLU A 16 -10.15 -0.42 0.95
CA GLU A 16 -10.37 -0.20 2.37
C GLU A 16 -11.17 -1.36 3.00
N LEU A 17 -12.09 -1.94 2.22
CA LEU A 17 -12.91 -3.05 2.70
C LEU A 17 -12.09 -4.33 2.93
N LEU A 18 -10.82 -4.33 2.51
CA LEU A 18 -9.95 -5.50 2.68
C LEU A 18 -9.30 -5.53 4.08
N PHE A 19 -9.80 -4.71 5.00
CA PHE A 19 -9.27 -4.65 6.36
C PHE A 19 -10.37 -4.31 7.35
N ALA A 20 -10.92 -3.10 7.21
CA ALA A 20 -12.00 -2.65 8.07
C ALA A 20 -12.57 -1.31 7.59
N LYS A 21 -12.66 -1.15 6.26
CA LYS A 21 -13.18 0.08 5.65
C LYS A 21 -12.46 1.31 6.21
N GLN A 22 -11.17 1.17 6.51
CA GLN A 22 -10.38 2.26 7.06
C GLN A 22 -10.17 3.36 6.02
N THR A 23 -9.85 4.56 6.49
CA THR A 23 -9.62 5.69 5.61
C THR A 23 -8.13 5.95 5.43
N SER A 24 -7.47 6.47 6.48
CA SER A 24 -6.04 6.76 6.43
C SER A 24 -5.35 6.42 7.75
N LEU A 25 -4.02 6.30 7.71
CA LEU A 25 -3.25 5.97 8.91
C LEU A 25 -1.84 6.57 8.84
N GLN A 26 -1.21 6.73 10.01
CA GLN A 26 0.14 7.29 10.09
C GLN A 26 1.02 6.44 11.00
N LEU A 27 2.30 6.34 10.64
CA LEU A 27 3.27 5.56 11.42
C LEU A 27 4.53 6.37 11.70
N ASP A 28 5.08 6.21 12.90
CA ASP A 28 6.29 6.92 13.29
C ASP A 28 7.53 6.28 12.67
N GLY A 29 8.14 7.00 11.72
CA GLY A 29 9.32 6.48 11.03
C GLY A 29 10.52 6.36 11.97
N VAL A 30 11.10 5.16 12.01
CA VAL A 30 12.28 4.90 12.86
C VAL A 30 13.43 4.32 12.05
N VAL A 31 13.19 3.19 11.37
CA VAL A 31 14.21 2.54 10.55
C VAL A 31 13.59 1.78 9.37
N PRO A 32 12.90 2.48 8.46
CA PRO A 32 12.25 1.86 7.30
C PRO A 32 13.24 1.44 6.21
N THR A 33 14.54 1.67 6.44
CA THR A 33 15.57 1.31 5.48
C THR A 33 15.50 -0.18 5.14
N GLY A 34 15.15 -1.01 6.14
CA GLY A 34 15.04 -2.44 5.94
C GLY A 34 13.62 -2.88 5.60
N THR A 35 12.85 -1.99 4.95
CA THR A 35 11.47 -2.29 4.57
C THR A 35 11.10 -1.58 3.27
N ASN A 36 10.19 -2.18 2.50
CA ASN A 36 9.75 -1.61 1.23
C ASN A 36 8.25 -1.82 1.03
N LEU A 37 7.75 -1.48 -0.17
CA LEU A 37 6.33 -1.64 -0.49
C LEU A 37 5.85 -3.06 -0.23
N ASN A 38 6.66 -4.05 -0.62
CA ASN A 38 6.31 -5.45 -0.40
C ASN A 38 6.04 -5.69 1.08
N GLY A 39 6.83 -5.04 1.93
CA GLY A 39 6.65 -5.16 3.36
C GLY A 39 5.42 -4.43 3.84
N LEU A 40 5.08 -3.31 3.19
CA LEU A 40 3.91 -2.51 3.56
C LEU A 40 2.63 -3.30 3.29
N VAL A 41 2.47 -3.77 2.06
CA VAL A 41 1.29 -4.54 1.67
C VAL A 41 1.16 -5.80 2.51
N GLN A 42 2.19 -6.65 2.47
CA GLN A 42 2.20 -7.90 3.24
C GLN A 42 1.86 -7.65 4.72
N LEU A 43 2.20 -6.46 5.23
CA LEU A 43 1.92 -6.10 6.62
C LEU A 43 0.43 -5.87 6.86
N LEU A 44 -0.30 -5.39 5.84
CA LEU A 44 -1.72 -5.13 5.97
C LEU A 44 -2.57 -6.29 5.45
N LYS A 45 -2.18 -6.87 4.30
CA LYS A 45 -2.94 -7.97 3.72
C LYS A 45 -2.51 -9.33 4.29
N THR A 46 -1.31 -9.79 3.94
CA THR A 46 -0.80 -11.08 4.44
C THR A 46 -0.82 -11.15 5.97
N ASN A 47 -0.76 -9.99 6.63
CA ASN A 47 -0.76 -9.93 8.09
C ASN A 47 -2.16 -9.69 8.66
N TYR A 48 -3.01 -8.95 7.93
CA TYR A 48 -4.37 -8.66 8.42
C TYR A 48 -5.35 -8.43 7.27
N VAL A 49 -5.49 -9.41 6.39
CA VAL A 49 -6.41 -9.31 5.25
C VAL A 49 -7.78 -9.87 5.63
N LYS A 50 -8.78 -8.99 5.67
CA LYS A 50 -10.14 -9.39 6.01
C LYS A 50 -10.95 -9.67 4.75
N GLU A 51 -10.37 -10.46 3.85
CA GLU A 51 -11.02 -10.83 2.59
C GLU A 51 -10.12 -11.78 1.80
N ARG A 52 -10.54 -12.13 0.59
CA ARG A 52 -9.76 -13.05 -0.26
C ARG A 52 -8.38 -12.46 -0.58
N PRO A 53 -7.30 -13.04 -0.03
CA PRO A 53 -5.94 -12.55 -0.29
C PRO A 53 -5.56 -12.60 -1.77
N ASP A 54 -6.22 -13.50 -2.51
CA ASP A 54 -5.95 -13.65 -3.94
C ASP A 54 -6.87 -12.78 -4.81
N LEU A 55 -7.66 -11.90 -4.17
CA LEU A 55 -8.55 -11.02 -4.92
C LEU A 55 -7.88 -9.70 -5.30
N LEU A 56 -6.80 -9.35 -4.58
CA LEU A 56 -6.08 -8.11 -4.85
C LEU A 56 -4.81 -8.37 -5.66
N VAL A 57 -4.01 -9.33 -5.23
CA VAL A 57 -2.75 -9.64 -5.91
C VAL A 57 -2.98 -9.95 -7.39
N ASP A 58 -1.96 -9.66 -8.20
CA ASP A 58 -2.03 -9.89 -9.64
C ASP A 58 -2.04 -11.38 -9.97
N GLN A 59 -1.00 -12.09 -9.52
CA GLN A 59 -0.90 -13.54 -9.75
C GLN A 59 0.25 -14.15 -8.95
N THR A 60 1.41 -13.48 -8.96
CA THR A 60 2.58 -13.96 -8.24
C THR A 60 2.53 -13.58 -6.74
N GLY A 61 1.38 -13.02 -6.29
CA GLY A 61 1.24 -12.63 -4.90
C GLY A 61 2.28 -11.59 -4.48
N GLN A 62 2.79 -10.84 -5.46
CA GLN A 62 3.79 -9.81 -5.21
C GLN A 62 3.24 -8.43 -5.54
N THR A 63 2.62 -8.33 -6.72
CA THR A 63 2.02 -7.07 -7.17
C THR A 63 0.50 -7.16 -7.06
N LEU A 64 -0.16 -6.00 -7.12
CA LEU A 64 -1.62 -5.96 -7.02
C LEU A 64 -2.25 -5.84 -8.40
N ARG A 65 -3.48 -6.35 -8.52
CA ARG A 65 -4.22 -6.31 -9.79
C ARG A 65 -4.36 -4.88 -10.31
N PRO A 66 -4.38 -4.71 -11.65
CA PRO A 66 -4.51 -3.40 -12.30
C PRO A 66 -5.67 -2.57 -11.76
N GLY A 67 -6.74 -3.24 -11.35
CA GLY A 67 -7.91 -2.57 -10.81
C GLY A 67 -7.55 -1.47 -9.81
N ILE A 68 -6.55 -1.73 -8.97
CA ILE A 68 -6.12 -0.74 -7.97
C ILE A 68 -4.86 0.00 -8.44
N LEU A 69 -4.87 1.32 -8.27
CA LEU A 69 -3.74 2.15 -8.66
C LEU A 69 -2.88 2.50 -7.44
N VAL A 70 -1.74 1.80 -7.31
CA VAL A 70 -0.83 2.03 -6.19
C VAL A 70 0.11 3.20 -6.47
N LEU A 71 0.13 4.16 -5.55
CA LEU A 71 0.99 5.35 -5.70
C LEU A 71 1.89 5.54 -4.48
N VAL A 72 2.93 6.33 -4.65
CA VAL A 72 3.89 6.61 -3.59
C VAL A 72 4.34 8.07 -3.62
N ASN A 73 3.93 8.84 -2.60
CA ASN A 73 4.28 10.26 -2.51
C ASN A 73 3.83 11.01 -3.77
N SER A 74 2.54 10.87 -4.10
CA SER A 74 1.97 11.53 -5.28
C SER A 74 2.70 11.12 -6.56
N CYS A 75 3.23 9.90 -6.58
CA CYS A 75 3.95 9.39 -7.75
C CYS A 75 3.68 7.89 -7.91
N ASP A 76 3.31 7.48 -9.13
CA ASP A 76 3.02 6.07 -9.42
C ASP A 76 4.09 5.16 -8.81
N ALA A 77 3.64 4.16 -8.06
CA ALA A 77 4.56 3.21 -7.42
C ALA A 77 5.37 2.42 -8.45
N GLU A 78 4.86 2.35 -9.69
CA GLU A 78 5.55 1.63 -10.76
C GLU A 78 6.78 2.40 -11.23
N VAL A 79 6.77 3.72 -11.01
CA VAL A 79 7.90 4.55 -11.42
C VAL A 79 9.11 4.30 -10.53
N VAL A 80 8.90 4.28 -9.21
CA VAL A 80 9.98 4.07 -8.25
C VAL A 80 10.52 2.63 -8.31
N GLY A 81 9.60 1.66 -8.41
CA GLY A 81 10.02 0.26 -8.47
C GLY A 81 8.87 -0.72 -8.23
N GLY A 82 7.70 -0.42 -8.78
CA GLY A 82 6.54 -1.29 -8.62
C GLY A 82 6.23 -1.59 -7.16
N MET A 83 6.57 -2.80 -6.71
CA MET A 83 6.33 -3.20 -5.33
C MET A 83 7.64 -3.31 -4.55
N ASP A 84 8.65 -2.53 -4.97
CA ASP A 84 9.95 -2.54 -4.31
C ASP A 84 10.35 -1.15 -3.81
N TYR A 85 9.36 -0.27 -3.61
CA TYR A 85 9.62 1.08 -3.13
C TYR A 85 9.98 1.08 -1.64
N VAL A 86 11.19 1.55 -1.33
CA VAL A 86 11.66 1.61 0.05
C VAL A 86 11.07 2.81 0.80
N LEU A 87 11.08 2.73 2.14
CA LEU A 87 10.56 3.80 2.97
C LEU A 87 11.69 4.51 3.72
N ASN A 88 11.34 5.57 4.45
CA ASN A 88 12.31 6.33 5.22
C ASN A 88 11.63 7.30 6.17
N ASP A 89 10.87 8.26 5.61
CA ASP A 89 10.15 9.26 6.39
C ASP A 89 9.36 10.18 5.48
N GLY A 90 8.04 10.03 5.49
CA GLY A 90 7.18 10.84 4.66
C GLY A 90 6.62 10.09 3.46
N ASP A 91 6.54 8.77 3.57
CA ASP A 91 6.01 7.93 2.48
C ASP A 91 4.48 7.97 2.47
N THR A 92 3.90 7.94 1.27
CA THR A 92 2.45 7.98 1.13
C THR A 92 1.97 6.93 0.12
N VAL A 93 1.44 5.82 0.63
CA VAL A 93 0.93 4.76 -0.24
C VAL A 93 -0.60 4.72 -0.21
N GLU A 94 -1.20 4.59 -1.40
CA GLU A 94 -2.65 4.56 -1.51
C GLU A 94 -3.10 3.48 -2.49
N PHE A 95 -4.30 2.93 -2.24
CA PHE A 95 -4.88 1.89 -3.09
C PHE A 95 -6.25 2.32 -3.59
N ILE A 96 -6.33 2.72 -4.86
CA ILE A 96 -7.58 3.17 -5.46
C ILE A 96 -8.07 2.19 -6.52
N SER A 97 -9.12 1.43 -6.19
CA SER A 97 -9.69 0.45 -7.11
C SER A 97 -10.64 1.12 -8.10
N THR A 98 -10.53 0.72 -9.37
CA THR A 98 -11.38 1.27 -10.43
C THR A 98 -12.03 0.15 -11.24
N LEU A 99 -11.21 -0.76 -11.77
CA LEU A 99 -11.71 -1.88 -12.56
C LEU A 99 -12.29 -2.97 -11.67
N HIS A 100 -13.54 -3.34 -11.93
CA HIS A 100 -14.22 -4.37 -11.14
C HIS A 100 -15.01 -5.31 -12.05
N GLY A 101 -14.35 -6.38 -12.50
CA GLY A 101 -15.00 -7.35 -13.38
C GLY A 101 -14.37 -8.72 -13.30
N GLY A 102 -13.13 -8.84 -13.78
CA GLY A 102 -12.43 -10.11 -13.76
C GLY A 102 -11.31 -10.15 -12.74
N MET A 1 7.34 21.41 10.61
CA MET A 1 7.53 19.99 10.19
C MET A 1 6.27 19.17 10.43
N SER A 2 5.18 19.55 9.76
CA SER A 2 3.91 18.84 9.89
C SER A 2 3.79 17.77 8.83
N ASN A 3 2.95 16.76 9.10
CA ASN A 3 2.74 15.65 8.16
C ASN A 3 4.05 14.91 7.90
N HIS A 4 4.86 14.75 8.94
CA HIS A 4 6.14 14.06 8.82
C HIS A 4 6.14 12.77 9.64
N ASN A 5 7.03 11.84 9.29
CA ASN A 5 7.14 10.54 9.97
C ASN A 5 5.92 9.67 9.68
N HIS A 6 6.07 8.36 9.94
CA HIS A 6 4.99 7.40 9.70
C HIS A 6 4.65 7.31 8.21
N ILE A 7 3.61 6.54 7.88
CA ILE A 7 3.20 6.39 6.48
C ILE A 7 1.69 6.61 6.33
N THR A 8 1.30 7.18 5.19
CA THR A 8 -0.11 7.45 4.91
C THR A 8 -0.72 6.33 4.06
N VAL A 9 -1.37 5.37 4.70
CA VAL A 9 -2.00 4.26 4.00
C VAL A 9 -3.53 4.36 4.08
N GLN A 10 -4.16 4.75 2.98
CA GLN A 10 -5.61 4.90 2.94
C GLN A 10 -6.23 4.21 1.73
N PHE A 11 -7.56 4.21 1.67
CA PHE A 11 -8.27 3.57 0.56
C PHE A 11 -9.10 4.60 -0.22
N ALA A 12 -9.48 4.24 -1.44
CA ALA A 12 -10.28 5.11 -2.30
C ALA A 12 -10.74 4.40 -3.56
N GLY A 13 -11.81 4.90 -4.18
CA GLY A 13 -12.32 4.30 -5.40
C GLY A 13 -12.88 2.91 -5.17
N GLY A 14 -13.67 2.75 -4.11
CA GLY A 14 -14.25 1.46 -3.78
C GLY A 14 -13.22 0.42 -3.37
N CYS A 15 -12.14 0.88 -2.71
CA CYS A 15 -11.08 -0.03 -2.26
C CYS A 15 -11.07 -0.18 -0.74
N GLU A 16 -11.73 0.75 -0.04
CA GLU A 16 -11.80 0.71 1.43
C GLU A 16 -12.44 -0.58 1.93
N LEU A 17 -13.28 -1.20 1.10
CA LEU A 17 -13.95 -2.45 1.46
C LEU A 17 -12.95 -3.60 1.64
N LEU A 18 -11.68 -3.38 1.29
CA LEU A 18 -10.65 -4.42 1.42
C LEU A 18 -10.26 -4.67 2.88
N PHE A 19 -10.90 -3.96 3.82
CA PHE A 19 -10.60 -4.13 5.25
C PHE A 19 -11.88 -3.98 6.06
N ALA A 20 -12.43 -2.77 6.05
CA ALA A 20 -13.66 -2.48 6.75
C ALA A 20 -14.16 -1.08 6.40
N LYS A 21 -14.04 -0.73 5.11
CA LYS A 21 -14.45 0.58 4.62
C LYS A 21 -13.83 1.70 5.45
N GLN A 22 -12.51 1.58 5.69
CA GLN A 22 -11.78 2.57 6.47
C GLN A 22 -11.54 3.84 5.65
N THR A 23 -10.86 4.81 6.27
CA THR A 23 -10.57 6.07 5.60
C THR A 23 -9.07 6.24 5.37
N SER A 24 -8.27 5.98 6.40
CA SER A 24 -6.82 6.12 6.31
C SER A 24 -6.13 5.56 7.55
N LEU A 25 -4.87 5.14 7.40
CA LEU A 25 -4.11 4.58 8.51
C LEU A 25 -2.65 5.03 8.48
N GLN A 26 -1.93 4.82 9.58
CA GLN A 26 -0.53 5.20 9.67
C GLN A 26 0.31 4.05 10.24
N LEU A 27 1.36 3.67 9.52
CA LEU A 27 2.24 2.59 9.96
C LEU A 27 3.54 3.14 10.53
N ASP A 28 4.04 2.51 11.59
CA ASP A 28 5.28 2.93 12.23
C ASP A 28 6.39 1.93 11.99
N GLY A 29 7.47 2.36 11.34
CA GLY A 29 8.58 1.47 11.05
C GLY A 29 9.80 1.74 11.90
N VAL A 30 10.60 0.69 12.14
CA VAL A 30 11.81 0.80 12.95
C VAL A 30 13.08 0.74 12.09
N VAL A 31 13.04 -0.02 11.00
CA VAL A 31 14.18 -0.16 10.10
C VAL A 31 13.74 -0.23 8.64
N PRO A 32 13.24 0.89 8.09
CA PRO A 32 12.78 0.96 6.70
C PRO A 32 13.92 1.01 5.68
N THR A 33 15.15 1.15 6.17
CA THR A 33 16.33 1.21 5.30
C THR A 33 16.35 0.05 4.31
N GLY A 34 16.35 -1.18 4.84
CA GLY A 34 16.37 -2.35 3.98
C GLY A 34 14.98 -2.95 3.78
N THR A 35 13.97 -2.10 3.70
CA THR A 35 12.59 -2.55 3.51
C THR A 35 11.98 -1.92 2.26
N ASN A 36 11.58 -2.78 1.32
CA ASN A 36 10.97 -2.32 0.06
C ASN A 36 9.45 -2.34 0.14
N LEU A 37 8.78 -2.02 -0.97
CA LEU A 37 7.32 -2.00 -1.03
C LEU A 37 6.73 -3.34 -0.60
N ASN A 38 7.36 -4.45 -1.02
CA ASN A 38 6.88 -5.78 -0.65
C ASN A 38 6.69 -5.87 0.85
N GLY A 39 7.68 -5.37 1.60
CA GLY A 39 7.60 -5.36 3.05
C GLY A 39 6.56 -4.40 3.56
N LEU A 40 6.38 -3.28 2.85
CA LEU A 40 5.41 -2.26 3.23
C LEU A 40 3.98 -2.81 3.10
N VAL A 41 3.60 -3.21 1.89
CA VAL A 41 2.26 -3.74 1.64
C VAL A 41 1.99 -4.97 2.49
N GLN A 42 2.82 -6.00 2.36
CA GLN A 42 2.67 -7.24 3.13
C GLN A 42 2.47 -6.94 4.62
N LEU A 43 3.12 -5.88 5.11
CA LEU A 43 3.01 -5.49 6.51
C LEU A 43 1.62 -4.91 6.84
N LEU A 44 0.97 -4.29 5.86
CA LEU A 44 -0.35 -3.70 6.08
C LEU A 44 -1.47 -4.65 5.66
N LYS A 45 -1.25 -5.47 4.62
CA LYS A 45 -2.27 -6.40 4.16
C LYS A 45 -2.21 -7.73 4.92
N THR A 46 -1.17 -8.52 4.67
CA THR A 46 -1.01 -9.82 5.35
C THR A 46 -1.11 -9.68 6.86
N ASN A 47 -0.78 -8.49 7.39
CA ASN A 47 -0.84 -8.25 8.82
C ASN A 47 -2.14 -7.55 9.23
N TYR A 48 -2.64 -6.64 8.38
CA TYR A 48 -3.88 -5.92 8.69
C TYR A 48 -4.77 -5.72 7.45
N VAL A 49 -5.13 -6.82 6.81
CA VAL A 49 -5.99 -6.76 5.63
C VAL A 49 -7.47 -6.97 5.98
N LYS A 50 -7.73 -7.81 6.98
CA LYS A 50 -9.11 -8.11 7.40
C LYS A 50 -9.89 -8.85 6.30
N GLU A 51 -9.19 -9.26 5.24
CA GLU A 51 -9.82 -9.97 4.13
C GLU A 51 -8.86 -11.01 3.56
N ARG A 52 -9.19 -11.54 2.38
CA ARG A 52 -8.34 -12.54 1.72
C ARG A 52 -7.10 -11.89 1.12
N PRO A 53 -5.90 -12.14 1.69
CA PRO A 53 -4.65 -11.56 1.18
C PRO A 53 -4.38 -11.94 -0.28
N ASP A 54 -4.99 -13.04 -0.73
CA ASP A 54 -4.80 -13.51 -2.10
C ASP A 54 -5.82 -12.90 -3.06
N LEU A 55 -6.64 -11.96 -2.58
CA LEU A 55 -7.64 -11.33 -3.43
C LEU A 55 -7.14 -10.01 -4.01
N LEU A 56 -6.20 -9.36 -3.31
CA LEU A 56 -5.64 -8.09 -3.77
C LEU A 56 -4.34 -8.28 -4.54
N VAL A 57 -3.46 -9.12 -4.00
CA VAL A 57 -2.17 -9.39 -4.64
C VAL A 57 -2.33 -9.82 -6.08
N ASP A 58 -1.34 -9.51 -6.90
CA ASP A 58 -1.34 -9.87 -8.31
C ASP A 58 -1.33 -11.38 -8.47
N GLN A 59 -0.30 -12.03 -7.93
CA GLN A 59 -0.17 -13.48 -8.00
C GLN A 59 0.99 -13.98 -7.13
N THR A 60 2.13 -13.30 -7.21
CA THR A 60 3.31 -13.67 -6.44
C THR A 60 3.25 -13.11 -5.01
N GLY A 61 2.11 -12.50 -4.64
CA GLY A 61 1.98 -11.94 -3.31
C GLY A 61 3.04 -10.89 -3.01
N GLN A 62 3.56 -10.28 -4.06
CA GLN A 62 4.60 -9.25 -3.93
C GLN A 62 4.08 -7.89 -4.39
N THR A 63 3.27 -7.90 -5.45
CA THR A 63 2.69 -6.67 -6.00
C THR A 63 1.18 -6.82 -6.11
N LEU A 64 0.44 -5.75 -5.84
CA LEU A 64 -1.02 -5.77 -5.90
C LEU A 64 -1.50 -6.00 -7.33
N ARG A 65 -2.72 -6.54 -7.46
CA ARG A 65 -3.31 -6.80 -8.78
C ARG A 65 -3.44 -5.52 -9.59
N PRO A 66 -3.36 -5.62 -10.94
CA PRO A 66 -3.48 -4.46 -11.84
C PRO A 66 -4.73 -3.64 -11.58
N GLY A 67 -5.81 -4.30 -11.16
CA GLY A 67 -7.05 -3.61 -10.87
C GLY A 67 -6.87 -2.41 -9.96
N ILE A 68 -5.94 -2.51 -9.00
CA ILE A 68 -5.67 -1.42 -8.08
C ILE A 68 -4.42 -0.64 -8.51
N LEU A 69 -4.51 0.69 -8.46
CA LEU A 69 -3.40 1.55 -8.85
C LEU A 69 -2.74 2.16 -7.61
N VAL A 70 -1.56 1.63 -7.26
CA VAL A 70 -0.82 2.13 -6.10
C VAL A 70 -0.11 3.45 -6.43
N LEU A 71 -0.24 4.42 -5.53
CA LEU A 71 0.38 5.73 -5.71
C LEU A 71 1.29 6.09 -4.54
N VAL A 72 2.27 6.95 -4.81
CA VAL A 72 3.21 7.41 -3.79
C VAL A 72 3.26 8.93 -3.73
N ASN A 73 2.79 9.48 -2.61
CA ASN A 73 2.76 10.93 -2.41
C ASN A 73 1.95 11.62 -3.51
N SER A 74 0.80 11.02 -3.85
CA SER A 74 -0.09 11.56 -4.87
C SER A 74 0.64 11.72 -6.21
N CYS A 75 1.31 10.66 -6.65
CA CYS A 75 2.04 10.67 -7.91
C CYS A 75 1.89 9.33 -8.63
N ASP A 76 2.66 8.33 -8.20
CA ASP A 76 2.61 7.00 -8.81
C ASP A 76 3.63 6.07 -8.17
N ALA A 77 3.20 4.87 -7.80
CA ALA A 77 4.08 3.89 -7.18
C ALA A 77 4.78 3.02 -8.24
N GLU A 78 4.16 2.89 -9.40
CA GLU A 78 4.72 2.10 -10.49
C GLU A 78 5.79 2.88 -11.24
N VAL A 79 5.55 4.17 -11.44
CA VAL A 79 6.50 5.02 -12.14
C VAL A 79 7.86 5.02 -11.44
N VAL A 80 7.84 5.00 -10.10
CA VAL A 80 9.07 4.98 -9.32
C VAL A 80 9.67 3.58 -9.23
N GLY A 81 8.80 2.56 -9.22
CA GLY A 81 9.27 1.18 -9.14
C GLY A 81 8.16 0.16 -9.32
N GLY A 82 7.13 0.25 -8.49
CA GLY A 82 6.01 -0.68 -8.58
C GLY A 82 5.96 -1.62 -7.40
N MET A 83 7.04 -2.36 -7.19
CA MET A 83 7.12 -3.31 -6.08
C MET A 83 8.53 -3.36 -5.47
N ASP A 84 9.31 -2.29 -5.69
CA ASP A 84 10.67 -2.23 -5.16
C ASP A 84 10.98 -0.86 -4.53
N TYR A 85 9.94 -0.12 -4.16
CA TYR A 85 10.12 1.19 -3.55
C TYR A 85 10.59 1.07 -2.09
N VAL A 86 11.81 1.53 -1.83
CA VAL A 86 12.38 1.49 -0.48
C VAL A 86 11.71 2.50 0.45
N LEU A 87 11.73 2.21 1.75
CA LEU A 87 11.11 3.09 2.75
C LEU A 87 12.18 3.87 3.53
N ASN A 88 11.74 4.93 4.22
CA ASN A 88 12.64 5.77 5.01
C ASN A 88 11.88 6.60 6.06
N ASP A 89 10.76 6.05 6.54
CA ASP A 89 9.92 6.72 7.54
C ASP A 89 9.41 8.07 7.04
N GLY A 90 8.15 8.12 6.65
CA GLY A 90 7.54 9.35 6.15
C GLY A 90 7.10 9.22 4.70
N ASP A 91 6.62 8.05 4.32
CA ASP A 91 6.17 7.80 2.95
C ASP A 91 4.64 7.82 2.86
N THR A 92 4.14 7.65 1.63
CA THR A 92 2.69 7.64 1.39
C THR A 92 2.32 6.58 0.36
N VAL A 93 1.30 5.80 0.66
CA VAL A 93 0.83 4.74 -0.24
C VAL A 93 -0.69 4.62 -0.23
N GLU A 94 -1.29 4.47 -1.41
CA GLU A 94 -2.74 4.35 -1.52
C GLU A 94 -3.14 3.20 -2.45
N PHE A 95 -4.38 2.73 -2.27
CA PHE A 95 -4.91 1.64 -3.09
C PHE A 95 -6.24 2.05 -3.71
N ILE A 96 -6.21 2.34 -5.01
CA ILE A 96 -7.42 2.75 -5.74
C ILE A 96 -7.78 1.73 -6.83
N SER A 97 -8.97 1.14 -6.70
CA SER A 97 -9.44 0.15 -7.67
C SER A 97 -9.86 0.83 -8.98
N THR A 98 -9.81 0.06 -10.08
CA THR A 98 -10.17 0.58 -11.40
C THR A 98 -10.47 -0.55 -12.39
N LEU A 99 -9.65 -1.61 -12.35
CA LEU A 99 -9.79 -2.77 -13.23
C LEU A 99 -9.90 -2.35 -14.70
N HIS A 100 -10.15 -3.33 -15.57
CA HIS A 100 -10.26 -3.07 -17.01
C HIS A 100 -11.71 -2.87 -17.43
N GLY A 101 -12.28 -1.72 -17.06
CA GLY A 101 -13.65 -1.41 -17.39
C GLY A 101 -13.80 -0.80 -18.77
N GLY A 102 -15.01 -0.29 -19.05
CA GLY A 102 -15.29 0.31 -20.35
C GLY A 102 -16.57 -0.20 -20.97
N MET A 1 16.85 17.86 11.14
CA MET A 1 17.01 16.52 11.78
C MET A 1 15.78 15.65 11.56
N SER A 2 15.94 14.34 11.74
CA SER A 2 14.84 13.39 11.56
C SER A 2 13.96 13.34 12.80
N ASN A 3 12.96 14.24 12.84
CA ASN A 3 12.04 14.31 13.97
C ASN A 3 10.60 14.43 13.48
N HIS A 4 9.66 13.81 14.22
CA HIS A 4 8.24 13.84 13.88
C HIS A 4 8.01 13.21 12.50
N ASN A 5 7.89 11.88 12.48
CA ASN A 5 7.68 11.15 11.23
C ASN A 5 6.26 10.57 11.16
N HIS A 6 5.86 10.14 9.96
CA HIS A 6 4.52 9.56 9.76
C HIS A 6 4.34 9.05 8.34
N ILE A 7 3.70 7.89 8.19
CA ILE A 7 3.47 7.29 6.88
C ILE A 7 2.00 7.44 6.46
N THR A 8 1.80 7.77 5.18
CA THR A 8 0.45 7.96 4.65
C THR A 8 -0.08 6.68 4.03
N VAL A 9 -1.11 6.09 4.65
CA VAL A 9 -1.72 4.88 4.15
C VAL A 9 -3.25 4.98 4.17
N GLN A 10 -3.85 5.10 2.98
CA GLN A 10 -5.31 5.23 2.88
C GLN A 10 -5.85 4.42 1.70
N PHE A 11 -7.16 4.18 1.73
CA PHE A 11 -7.83 3.41 0.67
C PHE A 11 -8.85 4.27 -0.09
N ALA A 12 -9.03 3.98 -1.37
CA ALA A 12 -9.97 4.72 -2.21
C ALA A 12 -10.80 3.78 -3.07
N GLY A 13 -12.07 4.13 -3.27
CA GLY A 13 -12.97 3.32 -4.06
C GLY A 13 -13.48 2.12 -3.29
N GLY A 14 -13.00 0.93 -3.66
CA GLY A 14 -13.42 -0.28 -2.99
C GLY A 14 -12.26 -0.99 -2.29
N CYS A 15 -11.22 -0.23 -1.93
CA CYS A 15 -10.05 -0.79 -1.26
C CYS A 15 -10.12 -0.61 0.26
N GLU A 16 -11.02 0.27 0.73
CA GLU A 16 -11.17 0.50 2.17
C GLU A 16 -11.55 -0.78 2.90
N LEU A 17 -12.31 -1.65 2.22
CA LEU A 17 -12.73 -2.92 2.81
C LEU A 17 -11.58 -3.92 2.91
N LEU A 18 -10.40 -3.56 2.37
CA LEU A 18 -9.23 -4.43 2.40
C LEU A 18 -8.47 -4.32 3.73
N PHE A 19 -9.09 -3.72 4.76
CA PHE A 19 -8.45 -3.58 6.07
C PHE A 19 -9.49 -3.49 7.17
N ALA A 20 -10.33 -2.47 7.09
CA ALA A 20 -11.39 -2.25 8.09
C ALA A 20 -12.25 -1.05 7.74
N LYS A 21 -12.50 -0.86 6.43
CA LYS A 21 -13.31 0.26 5.95
C LYS A 21 -12.80 1.59 6.52
N GLN A 22 -11.48 1.69 6.68
CA GLN A 22 -10.86 2.90 7.22
C GLN A 22 -10.43 3.84 6.09
N THR A 23 -10.42 5.14 6.38
CA THR A 23 -10.03 6.13 5.39
C THR A 23 -8.51 6.21 5.26
N SER A 24 -7.83 6.61 6.34
CA SER A 24 -6.37 6.72 6.33
C SER A 24 -5.77 6.31 7.67
N LEU A 25 -4.46 6.05 7.67
CA LEU A 25 -3.76 5.65 8.89
C LEU A 25 -2.31 6.15 8.88
N GLN A 26 -1.64 6.08 10.03
CA GLN A 26 -0.26 6.52 10.16
C GLN A 26 0.58 5.48 10.89
N LEU A 27 1.69 5.07 10.28
CA LEU A 27 2.58 4.07 10.88
C LEU A 27 3.94 4.68 11.18
N ASP A 28 4.52 4.29 12.32
CA ASP A 28 5.83 4.80 12.73
C ASP A 28 6.84 3.67 12.82
N GLY A 29 7.95 3.80 12.09
CA GLY A 29 8.98 2.78 12.09
C GLY A 29 10.31 3.30 12.61
N VAL A 30 10.94 2.52 13.49
CA VAL A 30 12.22 2.90 14.07
C VAL A 30 13.34 2.82 13.02
N VAL A 31 13.31 1.77 12.19
CA VAL A 31 14.31 1.59 11.14
C VAL A 31 13.65 1.22 9.80
N PRO A 32 12.89 2.16 9.21
CA PRO A 32 12.21 1.93 7.91
C PRO A 32 13.19 1.74 6.75
N THR A 33 14.45 2.13 6.96
CA THR A 33 15.48 2.02 5.93
C THR A 33 15.56 0.59 5.38
N GLY A 34 15.53 -0.40 6.26
CA GLY A 34 15.60 -1.79 5.84
C GLY A 34 14.23 -2.38 5.51
N THR A 35 13.38 -1.60 4.85
CA THR A 35 12.04 -2.04 4.48
C THR A 35 11.57 -1.34 3.21
N ASN A 36 11.09 -2.13 2.24
CA ASN A 36 10.60 -1.59 0.97
C ASN A 36 9.09 -1.80 0.85
N LEU A 37 8.54 -1.45 -0.31
CA LEU A 37 7.10 -1.60 -0.55
C LEU A 37 6.65 -3.04 -0.33
N ASN A 38 7.51 -3.99 -0.68
CA ASN A 38 7.21 -5.42 -0.49
C ASN A 38 6.86 -5.69 0.97
N GLY A 39 7.57 -5.02 1.88
CA GLY A 39 7.32 -5.17 3.29
C GLY A 39 6.04 -4.47 3.73
N LEU A 40 5.73 -3.35 3.08
CA LEU A 40 4.53 -2.58 3.40
C LEU A 40 3.28 -3.39 3.06
N VAL A 41 3.21 -3.86 1.81
CA VAL A 41 2.06 -4.65 1.35
C VAL A 41 1.86 -5.88 2.23
N GLN A 42 2.89 -6.72 2.35
CA GLN A 42 2.81 -7.92 3.16
C GLN A 42 2.43 -7.59 4.62
N LEU A 43 2.75 -6.38 5.06
CA LEU A 43 2.44 -5.95 6.42
C LEU A 43 0.98 -5.45 6.56
N LEU A 44 0.37 -5.02 5.44
CA LEU A 44 -1.01 -4.54 5.49
C LEU A 44 -2.02 -5.63 5.09
N LYS A 45 -1.67 -6.46 4.09
CA LYS A 45 -2.58 -7.51 3.65
C LYS A 45 -2.33 -8.84 4.38
N THR A 46 -1.11 -9.37 4.26
CA THR A 46 -0.78 -10.64 4.93
C THR A 46 -0.92 -10.51 6.46
N ASN A 47 -0.85 -9.28 6.96
CA ASN A 47 -0.96 -9.04 8.41
C ASN A 47 -2.39 -8.60 8.79
N TYR A 48 -3.06 -7.85 7.91
CA TYR A 48 -4.42 -7.38 8.21
C TYR A 48 -5.22 -7.09 6.92
N VAL A 49 -5.31 -8.08 6.03
CA VAL A 49 -6.05 -7.91 4.77
C VAL A 49 -7.56 -7.84 5.01
N LYS A 50 -8.05 -8.56 6.02
CA LYS A 50 -9.48 -8.58 6.34
C LYS A 50 -10.33 -9.04 5.16
N GLU A 51 -9.69 -9.62 4.14
CA GLU A 51 -10.39 -10.09 2.96
C GLU A 51 -9.55 -11.14 2.23
N ARG A 52 -9.97 -11.52 1.02
CA ARG A 52 -9.24 -12.52 0.24
C ARG A 52 -7.88 -11.97 -0.20
N PRO A 53 -6.77 -12.53 0.33
CA PRO A 53 -5.41 -12.09 -0.03
C PRO A 53 -5.14 -12.24 -1.52
N ASP A 54 -5.85 -13.16 -2.17
CA ASP A 54 -5.67 -13.41 -3.60
C ASP A 54 -6.60 -12.53 -4.46
N LEU A 55 -7.32 -11.60 -3.84
CA LEU A 55 -8.23 -10.73 -4.58
C LEU A 55 -7.53 -9.45 -5.02
N LEU A 56 -6.54 -9.00 -4.23
CA LEU A 56 -5.80 -7.78 -4.55
C LEU A 56 -4.50 -8.07 -5.28
N VAL A 57 -3.76 -9.07 -4.81
CA VAL A 57 -2.48 -9.43 -5.42
C VAL A 57 -2.64 -9.74 -6.90
N ASP A 58 -1.59 -9.42 -7.66
CA ASP A 58 -1.57 -9.66 -9.10
C ASP A 58 -1.67 -11.17 -9.39
N GLN A 59 -0.73 -11.93 -8.81
CA GLN A 59 -0.71 -13.38 -8.99
C GLN A 59 0.36 -14.03 -8.12
N THR A 60 1.56 -13.44 -8.10
CA THR A 60 2.67 -13.98 -7.31
C THR A 60 2.69 -13.41 -5.89
N GLY A 61 1.58 -12.79 -5.47
CA GLY A 61 1.51 -12.21 -4.13
C GLY A 61 2.63 -11.23 -3.87
N GLN A 62 3.19 -10.66 -4.94
CA GLN A 62 4.29 -9.69 -4.83
C GLN A 62 3.80 -8.29 -5.16
N THR A 63 2.82 -8.20 -6.08
CA THR A 63 2.26 -6.92 -6.50
C THR A 63 0.74 -7.00 -6.49
N LEU A 64 0.07 -5.91 -6.84
CA LEU A 64 -1.39 -5.87 -6.86
C LEU A 64 -1.92 -5.93 -8.30
N ARG A 65 -3.14 -6.46 -8.44
CA ARG A 65 -3.78 -6.57 -9.75
C ARG A 65 -4.03 -5.21 -10.38
N PRO A 66 -4.10 -5.15 -11.73
CA PRO A 66 -4.36 -3.90 -12.47
C PRO A 66 -5.56 -3.12 -11.94
N GLY A 67 -6.57 -3.85 -11.46
CA GLY A 67 -7.77 -3.23 -10.93
C GLY A 67 -7.48 -2.08 -9.98
N ILE A 68 -6.43 -2.22 -9.17
CA ILE A 68 -6.05 -1.17 -8.23
C ILE A 68 -4.82 -0.42 -8.71
N LEU A 69 -4.88 0.91 -8.65
CA LEU A 69 -3.77 1.76 -9.07
C LEU A 69 -2.99 2.25 -7.87
N VAL A 70 -1.85 1.61 -7.59
CA VAL A 70 -1.00 1.98 -6.47
C VAL A 70 -0.19 3.24 -6.79
N LEU A 71 -0.19 4.19 -5.85
CA LEU A 71 0.54 5.44 -6.04
C LEU A 71 1.40 5.78 -4.83
N VAL A 72 2.60 6.31 -5.08
CA VAL A 72 3.52 6.69 -4.01
C VAL A 72 3.76 8.20 -4.04
N ASN A 73 3.38 8.87 -2.95
CA ASN A 73 3.54 10.32 -2.84
C ASN A 73 2.84 11.04 -3.99
N SER A 74 1.57 10.70 -4.23
CA SER A 74 0.78 11.31 -5.30
C SER A 74 1.45 11.11 -6.66
N CYS A 75 1.86 9.87 -6.93
CA CYS A 75 2.51 9.54 -8.20
C CYS A 75 2.46 8.03 -8.46
N ASP A 76 2.35 7.64 -9.72
CA ASP A 76 2.29 6.21 -10.10
C ASP A 76 3.36 5.40 -9.36
N ALA A 77 2.92 4.43 -8.56
CA ALA A 77 3.82 3.58 -7.80
C ALA A 77 4.47 2.50 -8.67
N GLU A 78 3.89 2.23 -9.83
CA GLU A 78 4.42 1.21 -10.73
C GLU A 78 5.63 1.73 -11.50
N VAL A 79 5.62 3.02 -11.83
CA VAL A 79 6.72 3.62 -12.56
C VAL A 79 7.96 3.73 -11.69
N VAL A 80 7.78 4.20 -10.45
CA VAL A 80 8.89 4.36 -9.51
C VAL A 80 9.56 3.02 -9.22
N GLY A 81 8.78 1.95 -9.17
CA GLY A 81 9.33 0.62 -8.89
C GLY A 81 8.27 -0.47 -8.85
N GLY A 82 7.07 -0.14 -8.35
CA GLY A 82 6.00 -1.11 -8.26
C GLY A 82 5.97 -1.82 -6.92
N MET A 83 7.11 -2.40 -6.54
CA MET A 83 7.22 -3.11 -5.26
C MET A 83 8.65 -3.01 -4.70
N ASP A 84 9.36 -1.94 -5.04
CA ASP A 84 10.73 -1.74 -4.55
C ASP A 84 10.95 -0.36 -3.94
N TYR A 85 9.85 0.34 -3.62
CA TYR A 85 9.95 1.67 -3.01
C TYR A 85 10.47 1.58 -1.58
N VAL A 86 11.67 2.11 -1.35
CA VAL A 86 12.29 2.10 -0.02
C VAL A 86 11.56 3.02 0.95
N LEU A 87 11.56 2.65 2.23
CA LEU A 87 10.89 3.45 3.26
C LEU A 87 11.87 4.37 3.99
N ASN A 88 11.35 5.42 4.60
CA ASN A 88 12.18 6.38 5.33
C ASN A 88 11.36 7.10 6.42
N ASP A 89 10.44 6.36 7.04
CA ASP A 89 9.58 6.92 8.10
C ASP A 89 8.68 8.05 7.58
N GLY A 90 8.37 8.00 6.29
CA GLY A 90 7.52 9.01 5.68
C GLY A 90 7.07 8.62 4.29
N ASP A 91 6.71 7.35 4.12
CA ASP A 91 6.26 6.85 2.82
C ASP A 91 4.77 7.09 2.63
N THR A 92 4.30 6.94 1.40
CA THR A 92 2.90 7.14 1.07
C THR A 92 2.42 6.12 0.05
N VAL A 93 1.33 5.43 0.37
CA VAL A 93 0.77 4.42 -0.53
C VAL A 93 -0.76 4.45 -0.52
N GLU A 94 -1.36 4.41 -1.71
CA GLU A 94 -2.81 4.44 -1.84
C GLU A 94 -3.31 3.37 -2.81
N PHE A 95 -4.46 2.78 -2.50
CA PHE A 95 -5.05 1.75 -3.33
C PHE A 95 -6.36 2.24 -3.95
N ILE A 96 -6.31 2.58 -5.24
CA ILE A 96 -7.50 3.09 -5.95
C ILE A 96 -8.00 2.06 -6.97
N SER A 97 -9.17 1.48 -6.69
CA SER A 97 -9.75 0.49 -7.59
C SER A 97 -10.40 1.16 -8.81
N THR A 98 -10.28 0.50 -9.96
CA THR A 98 -10.84 1.03 -11.21
C THR A 98 -11.58 -0.06 -11.99
N LEU A 99 -10.93 -1.22 -12.18
CA LEU A 99 -11.52 -2.33 -12.91
C LEU A 99 -12.57 -3.04 -12.05
N HIS A 100 -13.76 -2.42 -11.95
CA HIS A 100 -14.85 -2.98 -11.17
C HIS A 100 -16.16 -2.95 -11.96
N GLY A 101 -16.06 -3.21 -13.27
CA GLY A 101 -17.23 -3.21 -14.13
C GLY A 101 -17.27 -4.44 -15.02
N GLY A 102 -16.23 -4.62 -15.82
CA GLY A 102 -16.16 -5.77 -16.71
C GLY A 102 -14.79 -6.43 -16.71
N MET A 1 12.53 18.90 15.02
CA MET A 1 11.85 17.83 14.24
C MET A 1 11.91 18.11 12.74
N SER A 2 12.83 17.43 12.06
CA SER A 2 12.98 17.60 10.61
C SER A 2 11.86 16.87 9.86
N ASN A 3 11.62 15.62 10.25
CA ASN A 3 10.58 14.80 9.63
C ASN A 3 10.36 13.51 10.41
N HIS A 4 9.38 13.52 11.32
CA HIS A 4 9.08 12.36 12.16
C HIS A 4 8.52 11.21 11.32
N ASN A 5 8.64 9.99 11.84
CA ASN A 5 8.16 8.79 11.13
C ASN A 5 6.63 8.76 11.11
N HIS A 6 6.08 8.43 9.93
CA HIS A 6 4.62 8.35 9.75
C HIS A 6 4.27 7.84 8.35
N ILE A 7 3.65 6.67 8.29
CA ILE A 7 3.26 6.08 7.01
C ILE A 7 1.87 6.58 6.59
N THR A 8 1.60 6.57 5.28
CA THR A 8 0.31 7.03 4.76
C THR A 8 -0.38 5.92 3.97
N VAL A 9 -1.26 5.17 4.65
CA VAL A 9 -1.99 4.08 4.01
C VAL A 9 -3.49 4.32 4.04
N GLN A 10 -4.07 4.62 2.88
CA GLN A 10 -5.50 4.88 2.78
C GLN A 10 -6.14 4.12 1.61
N PHE A 11 -7.47 3.99 1.64
CA PHE A 11 -8.20 3.30 0.58
C PHE A 11 -9.24 4.22 -0.04
N ALA A 12 -9.55 3.96 -1.31
CA ALA A 12 -10.53 4.76 -2.05
C ALA A 12 -10.92 4.06 -3.36
N GLY A 13 -11.90 4.65 -4.06
CA GLY A 13 -12.35 4.08 -5.32
C GLY A 13 -12.89 2.66 -5.18
N GLY A 14 -13.48 2.36 -4.01
CA GLY A 14 -14.03 1.04 -3.77
C GLY A 14 -12.97 0.05 -3.27
N CYS A 15 -11.93 0.55 -2.61
CA CYS A 15 -10.87 -0.32 -2.08
C CYS A 15 -10.93 -0.41 -0.55
N GLU A 16 -11.54 0.59 0.08
CA GLU A 16 -11.66 0.61 1.55
C GLU A 16 -12.39 -0.64 2.06
N LEU A 17 -13.25 -1.21 1.22
CA LEU A 17 -14.00 -2.41 1.59
C LEU A 17 -13.08 -3.62 1.81
N LEU A 18 -11.81 -3.50 1.43
CA LEU A 18 -10.84 -4.59 1.58
C LEU A 18 -10.24 -4.62 3.01
N PHE A 19 -10.85 -3.88 3.94
CA PHE A 19 -10.38 -3.83 5.32
C PHE A 19 -11.57 -3.63 6.25
N ALA A 20 -12.14 -2.44 6.22
CA ALA A 20 -13.29 -2.10 7.05
C ALA A 20 -13.88 -0.75 6.65
N LYS A 21 -13.88 -0.47 5.35
CA LYS A 21 -14.40 0.79 4.82
C LYS A 21 -13.76 1.99 5.52
N GLN A 22 -12.48 1.85 5.89
CA GLN A 22 -11.74 2.91 6.57
C GLN A 22 -11.31 3.99 5.58
N THR A 23 -10.65 5.04 6.09
CA THR A 23 -10.18 6.12 5.25
C THR A 23 -8.67 6.07 5.08
N SER A 24 -7.93 6.50 6.12
CA SER A 24 -6.47 6.49 6.07
C SER A 24 -5.87 5.98 7.38
N LEU A 25 -4.58 5.63 7.34
CA LEU A 25 -3.90 5.11 8.53
C LEU A 25 -2.41 5.49 8.52
N GLN A 26 -1.83 5.64 9.72
CA GLN A 26 -0.42 6.00 9.85
C GLN A 26 0.27 5.09 10.86
N LEU A 27 1.15 4.23 10.36
CA LEU A 27 1.88 3.29 11.21
C LEU A 27 3.28 3.83 11.51
N ASP A 28 3.75 3.62 12.75
CA ASP A 28 5.07 4.09 13.15
C ASP A 28 6.14 3.06 12.78
N GLY A 29 7.11 3.50 11.98
CA GLY A 29 8.18 2.60 11.55
C GLY A 29 9.38 2.63 12.47
N VAL A 30 10.18 1.57 12.44
CA VAL A 30 11.37 1.47 13.28
C VAL A 30 12.64 1.23 12.44
N VAL A 31 12.56 0.29 11.48
CA VAL A 31 13.69 -0.03 10.62
C VAL A 31 13.25 -0.17 9.15
N PRO A 32 12.84 0.94 8.52
CA PRO A 32 12.40 0.94 7.12
C PRO A 32 13.55 0.91 6.12
N THR A 33 14.78 0.88 6.63
CA THR A 33 15.97 0.85 5.77
C THR A 33 15.93 -0.33 4.81
N GLY A 34 15.86 -1.54 5.36
CA GLY A 34 15.81 -2.75 4.54
C GLY A 34 14.39 -3.21 4.25
N THR A 35 13.51 -2.25 3.92
CA THR A 35 12.11 -2.57 3.62
C THR A 35 11.65 -1.81 2.37
N ASN A 36 11.34 -2.56 1.31
CA ASN A 36 10.89 -1.97 0.06
C ASN A 36 9.36 -2.06 -0.05
N LEU A 37 8.82 -1.74 -1.24
CA LEU A 37 7.37 -1.79 -1.46
C LEU A 37 6.80 -3.16 -1.10
N ASN A 38 7.50 -4.23 -1.51
CA ASN A 38 7.05 -5.59 -1.22
C ASN A 38 6.89 -5.77 0.29
N GLY A 39 7.81 -5.16 1.04
CA GLY A 39 7.75 -5.23 2.49
C GLY A 39 6.68 -4.32 3.06
N LEU A 40 6.46 -3.17 2.42
CA LEU A 40 5.45 -2.21 2.87
C LEU A 40 4.06 -2.84 2.81
N VAL A 41 3.71 -3.40 1.64
CA VAL A 41 2.41 -4.04 1.47
C VAL A 41 2.22 -5.19 2.46
N GLN A 42 3.14 -6.16 2.42
CA GLN A 42 3.07 -7.31 3.34
C GLN A 42 2.91 -6.86 4.80
N LEU A 43 3.49 -5.70 5.13
CA LEU A 43 3.42 -5.16 6.49
C LEU A 43 2.00 -4.66 6.81
N LEU A 44 1.25 -4.24 5.80
CA LEU A 44 -0.12 -3.74 6.03
C LEU A 44 -1.18 -4.82 5.78
N LYS A 45 -1.01 -5.63 4.74
CA LYS A 45 -1.99 -6.67 4.43
C LYS A 45 -1.77 -7.93 5.26
N THR A 46 -0.65 -8.61 5.07
CA THR A 46 -0.36 -9.84 5.82
C THR A 46 -0.40 -9.59 7.34
N ASN A 47 -0.18 -8.34 7.76
CA ASN A 47 -0.21 -7.99 9.17
C ASN A 47 -1.58 -7.50 9.61
N TYR A 48 -2.23 -6.68 8.78
CA TYR A 48 -3.56 -6.14 9.10
C TYR A 48 -4.40 -5.88 7.85
N VAL A 49 -4.65 -6.94 7.07
CA VAL A 49 -5.45 -6.81 5.84
C VAL A 49 -6.95 -6.76 6.15
N LYS A 50 -7.38 -7.50 7.18
CA LYS A 50 -8.78 -7.55 7.57
C LYS A 50 -9.65 -8.18 6.47
N GLU A 51 -8.99 -8.77 5.45
CA GLU A 51 -9.70 -9.41 4.34
C GLU A 51 -8.80 -10.50 3.73
N ARG A 52 -9.25 -11.08 2.61
CA ARG A 52 -8.47 -12.12 1.93
C ARG A 52 -7.19 -11.54 1.34
N PRO A 53 -6.04 -12.24 1.51
CA PRO A 53 -4.76 -11.78 0.97
C PRO A 53 -4.62 -12.03 -0.53
N ASP A 54 -5.38 -13.00 -1.04
CA ASP A 54 -5.32 -13.35 -2.46
C ASP A 54 -6.32 -12.56 -3.31
N LEU A 55 -7.01 -11.59 -2.70
CA LEU A 55 -7.97 -10.76 -3.44
C LEU A 55 -7.31 -9.53 -4.05
N LEU A 56 -6.11 -9.17 -3.56
CA LEU A 56 -5.39 -8.01 -4.06
C LEU A 56 -4.13 -8.41 -4.83
N VAL A 57 -3.35 -9.33 -4.26
CA VAL A 57 -2.11 -9.77 -4.90
C VAL A 57 -2.36 -10.32 -6.30
N ASP A 58 -1.38 -10.14 -7.17
CA ASP A 58 -1.46 -10.60 -8.55
C ASP A 58 -1.55 -12.13 -8.58
N GLN A 59 -0.58 -12.78 -7.94
CA GLN A 59 -0.55 -14.25 -7.87
C GLN A 59 0.61 -14.74 -7.02
N THR A 60 1.79 -14.14 -7.19
CA THR A 60 2.97 -14.53 -6.43
C THR A 60 3.07 -13.78 -5.09
N GLY A 61 1.97 -13.09 -4.70
CA GLY A 61 1.97 -12.35 -3.46
C GLY A 61 3.08 -11.31 -3.39
N GLN A 62 3.56 -10.90 -4.56
CA GLN A 62 4.64 -9.91 -4.65
C GLN A 62 4.10 -8.58 -5.16
N THR A 63 3.13 -8.65 -6.07
CA THR A 63 2.51 -7.45 -6.64
C THR A 63 0.98 -7.56 -6.55
N LEU A 64 0.28 -6.55 -7.06
CA LEU A 64 -1.18 -6.55 -7.03
C LEU A 64 -1.77 -6.91 -8.39
N ARG A 65 -2.99 -7.46 -8.37
CA ARG A 65 -3.67 -7.85 -9.59
C ARG A 65 -4.32 -6.64 -10.27
N PRO A 66 -4.53 -6.72 -11.61
CA PRO A 66 -5.15 -5.63 -12.38
C PRO A 66 -6.49 -5.19 -11.80
N GLY A 67 -6.66 -3.87 -11.72
CA GLY A 67 -7.90 -3.32 -11.17
C GLY A 67 -7.66 -2.15 -10.25
N ILE A 68 -6.72 -2.32 -9.31
CA ILE A 68 -6.39 -1.27 -8.35
C ILE A 68 -5.22 -0.43 -8.84
N LEU A 69 -5.27 0.88 -8.57
CA LEU A 69 -4.21 1.80 -8.97
C LEU A 69 -3.35 2.20 -7.78
N VAL A 70 -2.18 1.58 -7.67
CA VAL A 70 -1.26 1.89 -6.58
C VAL A 70 -0.54 3.21 -6.83
N LEU A 71 -0.43 4.02 -5.77
CA LEU A 71 0.22 5.33 -5.86
C LEU A 71 1.23 5.52 -4.73
N VAL A 72 2.31 6.24 -5.03
CA VAL A 72 3.36 6.51 -4.06
C VAL A 72 3.65 8.01 -4.00
N ASN A 73 3.73 8.55 -2.78
CA ASN A 73 4.00 9.98 -2.57
C ASN A 73 2.91 10.84 -3.24
N SER A 74 1.71 10.27 -3.40
CA SER A 74 0.60 10.97 -4.04
C SER A 74 0.98 11.49 -5.43
N CYS A 75 1.86 10.76 -6.11
CA CYS A 75 2.31 11.16 -7.45
C CYS A 75 2.21 10.00 -8.44
N ASP A 76 2.71 8.84 -8.05
CA ASP A 76 2.68 7.64 -8.89
C ASP A 76 3.51 6.52 -8.26
N ALA A 77 3.00 5.29 -8.36
CA ALA A 77 3.70 4.14 -7.80
C ALA A 77 4.72 3.57 -8.78
N GLU A 78 4.52 3.83 -10.08
CA GLU A 78 5.43 3.35 -11.11
C GLU A 78 6.69 4.21 -11.17
N VAL A 79 6.52 5.51 -10.90
CA VAL A 79 7.65 6.45 -10.92
C VAL A 79 8.72 6.04 -9.90
N VAL A 80 8.29 5.73 -8.67
CA VAL A 80 9.22 5.32 -7.63
C VAL A 80 9.90 3.99 -7.95
N GLY A 81 9.28 3.18 -8.80
CA GLY A 81 9.85 1.89 -9.16
C GLY A 81 8.80 0.83 -9.44
N GLY A 82 7.61 0.99 -8.87
CA GLY A 82 6.54 0.01 -9.07
C GLY A 82 6.36 -0.87 -7.84
N MET A 83 7.42 -1.55 -7.45
CA MET A 83 7.41 -2.43 -6.28
C MET A 83 8.81 -2.55 -5.66
N ASP A 84 9.63 -1.51 -5.85
CA ASP A 84 11.00 -1.53 -5.31
C ASP A 84 11.38 -0.21 -4.64
N TYR A 85 10.37 0.57 -4.23
CA TYR A 85 10.61 1.85 -3.57
C TYR A 85 10.95 1.65 -2.10
N VAL A 86 12.20 1.95 -1.73
CA VAL A 86 12.67 1.79 -0.35
C VAL A 86 11.89 2.71 0.60
N LEU A 87 11.64 2.21 1.81
CA LEU A 87 10.90 2.98 2.81
C LEU A 87 11.82 3.95 3.54
N ASN A 88 11.28 5.13 3.85
CA ASN A 88 12.02 6.17 4.55
C ASN A 88 11.20 6.70 5.74
N ASP A 89 10.57 5.77 6.47
CA ASP A 89 9.74 6.11 7.63
C ASP A 89 8.64 7.12 7.27
N GLY A 90 8.22 7.11 6.00
CA GLY A 90 7.19 8.02 5.54
C GLY A 90 6.75 7.74 4.12
N ASP A 91 6.64 6.45 3.80
CA ASP A 91 6.25 6.01 2.46
C ASP A 91 4.73 6.04 2.29
N THR A 92 4.25 6.92 1.42
CA THR A 92 2.81 7.04 1.17
C THR A 92 2.37 6.01 0.12
N VAL A 93 1.32 5.26 0.44
CA VAL A 93 0.79 4.24 -0.47
C VAL A 93 -0.73 4.21 -0.44
N GLU A 94 -1.35 4.19 -1.63
CA GLU A 94 -2.81 4.17 -1.73
C GLU A 94 -3.29 3.04 -2.65
N PHE A 95 -4.58 2.69 -2.51
CA PHE A 95 -5.18 1.64 -3.32
C PHE A 95 -6.55 2.10 -3.85
N ILE A 96 -6.59 2.45 -5.14
CA ILE A 96 -7.83 2.92 -5.76
C ILE A 96 -8.32 1.95 -6.83
N SER A 97 -9.46 1.30 -6.58
CA SER A 97 -10.03 0.34 -7.52
C SER A 97 -10.73 1.05 -8.68
N THR A 98 -10.57 0.50 -9.88
CA THR A 98 -11.19 1.06 -11.08
C THR A 98 -12.06 0.01 -11.77
N LEU A 99 -11.45 -1.15 -12.06
CA LEU A 99 -12.16 -2.25 -12.71
C LEU A 99 -12.60 -3.28 -11.66
N HIS A 100 -13.67 -2.96 -10.94
CA HIS A 100 -14.19 -3.84 -9.90
C HIS A 100 -15.71 -3.99 -10.02
N GLY A 101 -16.24 -5.03 -9.38
CA GLY A 101 -17.67 -5.27 -9.42
C GLY A 101 -18.15 -5.69 -10.81
N GLY A 102 -18.83 -4.78 -11.49
CA GLY A 102 -19.32 -5.07 -12.83
C GLY A 102 -18.43 -4.48 -13.92
N MET A 1 3.54 20.11 7.27
CA MET A 1 4.41 19.07 7.89
C MET A 1 5.78 19.64 8.23
N SER A 2 6.21 19.45 9.47
CA SER A 2 7.51 19.94 9.92
C SER A 2 8.54 18.81 9.97
N ASN A 3 8.10 17.61 10.33
CA ASN A 3 8.98 16.45 10.41
C ASN A 3 8.55 15.36 9.43
N HIS A 4 9.51 14.54 8.99
CA HIS A 4 9.23 13.47 8.04
C HIS A 4 9.14 12.12 8.76
N ASN A 5 7.90 11.67 9.00
CA ASN A 5 7.67 10.40 9.68
C ASN A 5 6.22 9.93 9.49
N HIS A 6 5.89 8.77 10.06
CA HIS A 6 4.54 8.21 9.97
C HIS A 6 4.25 7.70 8.55
N ILE A 7 3.86 6.43 8.45
CA ILE A 7 3.55 5.83 7.15
C ILE A 7 2.09 6.04 6.79
N THR A 8 1.85 6.86 5.78
CA THR A 8 0.48 7.17 5.34
C THR A 8 -0.06 6.07 4.43
N VAL A 9 -0.92 5.23 4.98
CA VAL A 9 -1.54 4.14 4.22
C VAL A 9 -3.05 4.28 4.22
N GLN A 10 -3.59 4.73 3.07
CA GLN A 10 -5.03 4.92 2.94
C GLN A 10 -5.59 4.19 1.72
N PHE A 11 -6.91 3.99 1.72
CA PHE A 11 -7.59 3.31 0.62
C PHE A 11 -8.55 4.25 -0.10
N ALA A 12 -8.90 3.92 -1.34
CA ALA A 12 -9.82 4.72 -2.13
C ALA A 12 -11.20 4.05 -2.23
N GLY A 13 -12.13 4.75 -2.87
CA GLY A 13 -13.48 4.23 -3.05
C GLY A 13 -13.49 2.87 -3.73
N GLY A 14 -13.57 1.80 -2.94
CA GLY A 14 -13.57 0.46 -3.49
C GLY A 14 -12.51 -0.44 -2.87
N CYS A 15 -11.40 0.16 -2.43
CA CYS A 15 -10.31 -0.60 -1.82
C CYS A 15 -10.41 -0.61 -0.30
N GLU A 16 -11.01 0.44 0.27
CA GLU A 16 -11.17 0.54 1.73
C GLU A 16 -11.98 -0.65 2.28
N LEU A 17 -12.85 -1.21 1.44
CA LEU A 17 -13.68 -2.35 1.83
C LEU A 17 -12.84 -3.62 2.06
N LEU A 18 -11.56 -3.59 1.69
CA LEU A 18 -10.67 -4.74 1.85
C LEU A 18 -10.12 -4.85 3.28
N PHE A 19 -10.69 -4.10 4.23
CA PHE A 19 -10.25 -4.13 5.62
C PHE A 19 -11.42 -3.83 6.54
N ALA A 20 -11.96 -2.62 6.44
CA ALA A 20 -13.09 -2.21 7.25
C ALA A 20 -13.61 -0.83 6.83
N LYS A 21 -13.60 -0.58 5.52
CA LYS A 21 -14.05 0.70 4.97
C LYS A 21 -13.36 1.88 5.66
N GLN A 22 -12.09 1.68 6.04
CA GLN A 22 -11.30 2.71 6.70
C GLN A 22 -10.93 3.82 5.74
N THR A 23 -10.17 4.80 6.23
CA THR A 23 -9.74 5.92 5.40
C THR A 23 -8.22 5.92 5.25
N SER A 24 -7.51 6.39 6.27
CA SER A 24 -6.04 6.44 6.24
C SER A 24 -5.44 5.95 7.54
N LEU A 25 -4.16 5.57 7.49
CA LEU A 25 -3.46 5.09 8.68
C LEU A 25 -2.04 5.65 8.76
N GLN A 26 -1.52 5.78 9.98
CA GLN A 26 -0.18 6.31 10.21
C GLN A 26 0.58 5.42 11.18
N LEU A 27 1.45 4.56 10.65
CA LEU A 27 2.24 3.65 11.48
C LEU A 27 3.64 4.22 11.73
N ASP A 28 4.13 4.07 12.96
CA ASP A 28 5.46 4.55 13.33
C ASP A 28 6.42 3.39 13.57
N GLY A 29 7.20 3.06 12.53
CA GLY A 29 8.15 1.97 12.65
C GLY A 29 9.47 2.42 13.26
N VAL A 30 10.21 1.47 13.86
CA VAL A 30 11.48 1.78 14.49
C VAL A 30 12.52 2.20 13.45
N VAL A 31 12.86 1.27 12.54
CA VAL A 31 13.83 1.55 11.49
C VAL A 31 13.46 0.81 10.20
N PRO A 32 12.34 1.23 9.55
CA PRO A 32 11.86 0.63 8.31
C PRO A 32 12.61 1.13 7.08
N THR A 33 13.68 1.90 7.30
CA THR A 33 14.48 2.44 6.20
C THR A 33 14.96 1.33 5.27
N GLY A 34 15.31 0.17 5.84
CA GLY A 34 15.77 -0.96 5.05
C GLY A 34 14.63 -1.85 4.58
N THR A 35 13.58 -1.23 4.04
CA THR A 35 12.41 -1.96 3.56
C THR A 35 11.82 -1.28 2.32
N ASN A 36 11.29 -2.09 1.40
CA ASN A 36 10.69 -1.58 0.17
C ASN A 36 9.18 -1.75 0.19
N LEU A 37 8.52 -1.44 -0.93
CA LEU A 37 7.07 -1.56 -1.03
C LEU A 37 6.62 -2.98 -0.72
N ASN A 38 7.38 -3.96 -1.20
CA ASN A 38 7.07 -5.37 -0.96
C ASN A 38 6.93 -5.63 0.54
N GLY A 39 7.78 -4.98 1.33
CA GLY A 39 7.73 -5.13 2.77
C GLY A 39 6.61 -4.32 3.39
N LEU A 40 6.29 -3.17 2.78
CA LEU A 40 5.23 -2.31 3.29
C LEU A 40 3.87 -2.97 3.12
N VAL A 41 3.56 -3.40 1.89
CA VAL A 41 2.28 -4.07 1.62
C VAL A 41 2.10 -5.29 2.50
N GLN A 42 3.05 -6.23 2.41
CA GLN A 42 3.00 -7.46 3.21
C GLN A 42 2.77 -7.14 4.70
N LEU A 43 3.30 -6.00 5.15
CA LEU A 43 3.16 -5.58 6.54
C LEU A 43 1.73 -5.14 6.87
N LEU A 44 0.99 -4.66 5.87
CA LEU A 44 -0.40 -4.21 6.08
C LEU A 44 -1.41 -5.30 5.72
N LYS A 45 -1.18 -6.02 4.62
CA LYS A 45 -2.10 -7.07 4.20
C LYS A 45 -1.82 -8.38 4.92
N THR A 46 -0.71 -9.05 4.59
CA THR A 46 -0.36 -10.32 5.23
C THR A 46 -0.34 -10.21 6.76
N ASN A 47 -0.19 -8.99 7.28
CA ASN A 47 -0.15 -8.79 8.72
C ASN A 47 -1.49 -8.24 9.26
N TYR A 48 -2.19 -7.46 8.44
CA TYR A 48 -3.47 -6.86 8.87
C TYR A 48 -4.51 -6.82 7.74
N VAL A 49 -4.74 -7.96 7.10
CA VAL A 49 -5.71 -8.04 6.02
C VAL A 49 -7.03 -8.66 6.52
N LYS A 50 -8.11 -7.90 6.42
CA LYS A 50 -9.42 -8.37 6.87
C LYS A 50 -10.27 -8.82 5.68
N GLU A 51 -9.61 -9.35 4.65
CA GLU A 51 -10.29 -9.84 3.45
C GLU A 51 -9.44 -10.89 2.74
N ARG A 52 -9.88 -11.35 1.58
CA ARG A 52 -9.15 -12.35 0.81
C ARG A 52 -7.78 -11.82 0.38
N PRO A 53 -6.69 -12.35 0.96
CA PRO A 53 -5.33 -11.93 0.63
C PRO A 53 -5.00 -12.15 -0.84
N ASP A 54 -5.65 -13.14 -1.46
CA ASP A 54 -5.43 -13.46 -2.86
C ASP A 54 -6.40 -12.71 -3.78
N LEU A 55 -7.16 -11.76 -3.23
CA LEU A 55 -8.11 -10.99 -4.02
C LEU A 55 -7.46 -9.74 -4.62
N LEU A 56 -6.42 -9.23 -3.94
CA LEU A 56 -5.72 -8.03 -4.42
C LEU A 56 -4.43 -8.39 -5.14
N VAL A 57 -3.63 -9.27 -4.54
CA VAL A 57 -2.35 -9.66 -5.13
C VAL A 57 -2.53 -10.19 -6.55
N ASP A 58 -1.51 -10.00 -7.36
CA ASP A 58 -1.52 -10.44 -8.74
C ASP A 58 -1.60 -11.96 -8.81
N GLN A 59 -0.68 -12.63 -8.12
CA GLN A 59 -0.66 -14.10 -8.07
C GLN A 59 0.44 -14.61 -7.16
N THR A 60 1.64 -14.04 -7.27
CA THR A 60 2.78 -14.45 -6.45
C THR A 60 2.85 -13.65 -5.15
N GLY A 61 1.76 -12.98 -4.78
CA GLY A 61 1.74 -12.19 -3.55
C GLY A 61 2.85 -11.15 -3.51
N GLN A 62 3.38 -10.79 -4.69
CA GLN A 62 4.44 -9.80 -4.79
C GLN A 62 3.90 -8.47 -5.31
N THR A 63 2.93 -8.56 -6.22
CA THR A 63 2.31 -7.38 -6.80
C THR A 63 0.80 -7.46 -6.67
N LEU A 64 0.09 -6.48 -7.21
CA LEU A 64 -1.38 -6.47 -7.17
C LEU A 64 -1.98 -6.70 -8.54
N ARG A 65 -3.20 -7.22 -8.56
CA ARG A 65 -3.90 -7.49 -9.81
C ARG A 65 -4.34 -6.21 -10.50
N PRO A 66 -4.48 -6.22 -11.84
CA PRO A 66 -4.91 -5.04 -12.61
C PRO A 66 -6.24 -4.48 -12.13
N GLY A 67 -6.25 -3.20 -11.79
CA GLY A 67 -7.46 -2.56 -11.31
C GLY A 67 -7.18 -1.47 -10.29
N ILE A 68 -6.30 -1.77 -9.33
CA ILE A 68 -5.94 -0.81 -8.30
C ILE A 68 -4.72 0.03 -8.71
N LEU A 69 -4.92 1.35 -8.78
CA LEU A 69 -3.84 2.26 -9.16
C LEU A 69 -3.06 2.70 -7.91
N VAL A 70 -1.91 2.08 -7.69
CA VAL A 70 -1.07 2.40 -6.54
C VAL A 70 -0.28 3.68 -6.77
N LEU A 71 -0.41 4.63 -5.83
CA LEU A 71 0.29 5.91 -5.94
C LEU A 71 1.13 6.19 -4.68
N VAL A 72 2.40 6.53 -4.88
CA VAL A 72 3.30 6.82 -3.77
C VAL A 72 3.70 8.29 -3.76
N ASN A 73 3.28 9.01 -2.71
CA ASN A 73 3.58 10.44 -2.57
C ASN A 73 3.12 11.21 -3.81
N SER A 74 1.85 11.02 -4.17
CA SER A 74 1.26 11.69 -5.33
C SER A 74 2.00 11.34 -6.62
N CYS A 75 2.58 10.13 -6.67
CA CYS A 75 3.32 9.69 -7.84
C CYS A 75 3.14 8.19 -8.05
N ASP A 76 2.69 7.80 -9.25
CA ASP A 76 2.46 6.38 -9.56
C ASP A 76 3.62 5.52 -9.06
N ALA A 77 3.29 4.48 -8.29
CA ALA A 77 4.31 3.57 -7.76
C ALA A 77 5.05 2.82 -8.87
N GLU A 78 4.46 2.77 -10.07
CA GLU A 78 5.08 2.10 -11.19
C GLU A 78 6.25 2.92 -11.74
N VAL A 79 6.19 4.24 -11.53
CA VAL A 79 7.25 5.12 -12.00
C VAL A 79 8.52 4.94 -11.17
N VAL A 80 8.36 4.86 -9.85
CA VAL A 80 9.51 4.68 -8.95
C VAL A 80 10.10 3.28 -9.08
N GLY A 81 9.25 2.27 -9.21
CA GLY A 81 9.72 0.89 -9.34
C GLY A 81 8.65 -0.14 -9.02
N GLY A 82 7.43 0.08 -9.49
CA GLY A 82 6.34 -0.85 -9.24
C GLY A 82 6.15 -1.17 -7.77
N MET A 83 6.53 -2.38 -7.37
CA MET A 83 6.41 -2.82 -5.99
C MET A 83 7.79 -2.92 -5.32
N ASP A 84 8.74 -2.12 -5.81
CA ASP A 84 10.11 -2.12 -5.28
C ASP A 84 10.50 -0.74 -4.73
N TYR A 85 9.51 0.11 -4.45
CA TYR A 85 9.77 1.45 -3.93
C TYR A 85 10.33 1.40 -2.50
N VAL A 86 11.56 1.89 -2.34
CA VAL A 86 12.22 1.90 -1.03
C VAL A 86 11.57 2.90 -0.08
N LEU A 87 11.56 2.57 1.22
CA LEU A 87 10.97 3.44 2.24
C LEU A 87 12.04 4.32 2.90
N ASN A 88 11.60 5.40 3.55
CA ASN A 88 12.52 6.33 4.21
C ASN A 88 11.85 7.05 5.39
N ASP A 89 10.95 6.36 6.09
CA ASP A 89 10.25 6.92 7.24
C ASP A 89 9.42 8.13 6.83
N GLY A 90 8.13 7.91 6.57
CA GLY A 90 7.25 8.99 6.16
C GLY A 90 6.78 8.84 4.72
N ASP A 91 6.56 7.60 4.30
CA ASP A 91 6.12 7.30 2.94
C ASP A 91 4.60 7.35 2.85
N THR A 92 4.08 7.30 1.61
CA THR A 92 2.64 7.34 1.38
C THR A 92 2.24 6.33 0.30
N VAL A 93 1.16 5.59 0.56
CA VAL A 93 0.66 4.60 -0.38
C VAL A 93 -0.87 4.58 -0.41
N GLU A 94 -1.43 4.56 -1.62
CA GLU A 94 -2.88 4.55 -1.79
C GLU A 94 -3.32 3.46 -2.77
N PHE A 95 -4.52 2.92 -2.55
CA PHE A 95 -5.07 1.88 -3.40
C PHE A 95 -6.40 2.32 -4.00
N ILE A 96 -6.38 2.68 -5.29
CA ILE A 96 -7.58 3.14 -5.98
C ILE A 96 -8.03 2.13 -7.04
N SER A 97 -9.09 1.38 -6.74
CA SER A 97 -9.61 0.38 -7.66
C SER A 97 -10.54 1.02 -8.69
N THR A 98 -10.33 0.70 -9.97
CA THR A 98 -11.15 1.25 -11.05
C THR A 98 -11.42 0.21 -12.13
N LEU A 99 -10.35 -0.37 -12.68
CA LEU A 99 -10.48 -1.37 -13.73
C LEU A 99 -10.98 -2.70 -13.16
N HIS A 100 -12.21 -3.06 -13.48
CA HIS A 100 -12.80 -4.31 -12.99
C HIS A 100 -12.49 -5.47 -13.94
N GLY A 101 -11.86 -6.50 -13.40
CA GLY A 101 -11.51 -7.67 -14.20
C GLY A 101 -12.17 -8.95 -13.69
N GLY A 102 -12.54 -9.83 -14.61
CA GLY A 102 -13.17 -11.09 -14.24
C GLY A 102 -12.79 -12.23 -15.16
N MET A 1 16.15 16.88 7.29
CA MET A 1 15.83 16.72 8.73
C MET A 1 14.38 16.31 8.93
N SER A 2 14.12 15.00 8.92
CA SER A 2 12.77 14.47 9.10
C SER A 2 12.29 14.69 10.53
N ASN A 3 11.09 15.27 10.66
CA ASN A 3 10.51 15.54 11.98
C ASN A 3 9.35 14.60 12.28
N HIS A 4 9.52 13.78 13.33
CA HIS A 4 8.50 12.83 13.75
C HIS A 4 8.26 11.76 12.69
N ASN A 5 8.88 10.59 12.88
CA ASN A 5 8.74 9.48 11.94
C ASN A 5 7.29 9.02 11.82
N HIS A 6 6.83 8.83 10.57
CA HIS A 6 5.46 8.38 10.31
C HIS A 6 5.24 8.05 8.84
N ILE A 7 4.22 7.25 8.56
CA ILE A 7 3.89 6.86 7.17
C ILE A 7 2.45 7.23 6.83
N THR A 8 2.18 7.44 5.55
CA THR A 8 0.84 7.80 5.09
C THR A 8 0.24 6.68 4.23
N VAL A 9 -0.61 5.86 4.84
CA VAL A 9 -1.24 4.74 4.14
C VAL A 9 -2.77 4.84 4.18
N GLN A 10 -3.39 5.03 3.02
CA GLN A 10 -4.84 5.14 2.94
C GLN A 10 -5.41 4.19 1.89
N PHE A 11 -6.70 3.88 2.02
CA PHE A 11 -7.39 2.97 1.09
C PHE A 11 -8.48 3.70 0.31
N ALA A 12 -8.54 3.46 -1.00
CA ALA A 12 -9.54 4.09 -1.85
C ALA A 12 -10.05 3.15 -2.94
N GLY A 13 -11.34 3.26 -3.26
CA GLY A 13 -11.94 2.42 -4.29
C GLY A 13 -12.44 1.10 -3.75
N GLY A 14 -11.58 0.08 -3.79
CA GLY A 14 -11.95 -1.23 -3.30
C GLY A 14 -10.89 -1.86 -2.42
N CYS A 15 -10.11 -1.02 -1.72
CA CYS A 15 -9.06 -1.50 -0.84
C CYS A 15 -9.42 -1.26 0.63
N GLU A 16 -10.17 -0.18 0.89
CA GLU A 16 -10.58 0.16 2.25
C GLU A 16 -11.44 -0.95 2.87
N LEU A 17 -12.30 -1.56 2.05
CA LEU A 17 -13.17 -2.64 2.51
C LEU A 17 -12.38 -3.89 2.89
N LEU A 18 -11.10 -3.95 2.48
CA LEU A 18 -10.26 -5.12 2.78
C LEU A 18 -9.64 -5.02 4.18
N PHE A 19 -10.13 -4.11 5.02
CA PHE A 19 -9.62 -3.94 6.38
C PHE A 19 -10.75 -3.59 7.32
N ALA A 20 -11.35 -2.42 7.09
CA ALA A 20 -12.46 -1.95 7.91
C ALA A 20 -13.04 -0.65 7.36
N LYS A 21 -13.11 -0.55 6.03
CA LYS A 21 -13.64 0.65 5.36
C LYS A 21 -12.98 1.91 5.92
N GLN A 22 -11.68 1.82 6.20
CA GLN A 22 -10.92 2.95 6.75
C GLN A 22 -10.66 4.01 5.68
N THR A 23 -10.07 5.12 6.09
CA THR A 23 -9.77 6.21 5.17
C THR A 23 -8.26 6.41 5.04
N SER A 24 -7.56 6.54 6.16
CA SER A 24 -6.11 6.75 6.16
C SER A 24 -5.50 6.28 7.48
N LEU A 25 -4.25 5.81 7.42
CA LEU A 25 -3.56 5.32 8.62
C LEU A 25 -2.11 5.83 8.66
N GLN A 26 -1.54 5.85 9.86
CA GLN A 26 -0.16 6.31 10.04
C GLN A 26 0.63 5.30 10.87
N LEU A 27 1.53 4.57 10.20
CA LEU A 27 2.35 3.57 10.86
C LEU A 27 3.63 4.20 11.42
N ASP A 28 4.02 3.78 12.62
CA ASP A 28 5.22 4.31 13.26
C ASP A 28 6.11 3.15 13.73
N GLY A 29 7.37 3.18 13.29
CA GLY A 29 8.31 2.14 13.67
C GLY A 29 8.09 0.84 12.93
N VAL A 30 7.82 0.93 11.62
CA VAL A 30 7.59 -0.26 10.80
C VAL A 30 8.49 -0.28 9.56
N VAL A 31 8.64 0.88 8.91
CA VAL A 31 9.48 0.98 7.72
C VAL A 31 10.46 2.15 7.84
N PRO A 32 11.47 2.02 8.72
CA PRO A 32 12.48 3.07 8.93
C PRO A 32 13.20 3.45 7.63
N THR A 33 13.95 2.51 7.06
CA THR A 33 14.70 2.76 5.82
C THR A 33 14.87 1.47 5.01
N GLY A 34 15.41 0.43 5.66
CA GLY A 34 15.64 -0.84 4.99
C GLY A 34 14.38 -1.68 4.87
N THR A 35 13.34 -1.11 4.25
CA THR A 35 12.08 -1.81 4.07
C THR A 35 11.39 -1.37 2.78
N ASN A 36 11.26 -2.29 1.83
CA ASN A 36 10.62 -2.00 0.55
C ASN A 36 9.10 -2.13 0.65
N LEU A 37 8.40 -1.77 -0.42
CA LEU A 37 6.93 -1.84 -0.45
C LEU A 37 6.45 -3.25 -0.17
N ASN A 38 7.15 -4.24 -0.73
CA ASN A 38 6.79 -5.64 -0.53
C ASN A 38 6.69 -5.95 0.96
N GLY A 39 7.63 -5.40 1.72
CA GLY A 39 7.65 -5.59 3.16
C GLY A 39 6.54 -4.81 3.85
N LEU A 40 6.18 -3.65 3.28
CA LEU A 40 5.13 -2.82 3.84
C LEU A 40 3.75 -3.47 3.67
N VAL A 41 3.40 -3.77 2.42
CA VAL A 41 2.11 -4.40 2.12
C VAL A 41 1.95 -5.73 2.87
N GLN A 42 2.89 -6.65 2.64
CA GLN A 42 2.87 -7.95 3.30
C GLN A 42 2.67 -7.82 4.81
N LEU A 43 3.20 -6.75 5.39
CA LEU A 43 3.09 -6.50 6.83
C LEU A 43 1.68 -6.01 7.21
N LEU A 44 0.96 -5.42 6.26
CA LEU A 44 -0.39 -4.92 6.53
C LEU A 44 -1.46 -5.92 6.12
N LYS A 45 -1.24 -6.62 5.00
CA LYS A 45 -2.21 -7.61 4.52
C LYS A 45 -2.02 -8.95 5.22
N THR A 46 -0.94 -9.67 4.90
CA THR A 46 -0.67 -10.97 5.50
C THR A 46 -0.70 -10.90 7.05
N ASN A 47 -0.46 -9.72 7.61
CA ASN A 47 -0.47 -9.54 9.07
C ASN A 47 -1.77 -8.90 9.57
N TYR A 48 -2.42 -8.09 8.73
CA TYR A 48 -3.66 -7.41 9.14
C TYR A 48 -4.68 -7.35 7.99
N VAL A 49 -4.95 -8.48 7.36
CA VAL A 49 -5.92 -8.54 6.25
C VAL A 49 -7.29 -8.99 6.74
N LYS A 50 -8.35 -8.36 6.22
CA LYS A 50 -9.72 -8.71 6.60
C LYS A 50 -10.57 -9.08 5.37
N GLU A 51 -9.92 -9.66 4.36
CA GLU A 51 -10.59 -10.08 3.14
C GLU A 51 -9.72 -11.04 2.34
N ARG A 52 -10.23 -11.56 1.24
CA ARG A 52 -9.48 -12.50 0.39
C ARG A 52 -8.08 -11.95 0.06
N PRO A 53 -7.03 -12.52 0.70
CA PRO A 53 -5.65 -12.08 0.46
C PRO A 53 -5.26 -12.14 -1.02
N ASP A 54 -5.89 -13.05 -1.77
CA ASP A 54 -5.60 -13.21 -3.19
C ASP A 54 -6.54 -12.37 -4.06
N LEU A 55 -7.35 -11.50 -3.44
CA LEU A 55 -8.27 -10.65 -4.20
C LEU A 55 -7.57 -9.41 -4.73
N LEU A 56 -6.54 -8.95 -4.01
CA LEU A 56 -5.81 -7.75 -4.43
C LEU A 56 -4.58 -8.13 -5.26
N VAL A 57 -3.72 -8.99 -4.72
CA VAL A 57 -2.52 -9.40 -5.43
C VAL A 57 -2.84 -9.96 -6.82
N ASP A 58 -1.88 -9.80 -7.72
CA ASP A 58 -2.03 -10.29 -9.09
C ASP A 58 -2.06 -11.81 -9.13
N GLN A 59 -0.95 -12.43 -8.72
CA GLN A 59 -0.85 -13.88 -8.71
C GLN A 59 0.34 -14.35 -7.87
N THR A 60 1.48 -13.71 -8.06
CA THR A 60 2.70 -14.06 -7.32
C THR A 60 2.68 -13.47 -5.90
N GLY A 61 1.57 -12.83 -5.53
CA GLY A 61 1.46 -12.24 -4.20
C GLY A 61 2.51 -11.17 -3.95
N GLN A 62 3.02 -10.59 -5.03
CA GLN A 62 4.05 -9.55 -4.94
C GLN A 62 3.56 -8.26 -5.62
N THR A 63 2.99 -8.43 -6.80
CA THR A 63 2.45 -7.30 -7.57
C THR A 63 0.94 -7.26 -7.43
N LEU A 64 0.40 -6.14 -6.96
CA LEU A 64 -1.04 -5.99 -6.78
C LEU A 64 -1.76 -5.97 -8.13
N ARG A 65 -3.04 -6.33 -8.11
CA ARG A 65 -3.85 -6.36 -9.34
C ARG A 65 -3.84 -5.00 -10.03
N PRO A 66 -3.82 -4.98 -11.38
CA PRO A 66 -3.82 -3.75 -12.18
C PRO A 66 -4.93 -2.78 -11.76
N GLY A 67 -6.07 -3.33 -11.34
CA GLY A 67 -7.19 -2.51 -10.91
C GLY A 67 -6.80 -1.46 -9.89
N ILE A 68 -5.84 -1.78 -9.02
CA ILE A 68 -5.38 -0.83 -8.01
C ILE A 68 -4.24 0.03 -8.53
N LEU A 69 -4.45 1.34 -8.54
CA LEU A 69 -3.45 2.28 -9.01
C LEU A 69 -2.68 2.85 -7.82
N VAL A 70 -1.52 2.26 -7.54
CA VAL A 70 -0.68 2.69 -6.43
C VAL A 70 0.11 3.94 -6.80
N LEU A 71 0.17 4.89 -5.87
CA LEU A 71 0.89 6.14 -6.08
C LEU A 71 1.84 6.44 -4.91
N VAL A 72 2.88 7.24 -5.20
CA VAL A 72 3.87 7.61 -4.19
C VAL A 72 4.00 9.13 -4.09
N ASN A 73 3.62 9.68 -2.93
CA ASN A 73 3.67 11.12 -2.68
C ASN A 73 2.67 11.87 -3.55
N SER A 74 3.00 12.06 -4.83
CA SER A 74 2.13 12.74 -5.77
C SER A 74 2.38 12.28 -7.20
N CYS A 75 2.72 11.00 -7.35
CA CYS A 75 2.97 10.42 -8.67
C CYS A 75 2.81 8.90 -8.63
N ASP A 76 2.53 8.30 -9.80
CA ASP A 76 2.34 6.85 -9.91
C ASP A 76 3.48 6.08 -9.22
N ALA A 77 3.11 5.04 -8.48
CA ALA A 77 4.09 4.21 -7.78
C ALA A 77 4.71 3.16 -8.69
N GLU A 78 4.01 2.81 -9.76
CA GLU A 78 4.50 1.81 -10.71
C GLU A 78 5.67 2.36 -11.52
N VAL A 79 5.81 3.69 -11.57
CA VAL A 79 6.88 4.32 -12.31
C VAL A 79 8.23 4.12 -11.62
N VAL A 80 8.24 4.24 -10.29
CA VAL A 80 9.48 4.08 -9.51
C VAL A 80 9.80 2.60 -9.28
N GLY A 81 8.76 1.76 -9.22
CA GLY A 81 8.97 0.34 -9.00
C GLY A 81 7.68 -0.44 -8.88
N GLY A 82 6.68 0.16 -8.25
CA GLY A 82 5.38 -0.50 -8.08
C GLY A 82 5.24 -1.12 -6.71
N MET A 83 5.97 -2.22 -6.49
CA MET A 83 5.93 -2.92 -5.20
C MET A 83 7.35 -3.15 -4.66
N ASP A 84 8.29 -2.30 -5.06
CA ASP A 84 9.67 -2.41 -4.61
C ASP A 84 10.26 -1.05 -4.24
N TYR A 85 9.40 -0.09 -3.90
CA TYR A 85 9.85 1.24 -3.53
C TYR A 85 10.27 1.29 -2.06
N VAL A 86 11.54 1.63 -1.81
CA VAL A 86 12.07 1.70 -0.46
C VAL A 86 11.47 2.87 0.32
N LEU A 87 11.05 2.61 1.55
CA LEU A 87 10.46 3.64 2.40
C LEU A 87 11.50 4.22 3.37
N ASN A 88 11.68 5.54 3.31
CA ASN A 88 12.66 6.22 4.17
C ASN A 88 11.95 7.05 5.25
N ASP A 89 10.83 6.53 5.76
CA ASP A 89 10.04 7.20 6.79
C ASP A 89 9.49 8.53 6.31
N GLY A 90 8.20 8.56 6.01
CA GLY A 90 7.56 9.77 5.54
C GLY A 90 7.08 9.66 4.10
N ASP A 91 6.75 8.43 3.68
CA ASP A 91 6.28 8.18 2.32
C ASP A 91 4.76 8.04 2.28
N THR A 92 4.16 8.37 1.15
CA THR A 92 2.71 8.27 0.98
C THR A 92 2.35 7.23 -0.07
N VAL A 93 1.74 6.13 0.40
CA VAL A 93 1.32 5.06 -0.49
C VAL A 93 -0.20 4.83 -0.41
N GLU A 94 -0.86 4.88 -1.55
CA GLU A 94 -2.31 4.69 -1.61
C GLU A 94 -2.69 3.59 -2.60
N PHE A 95 -3.84 2.97 -2.35
CA PHE A 95 -4.35 1.90 -3.20
C PHE A 95 -5.71 2.29 -3.77
N ILE A 96 -5.75 2.66 -5.05
CA ILE A 96 -6.99 3.07 -5.71
C ILE A 96 -7.47 1.98 -6.67
N SER A 97 -8.44 1.17 -6.22
CA SER A 97 -8.98 0.09 -7.05
C SER A 97 -10.20 0.56 -7.84
N THR A 98 -10.28 0.11 -9.10
CA THR A 98 -11.40 0.48 -9.97
C THR A 98 -11.94 -0.74 -10.73
N LEU A 99 -11.04 -1.52 -11.33
CA LEU A 99 -11.45 -2.71 -12.08
C LEU A 99 -11.71 -3.90 -11.15
N HIS A 100 -12.78 -4.64 -11.43
CA HIS A 100 -13.14 -5.80 -10.63
C HIS A 100 -12.74 -7.10 -11.33
N GLY A 101 -12.87 -7.12 -12.66
CA GLY A 101 -12.53 -8.30 -13.43
C GLY A 101 -12.43 -8.02 -14.92
N GLY A 102 -13.45 -7.34 -15.46
CA GLY A 102 -13.47 -7.01 -16.88
C GLY A 102 -14.23 -5.73 -17.16
N MET A 1 13.96 23.33 15.98
CA MET A 1 12.81 22.39 15.88
C MET A 1 12.91 21.53 14.63
N SER A 2 13.05 20.22 14.82
CA SER A 2 13.16 19.29 13.70
C SER A 2 12.41 17.99 14.00
N ASN A 3 11.10 18.00 13.75
CA ASN A 3 10.28 16.82 14.00
C ASN A 3 9.13 16.74 12.99
N HIS A 4 9.26 15.81 12.03
CA HIS A 4 8.24 15.63 11.00
C HIS A 4 8.32 14.23 10.39
N ASN A 5 8.73 13.25 11.20
CA ASN A 5 8.85 11.86 10.72
C ASN A 5 7.52 11.13 10.86
N HIS A 6 7.13 10.44 9.78
CA HIS A 6 5.88 9.69 9.75
C HIS A 6 5.68 9.02 8.37
N ILE A 7 4.65 8.17 8.27
CA ILE A 7 4.35 7.49 7.01
C ILE A 7 2.87 7.66 6.64
N THR A 8 2.58 7.61 5.35
CA THR A 8 1.21 7.77 4.87
C THR A 8 0.70 6.51 4.19
N VAL A 9 -0.42 5.97 4.69
CA VAL A 9 -1.01 4.76 4.13
C VAL A 9 -2.55 4.80 4.24
N GLN A 10 -3.21 4.93 3.08
CA GLN A 10 -4.68 5.00 3.05
C GLN A 10 -5.25 4.13 1.94
N PHE A 11 -6.54 3.80 2.06
CA PHE A 11 -7.23 2.98 1.07
C PHE A 11 -8.36 3.75 0.41
N ALA A 12 -8.61 3.46 -0.87
CA ALA A 12 -9.67 4.13 -1.63
C ALA A 12 -10.34 3.18 -2.64
N GLY A 13 -11.64 3.37 -2.84
CA GLY A 13 -12.38 2.54 -3.78
C GLY A 13 -12.91 1.28 -3.13
N GLY A 14 -12.15 0.19 -3.27
CA GLY A 14 -12.56 -1.09 -2.69
C GLY A 14 -11.41 -1.85 -2.07
N CYS A 15 -10.41 -1.11 -1.56
CA CYS A 15 -9.24 -1.73 -0.94
C CYS A 15 -9.24 -1.56 0.57
N GLU A 16 -9.94 -0.53 1.07
CA GLU A 16 -10.03 -0.27 2.51
C GLU A 16 -10.63 -1.46 3.25
N LEU A 17 -11.52 -2.19 2.58
CA LEU A 17 -12.17 -3.36 3.18
C LEU A 17 -11.19 -4.53 3.34
N LEU A 18 -9.98 -4.40 2.78
CA LEU A 18 -8.97 -5.46 2.89
C LEU A 18 -8.12 -5.31 4.16
N PHE A 19 -8.56 -4.47 5.10
CA PHE A 19 -7.83 -4.27 6.35
C PHE A 19 -8.82 -4.05 7.49
N ALA A 20 -9.59 -2.96 7.40
CA ALA A 20 -10.57 -2.62 8.42
C ALA A 20 -11.34 -1.35 8.05
N LYS A 21 -11.60 -1.17 6.74
CA LYS A 21 -12.31 0.02 6.25
C LYS A 21 -11.68 1.31 6.80
N GLN A 22 -10.36 1.27 7.01
CA GLN A 22 -9.65 2.42 7.53
C GLN A 22 -9.34 3.43 6.43
N THR A 23 -9.61 4.70 6.71
CA THR A 23 -9.36 5.76 5.73
C THR A 23 -7.87 5.94 5.48
N SER A 24 -7.14 6.38 6.50
CA SER A 24 -5.69 6.59 6.39
C SER A 24 -4.98 6.23 7.69
N LEU A 25 -3.67 6.01 7.61
CA LEU A 25 -2.88 5.65 8.79
C LEU A 25 -1.49 6.30 8.74
N GLN A 26 -0.96 6.62 9.92
CA GLN A 26 0.37 7.23 10.01
C GLN A 26 1.22 6.53 11.07
N LEU A 27 2.33 5.95 10.63
CA LEU A 27 3.23 5.23 11.52
C LEU A 27 4.58 5.95 11.62
N ASP A 28 5.08 6.08 12.85
CA ASP A 28 6.37 6.75 13.08
C ASP A 28 7.31 5.84 13.86
N GLY A 29 8.34 5.33 13.17
CA GLY A 29 9.31 4.45 13.82
C GLY A 29 10.68 4.55 13.18
N VAL A 30 11.72 4.23 13.95
CA VAL A 30 13.10 4.27 13.45
C VAL A 30 13.57 2.89 13.02
N VAL A 31 13.28 1.88 13.85
CA VAL A 31 13.67 0.50 13.56
C VAL A 31 12.58 -0.24 12.79
N PRO A 32 11.31 -0.15 13.24
CA PRO A 32 10.18 -0.83 12.59
C PRO A 32 10.11 -0.53 11.09
N THR A 33 10.31 0.73 10.72
CA THR A 33 10.26 1.15 9.31
C THR A 33 11.54 0.74 8.58
N GLY A 34 11.61 1.05 7.29
CA GLY A 34 12.78 0.71 6.50
C GLY A 34 12.54 -0.50 5.62
N THR A 35 11.36 -0.57 5.02
CA THR A 35 10.98 -1.68 4.14
C THR A 35 10.72 -1.18 2.72
N ASN A 36 9.96 -1.95 1.93
CA ASN A 36 9.64 -1.58 0.55
C ASN A 36 8.16 -1.78 0.26
N LEU A 37 7.75 -1.59 -0.99
CA LEU A 37 6.35 -1.76 -1.37
C LEU A 37 5.86 -3.18 -1.10
N ASN A 38 6.69 -4.17 -1.45
CA ASN A 38 6.34 -5.57 -1.21
C ASN A 38 6.13 -5.79 0.29
N GLY A 39 6.92 -5.08 1.10
CA GLY A 39 6.79 -5.19 2.53
C GLY A 39 5.58 -4.44 3.04
N LEU A 40 5.25 -3.31 2.39
CA LEU A 40 4.11 -2.51 2.77
C LEU A 40 2.82 -3.31 2.67
N VAL A 41 2.60 -3.92 1.50
CA VAL A 41 1.41 -4.74 1.28
C VAL A 41 1.33 -5.89 2.27
N GLN A 42 2.38 -6.72 2.29
CA GLN A 42 2.43 -7.86 3.20
C GLN A 42 2.12 -7.44 4.65
N LEU A 43 2.47 -6.21 5.00
CA LEU A 43 2.23 -5.69 6.35
C LEU A 43 0.74 -5.39 6.60
N LEU A 44 -0.01 -5.08 5.53
CA LEU A 44 -1.44 -4.78 5.67
C LEU A 44 -2.32 -5.99 5.37
N LYS A 45 -1.98 -6.73 4.31
CA LYS A 45 -2.78 -7.90 3.93
C LYS A 45 -2.37 -9.14 4.73
N THR A 46 -1.17 -9.66 4.48
CA THR A 46 -0.70 -10.86 5.19
C THR A 46 -0.85 -10.70 6.70
N ASN A 47 -0.79 -9.47 7.19
CA ASN A 47 -0.94 -9.19 8.61
C ASN A 47 -2.41 -9.17 9.03
N TYR A 48 -3.28 -8.69 8.14
CA TYR A 48 -4.71 -8.62 8.43
C TYR A 48 -5.55 -9.22 7.29
N VAL A 49 -5.55 -8.55 6.13
CA VAL A 49 -6.31 -9.00 4.95
C VAL A 49 -7.73 -9.44 5.33
N LYS A 50 -8.56 -8.45 5.66
CA LYS A 50 -9.95 -8.72 6.04
C LYS A 50 -10.66 -9.58 5.00
N GLU A 51 -10.55 -9.16 3.73
CA GLU A 51 -11.18 -9.89 2.64
C GLU A 51 -10.20 -10.92 2.06
N ARG A 52 -10.48 -11.44 0.87
CA ARG A 52 -9.61 -12.43 0.24
C ARG A 52 -8.25 -11.81 -0.13
N PRO A 53 -7.15 -12.52 0.18
CA PRO A 53 -5.78 -12.04 -0.12
C PRO A 53 -5.43 -12.21 -1.60
N ASP A 54 -6.07 -13.18 -2.26
CA ASP A 54 -5.81 -13.46 -3.67
C ASP A 54 -6.72 -12.65 -4.59
N LEU A 55 -7.48 -11.70 -4.03
CA LEU A 55 -8.37 -10.86 -4.84
C LEU A 55 -7.68 -9.59 -5.30
N LEU A 56 -6.68 -9.14 -4.54
CA LEU A 56 -5.94 -7.92 -4.88
C LEU A 56 -4.63 -8.23 -5.60
N VAL A 57 -3.88 -9.20 -5.09
CA VAL A 57 -2.60 -9.57 -5.69
C VAL A 57 -2.75 -9.90 -7.16
N ASP A 58 -1.70 -9.62 -7.92
CA ASP A 58 -1.68 -9.88 -9.36
C ASP A 58 -1.76 -11.39 -9.62
N GLN A 59 -0.82 -12.13 -9.06
CA GLN A 59 -0.79 -13.58 -9.22
C GLN A 59 0.29 -14.23 -8.35
N THR A 60 1.48 -13.62 -8.35
CA THR A 60 2.59 -14.14 -7.56
C THR A 60 2.57 -13.62 -6.12
N GLY A 61 1.47 -12.98 -5.73
CA GLY A 61 1.36 -12.44 -4.38
C GLY A 61 2.45 -11.44 -4.05
N GLN A 62 3.04 -10.86 -5.09
CA GLN A 62 4.12 -9.88 -4.93
C GLN A 62 3.65 -8.48 -5.31
N THR A 63 2.77 -8.42 -6.30
CA THR A 63 2.21 -7.14 -6.77
C THR A 63 0.69 -7.23 -6.82
N LEU A 64 0.03 -6.12 -7.14
CA LEU A 64 -1.44 -6.09 -7.22
C LEU A 64 -1.92 -6.35 -8.65
N ARG A 65 -3.17 -6.79 -8.75
CA ARG A 65 -3.79 -7.08 -10.05
C ARG A 65 -4.33 -5.81 -10.70
N PRO A 66 -4.66 -5.86 -12.00
CA PRO A 66 -5.21 -4.72 -12.74
C PRO A 66 -6.47 -4.15 -12.09
N GLY A 67 -6.48 -2.84 -11.88
CA GLY A 67 -7.62 -2.19 -11.26
C GLY A 67 -7.19 -1.15 -10.24
N ILE A 68 -6.29 -1.53 -9.34
CA ILE A 68 -5.79 -0.63 -8.31
C ILE A 68 -4.49 0.05 -8.76
N LEU A 69 -4.41 1.36 -8.54
CA LEU A 69 -3.22 2.11 -8.93
C LEU A 69 -2.47 2.62 -7.69
N VAL A 70 -1.22 2.16 -7.54
CA VAL A 70 -0.39 2.57 -6.41
C VAL A 70 0.33 3.89 -6.69
N LEU A 71 0.13 4.86 -5.80
CA LEU A 71 0.76 6.18 -5.96
C LEU A 71 1.65 6.50 -4.76
N VAL A 72 2.87 6.96 -5.05
CA VAL A 72 3.83 7.32 -4.01
C VAL A 72 3.93 8.83 -3.88
N ASN A 73 3.23 9.39 -2.90
CA ASN A 73 3.23 10.84 -2.66
C ASN A 73 2.71 11.58 -3.89
N SER A 74 1.55 11.16 -4.37
CA SER A 74 0.91 11.76 -5.55
C SER A 74 1.74 11.52 -6.81
N CYS A 75 2.38 10.35 -6.91
CA CYS A 75 3.19 10.01 -8.07
C CYS A 75 3.16 8.50 -8.32
N ASP A 76 2.76 8.10 -9.53
CA ASP A 76 2.67 6.68 -9.89
C ASP A 76 3.94 5.93 -9.48
N ALA A 77 3.80 5.01 -8.53
CA ALA A 77 4.93 4.22 -8.05
C ALA A 77 5.37 3.16 -9.07
N GLU A 78 4.49 2.84 -10.02
CA GLU A 78 4.79 1.86 -11.05
C GLU A 78 5.78 2.42 -12.07
N VAL A 79 5.83 3.75 -12.18
CA VAL A 79 6.74 4.40 -13.11
C VAL A 79 8.20 4.15 -12.71
N VAL A 80 8.46 4.10 -11.40
CA VAL A 80 9.80 3.87 -10.89
C VAL A 80 10.04 2.39 -10.56
N GLY A 81 9.00 1.72 -10.04
CA GLY A 81 9.14 0.31 -9.70
C GLY A 81 7.82 -0.44 -9.77
N GLY A 82 6.88 -0.10 -8.89
CA GLY A 82 5.59 -0.77 -8.87
C GLY A 82 5.46 -1.74 -7.72
N MET A 83 6.53 -2.48 -7.44
CA MET A 83 6.53 -3.46 -6.36
C MET A 83 7.92 -3.58 -5.72
N ASP A 84 8.72 -2.51 -5.82
CA ASP A 84 10.07 -2.51 -5.25
C ASP A 84 10.49 -1.11 -4.80
N TYR A 85 9.51 -0.26 -4.48
CA TYR A 85 9.80 1.10 -4.02
C TYR A 85 10.15 1.12 -2.55
N VAL A 86 11.40 1.48 -2.25
CA VAL A 86 11.89 1.54 -0.87
C VAL A 86 11.13 2.60 -0.06
N LEU A 87 10.93 2.31 1.22
CA LEU A 87 10.23 3.23 2.11
C LEU A 87 11.20 4.20 2.80
N ASN A 88 10.64 5.23 3.44
CA ASN A 88 11.43 6.24 4.14
C ASN A 88 10.53 7.10 5.01
N ASP A 89 11.15 7.88 5.91
CA ASP A 89 10.39 8.76 6.80
C ASP A 89 9.69 9.84 6.00
N GLY A 90 8.43 9.61 5.69
CA GLY A 90 7.64 10.55 4.92
C GLY A 90 7.14 9.95 3.60
N ASP A 91 7.03 8.63 3.55
CA ASP A 91 6.55 7.94 2.34
C ASP A 91 5.04 7.84 2.33
N THR A 92 4.47 7.66 1.15
CA THR A 92 3.02 7.54 0.99
C THR A 92 2.65 6.44 0.00
N VAL A 93 1.64 5.65 0.35
CA VAL A 93 1.18 4.56 -0.52
C VAL A 93 -0.34 4.42 -0.44
N GLU A 94 -1.01 4.56 -1.58
CA GLU A 94 -2.46 4.47 -1.65
C GLU A 94 -2.91 3.43 -2.67
N PHE A 95 -4.04 2.79 -2.38
CA PHE A 95 -4.61 1.78 -3.28
C PHE A 95 -5.99 2.21 -3.75
N ILE A 96 -6.07 2.66 -5.00
CA ILE A 96 -7.33 3.12 -5.58
C ILE A 96 -7.75 2.25 -6.74
N SER A 97 -8.85 1.51 -6.57
CA SER A 97 -9.37 0.64 -7.62
C SER A 97 -10.13 1.46 -8.66
N THR A 98 -9.39 1.98 -9.64
CA THR A 98 -9.99 2.80 -10.70
C THR A 98 -10.98 1.99 -11.55
N LEU A 99 -10.47 1.04 -12.32
CA LEU A 99 -11.31 0.20 -13.17
C LEU A 99 -11.33 -1.24 -12.65
N HIS A 100 -12.25 -2.05 -13.17
CA HIS A 100 -12.36 -3.44 -12.76
C HIS A 100 -12.31 -4.37 -13.97
N GLY A 101 -11.11 -4.58 -14.50
CA GLY A 101 -10.94 -5.44 -15.66
C GLY A 101 -10.25 -4.72 -16.81
N GLY A 102 -11.01 -4.45 -17.87
CA GLY A 102 -10.45 -3.77 -19.03
C GLY A 102 -10.88 -4.39 -20.35
N MET A 1 11.99 24.36 7.48
CA MET A 1 11.81 23.00 6.91
C MET A 1 10.99 22.11 7.84
N SER A 2 10.55 20.96 7.33
CA SER A 2 9.75 20.02 8.11
C SER A 2 9.65 18.66 7.42
N ASN A 3 10.34 17.66 7.95
CA ASN A 3 10.32 16.32 7.38
C ASN A 3 9.14 15.50 7.92
N HIS A 4 8.94 15.58 9.24
CA HIS A 4 7.85 14.85 9.90
C HIS A 4 8.03 13.34 9.78
N ASN A 5 7.13 12.60 10.43
CA ASN A 5 7.16 11.13 10.40
C ASN A 5 5.77 10.56 10.13
N HIS A 6 5.58 9.27 10.42
CA HIS A 6 4.30 8.59 10.23
C HIS A 6 4.04 8.35 8.74
N ILE A 7 3.83 7.09 8.37
CA ILE A 7 3.59 6.71 6.99
C ILE A 7 2.13 6.95 6.61
N THR A 8 1.90 7.33 5.35
CA THR A 8 0.55 7.61 4.85
C THR A 8 0.02 6.45 4.01
N VAL A 9 -0.92 5.69 4.56
CA VAL A 9 -1.52 4.57 3.85
C VAL A 9 -3.04 4.60 3.98
N GLN A 10 -3.71 4.94 2.87
CA GLN A 10 -5.16 5.03 2.86
C GLN A 10 -5.76 4.40 1.62
N PHE A 11 -7.07 4.16 1.66
CA PHE A 11 -7.78 3.55 0.54
C PHE A 11 -8.77 4.55 -0.08
N ALA A 12 -8.99 4.42 -1.38
CA ALA A 12 -9.91 5.30 -2.10
C ALA A 12 -10.73 4.52 -3.13
N GLY A 13 -12.03 4.79 -3.18
CA GLY A 13 -12.89 4.11 -4.12
C GLY A 13 -13.51 2.86 -3.53
N GLY A 14 -13.04 1.70 -3.98
CA GLY A 14 -13.56 0.44 -3.48
C GLY A 14 -12.48 -0.44 -2.84
N CYS A 15 -11.45 0.19 -2.27
CA CYS A 15 -10.36 -0.54 -1.65
C CYS A 15 -10.43 -0.48 -0.11
N GLU A 16 -11.15 0.51 0.42
CA GLU A 16 -11.31 0.66 1.87
C GLU A 16 -11.92 -0.61 2.48
N LEU A 17 -12.75 -1.30 1.70
CA LEU A 17 -13.39 -2.53 2.15
C LEU A 17 -12.39 -3.68 2.29
N LEU A 18 -11.13 -3.46 1.91
CA LEU A 18 -10.10 -4.49 2.01
C LEU A 18 -9.59 -4.67 3.44
N PHE A 19 -10.24 -4.01 4.41
CA PHE A 19 -9.84 -4.11 5.82
C PHE A 19 -11.05 -3.93 6.71
N ALA A 20 -11.63 -2.74 6.67
CA ALA A 20 -12.81 -2.44 7.47
C ALA A 20 -13.39 -1.07 7.10
N LYS A 21 -13.37 -0.76 5.79
CA LYS A 21 -13.89 0.51 5.28
C LYS A 21 -13.26 1.68 6.03
N GLN A 22 -11.98 1.53 6.38
CA GLN A 22 -11.24 2.57 7.09
C GLN A 22 -10.84 3.70 6.15
N THR A 23 -10.11 4.68 6.68
CA THR A 23 -9.67 5.82 5.88
C THR A 23 -8.16 5.77 5.65
N SER A 24 -7.37 6.13 6.66
CA SER A 24 -5.92 6.13 6.55
C SER A 24 -5.27 5.53 7.80
N LEU A 25 -3.99 5.15 7.67
CA LEU A 25 -3.24 4.56 8.78
C LEU A 25 -1.81 5.10 8.81
N GLN A 26 -1.19 5.07 9.99
CA GLN A 26 0.18 5.56 10.15
C GLN A 26 1.04 4.56 10.91
N LEU A 27 2.19 4.21 10.34
CA LEU A 27 3.11 3.25 10.97
C LEU A 27 4.29 3.97 11.62
N ASP A 28 4.64 3.54 12.82
CA ASP A 28 5.76 4.13 13.56
C ASP A 28 6.71 3.05 14.07
N GLY A 29 7.99 3.21 13.74
CA GLY A 29 8.99 2.24 14.18
C GLY A 29 8.77 0.86 13.58
N VAL A 30 8.55 0.80 12.27
CA VAL A 30 8.33 -0.47 11.59
C VAL A 30 9.36 -0.69 10.48
N VAL A 31 10.62 -0.37 10.80
CA VAL A 31 11.71 -0.53 9.83
C VAL A 31 11.44 0.25 8.54
N PRO A 32 11.39 1.59 8.62
CA PRO A 32 11.14 2.45 7.46
C PRO A 32 12.32 2.51 6.49
N THR A 33 13.49 2.01 6.92
CA THR A 33 14.68 2.02 6.08
C THR A 33 14.87 0.68 5.37
N GLY A 34 14.96 -0.40 6.16
CA GLY A 34 15.16 -1.72 5.60
C GLY A 34 13.87 -2.42 5.19
N THR A 35 13.01 -1.70 4.46
CA THR A 35 11.74 -2.27 4.00
C THR A 35 11.30 -1.63 2.69
N ASN A 36 10.82 -2.45 1.75
CA ASN A 36 10.37 -1.96 0.44
C ASN A 36 8.86 -2.12 0.30
N LEU A 37 8.34 -1.80 -0.88
CA LEU A 37 6.91 -1.90 -1.14
C LEU A 37 6.39 -3.31 -0.90
N ASN A 38 7.05 -4.31 -1.47
CA ASN A 38 6.61 -5.70 -1.29
C ASN A 38 6.58 -6.05 0.21
N GLY A 39 7.49 -5.44 0.97
CA GLY A 39 7.52 -5.65 2.40
C GLY A 39 6.46 -4.84 3.11
N LEU A 40 6.14 -3.65 2.57
CA LEU A 40 5.12 -2.79 3.15
C LEU A 40 3.76 -3.45 3.10
N VAL A 41 3.37 -3.93 1.92
CA VAL A 41 2.09 -4.61 1.73
C VAL A 41 1.97 -5.80 2.68
N GLN A 42 2.93 -6.72 2.60
CA GLN A 42 2.94 -7.91 3.45
C GLN A 42 2.79 -7.53 4.94
N LEU A 43 3.27 -6.34 5.31
CA LEU A 43 3.19 -5.86 6.69
C LEU A 43 1.78 -5.40 7.04
N LEU A 44 1.01 -4.93 6.05
CA LEU A 44 -0.34 -4.45 6.31
C LEU A 44 -1.40 -5.52 6.03
N LYS A 45 -1.19 -6.36 5.01
CA LYS A 45 -2.16 -7.40 4.68
C LYS A 45 -1.92 -8.68 5.49
N THR A 46 -0.75 -9.29 5.33
CA THR A 46 -0.44 -10.53 6.06
C THR A 46 -0.51 -10.32 7.57
N ASN A 47 -0.36 -9.06 8.01
CA ASN A 47 -0.41 -8.75 9.43
C ASN A 47 -1.81 -8.25 9.84
N TYR A 48 -2.44 -7.45 8.98
CA TYR A 48 -3.77 -6.91 9.28
C TYR A 48 -4.60 -6.68 8.00
N VAL A 49 -4.83 -7.75 7.23
CA VAL A 49 -5.61 -7.63 6.00
C VAL A 49 -7.10 -7.58 6.30
N LYS A 50 -7.57 -8.42 7.23
CA LYS A 50 -8.99 -8.47 7.59
C LYS A 50 -9.86 -8.88 6.40
N GLU A 51 -9.22 -9.39 5.35
CA GLU A 51 -9.93 -9.83 4.15
C GLU A 51 -9.14 -10.94 3.45
N ARG A 52 -9.41 -11.18 2.17
CA ARG A 52 -8.72 -12.21 1.42
C ARG A 52 -7.42 -11.64 0.82
N PRO A 53 -6.26 -12.04 1.34
CA PRO A 53 -4.97 -11.56 0.83
C PRO A 53 -4.76 -11.91 -0.65
N ASP A 54 -5.46 -12.94 -1.11
CA ASP A 54 -5.34 -13.37 -2.51
C ASP A 54 -6.35 -12.67 -3.42
N LEU A 55 -7.07 -11.68 -2.89
CA LEU A 55 -8.06 -10.95 -3.69
C LEU A 55 -7.44 -9.70 -4.33
N LEU A 56 -6.33 -9.23 -3.78
CA LEU A 56 -5.65 -8.05 -4.32
C LEU A 56 -4.37 -8.40 -5.07
N VAL A 57 -3.55 -9.27 -4.47
CA VAL A 57 -2.28 -9.67 -5.08
C VAL A 57 -2.48 -10.15 -6.51
N ASP A 58 -1.46 -9.94 -7.33
CA ASP A 58 -1.48 -10.37 -8.72
C ASP A 58 -1.53 -11.89 -8.83
N GLN A 59 -0.50 -12.55 -8.31
CA GLN A 59 -0.43 -14.00 -8.34
C GLN A 59 0.70 -14.51 -7.44
N THR A 60 1.86 -13.88 -7.53
CA THR A 60 3.02 -14.26 -6.73
C THR A 60 2.92 -13.71 -5.29
N GLY A 61 1.80 -13.06 -4.97
CA GLY A 61 1.62 -12.48 -3.64
C GLY A 61 2.67 -11.43 -3.32
N GLN A 62 3.26 -10.85 -4.37
CA GLN A 62 4.29 -9.82 -4.22
C GLN A 62 3.78 -8.48 -4.73
N THR A 63 3.07 -8.51 -5.86
CA THR A 63 2.51 -7.32 -6.48
C THR A 63 0.99 -7.33 -6.37
N LEU A 64 0.32 -6.45 -7.10
CA LEU A 64 -1.14 -6.38 -7.08
C LEU A 64 -1.73 -6.75 -8.43
N ARG A 65 -2.97 -7.22 -8.41
CA ARG A 65 -3.66 -7.62 -9.65
C ARG A 65 -4.15 -6.39 -10.42
N PRO A 66 -4.23 -6.50 -11.76
CA PRO A 66 -4.69 -5.41 -12.61
C PRO A 66 -6.05 -4.85 -12.17
N GLY A 67 -6.10 -3.53 -11.98
CA GLY A 67 -7.33 -2.89 -11.55
C GLY A 67 -7.09 -1.75 -10.58
N ILE A 68 -6.22 -1.98 -9.60
CA ILE A 68 -5.89 -0.97 -8.61
C ILE A 68 -4.73 -0.08 -9.08
N LEU A 69 -4.83 1.21 -8.77
CA LEU A 69 -3.79 2.17 -9.15
C LEU A 69 -2.96 2.58 -7.94
N VAL A 70 -1.79 1.97 -7.81
CA VAL A 70 -0.89 2.27 -6.69
C VAL A 70 -0.13 3.57 -6.94
N LEU A 71 -0.05 4.41 -5.91
CA LEU A 71 0.64 5.69 -6.01
C LEU A 71 1.68 5.83 -4.89
N VAL A 72 2.83 6.41 -5.24
CA VAL A 72 3.91 6.62 -4.27
C VAL A 72 4.29 8.10 -4.20
N ASN A 73 4.13 8.69 -3.02
CA ASN A 73 4.45 10.11 -2.80
C ASN A 73 3.68 11.00 -3.78
N SER A 74 2.48 10.58 -4.17
CA SER A 74 1.67 11.35 -5.11
C SER A 74 2.42 11.64 -6.41
N CYS A 75 3.25 10.68 -6.84
CA CYS A 75 4.02 10.82 -8.06
C CYS A 75 4.11 9.50 -8.82
N ASP A 76 3.00 8.75 -8.81
CA ASP A 76 2.92 7.47 -9.50
C ASP A 76 3.82 6.42 -8.85
N ALA A 77 3.28 5.22 -8.65
CA ALA A 77 4.02 4.13 -8.04
C ALA A 77 4.87 3.38 -9.07
N GLU A 78 4.48 3.48 -10.35
CA GLU A 78 5.20 2.80 -11.42
C GLU A 78 6.47 3.57 -11.78
N VAL A 79 6.41 4.89 -11.66
CA VAL A 79 7.56 5.73 -11.97
C VAL A 79 8.69 5.53 -10.96
N VAL A 80 8.32 5.47 -9.67
CA VAL A 80 9.31 5.28 -8.61
C VAL A 80 9.95 3.89 -8.66
N GLY A 81 9.17 2.90 -9.13
CA GLY A 81 9.69 1.54 -9.23
C GLY A 81 8.65 0.49 -8.88
N GLY A 82 7.42 0.67 -9.37
CA GLY A 82 6.36 -0.30 -9.10
C GLY A 82 6.28 -0.70 -7.63
N MET A 83 6.46 -1.99 -7.37
CA MET A 83 6.43 -2.52 -6.01
C MET A 83 7.84 -2.75 -5.47
N ASP A 84 8.81 -2.00 -5.99
CA ASP A 84 10.21 -2.12 -5.56
C ASP A 84 10.73 -0.81 -4.99
N TYR A 85 9.84 0.05 -4.52
CA TYR A 85 10.23 1.34 -3.95
C TYR A 85 10.41 1.24 -2.44
N VAL A 86 11.55 1.73 -1.95
CA VAL A 86 11.85 1.70 -0.53
C VAL A 86 11.34 2.96 0.17
N LEU A 87 10.84 2.80 1.39
CA LEU A 87 10.32 3.93 2.16
C LEU A 87 11.45 4.66 2.89
N ASN A 88 11.12 5.78 3.52
CA ASN A 88 12.10 6.58 4.26
C ASN A 88 11.56 6.99 5.63
N ASP A 89 10.54 7.85 5.62
CA ASP A 89 9.92 8.34 6.86
C ASP A 89 8.76 9.28 6.55
N GLY A 90 7.61 8.70 6.21
CA GLY A 90 6.43 9.49 5.89
C GLY A 90 6.02 9.37 4.43
N ASP A 91 6.16 8.18 3.87
CA ASP A 91 5.79 7.94 2.47
C ASP A 91 4.28 7.97 2.29
N THR A 92 3.83 7.88 1.03
CA THR A 92 2.41 7.89 0.73
C THR A 92 2.05 6.76 -0.25
N VAL A 93 1.23 5.83 0.22
CA VAL A 93 0.79 4.71 -0.61
C VAL A 93 -0.73 4.57 -0.59
N GLU A 94 -1.35 4.67 -1.77
CA GLU A 94 -2.80 4.56 -1.88
C GLU A 94 -3.19 3.48 -2.89
N PHE A 95 -4.31 2.81 -2.62
CA PHE A 95 -4.82 1.76 -3.50
C PHE A 95 -6.23 2.10 -3.98
N ILE A 96 -6.34 2.51 -5.24
CA ILE A 96 -7.63 2.87 -5.82
C ILE A 96 -7.99 1.95 -6.98
N SER A 97 -9.12 1.25 -6.85
CA SER A 97 -9.59 0.33 -7.88
C SER A 97 -10.45 1.05 -8.92
N THR A 98 -10.18 0.78 -10.19
CA THR A 98 -10.93 1.40 -11.29
C THR A 98 -11.28 0.38 -12.37
N LEU A 99 -10.27 -0.33 -12.87
CA LEU A 99 -10.48 -1.34 -13.91
C LEU A 99 -10.95 -2.67 -13.29
N HIS A 100 -12.25 -2.79 -13.09
CA HIS A 100 -12.83 -4.00 -12.52
C HIS A 100 -13.56 -4.82 -13.59
N GLY A 101 -12.79 -5.59 -14.35
CA GLY A 101 -13.36 -6.41 -15.40
C GLY A 101 -12.36 -7.40 -15.97
N GLY A 102 -12.88 -8.47 -16.59
CA GLY A 102 -12.00 -9.48 -17.17
C GLY A 102 -12.78 -10.64 -17.76
#